data_8I5G
#
_entry.id   8I5G
#
_cell.length_a   1.00
_cell.length_b   1.00
_cell.length_c   1.00
_cell.angle_alpha   90.00
_cell.angle_beta   90.00
_cell.angle_gamma   90.00
#
_symmetry.space_group_name_H-M   'P 1'
#
loop_
_entity.id
_entity.type
_entity.pdbx_description
1 polymer 'Sodium channel subunit beta-1'
2 polymer 'Sodium channel subunit beta-2'
3 polymer 'Sodium channel protein type 9 subunit alpha'
4 branched 2-acetamido-2-deoxy-beta-D-glucopyranose-(1-4)-2-acetamido-2-deoxy-beta-D-glucopyranose
5 non-polymer 2-acetamido-2-deoxy-beta-D-glucopyranose
6 non-polymer 'CHOLESTEROL HEMISUCCINATE'
7 non-polymer (3beta,14beta,17beta,25R)-3-[4-methoxy-3-(methoxymethyl)butoxy]spirost-5-en
8 non-polymer PF-05089771
9 non-polymer 'SODIUM ION'
10 non-polymer 1-O-OCTADECYL-SN-GLYCERO-3-PHOSPHOCHOLINE
11 non-polymer 1,2-DIOLEOYL-SN-GLYCERO-3-PHOSPHOCHOLINE
12 water water
#
loop_
_entity_poly.entity_id
_entity_poly.type
_entity_poly.pdbx_seq_one_letter_code
_entity_poly.pdbx_strand_id
1 'polypeptide(L)'
;MGRLLALVVGAALVSSACGGCVEVDSETEAVYGMTFKILCISCKRRSETNAETFTEWTFRQKGTEEFVKILRYENEVLQL
EEDERFEGRVVWNGSRGTKDLQDLSIFITNVTYNHSGDYECHVYRLLFFENYEHNTSVVKKIHIEVVDKANRDMASIVSE
IMMYVLIVVLTIWLVAEMIYCYKKIAAATETA
;
B
2 'polypeptide(L)'
;MHRDAWLPRPAFSLTGLSLFFSLVPPGRSMEVTVPATLNVLNGSDARLPCTFNSCYTVNHKQFSLNWTYQECNNCSEEMF
LQFRMKIINLKLERFQDRVEFSGNPSKYDVSVMLRNVQPEDEGIYNCYIMNPPDRHRGHGKIHLQVLMEEPPERDSTVAV
IVGASVGGFLAVVILVLMVVKCVRRKKEQKLSTDDLKTEEEGKTDGEGNPDDGAK
;
C
3 'polypeptide(L)'
;MAMLPPPGPQSFVHFTKQSLALIEQRIAERKSKEPKEEKKDDDEEAPKPSSDLEAGKQLPFIYGDIPPGMVSEPLEDLDP
YYADKKTFIVLNKGKTIFRFNATPALYMLSPFSPLRRISIKILVHSLFSMLIMCTILTNCIFMTMNNPPDWTKNVEYTFT
GIYTFESLVKILARGFCVGEFTFLRDPWNWLDFVVIVFAYLTEFVNLGNVSALRTFRVLRALKTISVIPGLKTIVGALIQ
SVKKLSDVMILTVFCLSVFALIGLQLFMGNLKHKCFRNSLENNETLESIMNTLESEEDFRKYFYYLEGSKDALLCGFSTD
SGQCPEGYTCVKIGRNPDYGYTSFDTFSWAFLALFRLMTQDYWENLYQQTLRAAGKTYMIFFVVVIFLGSFYLINLILAV
VAMAYEEQNQANIEEAKQKELEFQQMLDRLKKEQEEAEAIAAAAAEYTSIRRSRIMGLSESSSETSKLSSKSAKERRNRR
KKKNQKKLSSGEEKGDAEKLSKSESEDSIRRKSFHLGVEGHRRAHEKRLSTPNQSPLSIRGSLFSARRSSRTSLFSFKGR
GRDIGSETEFADDEHSIFGDNESRRGSLFVPHRPQERRSSNISQASRSPPMLPVNGKMHSAVDCNGVVSLVDGRSALMLP
NGQLLPEVIIDKATSDDSGTTNQIHKKRRCSSYLLSEDMLNDPNLRQRAMSRASILTNTVEELEESRQKCPPWWYRFAHK
FLIWNCSPYWIKFKKCIYFIVMDPFVDLAITICIVLNTLFMAMEHHPMTEEFKNVLAIGNLVFTGIFAAEMVLKLIAMDP
YEYFQVGWNIFDSLIVTLSLVELFLADVEGLSVLRSFRLLRVFKLAKSWPTLNMLIKIIGNSVGALGNLTLVLAIIVFIF
AVVGMQLFGKSYKECVCKINDDCTLPRWHMNDFFHSFLIVFRVLCGEWIETMWDCMEVAGQAMCLIVYMMVMVIGNLVVL
NLFLALLLSSFSSDNLTAIEEDPDANNLQIAVTRIKKGINYVKQTLREFILKAFSKKPKISREIRQAEDLNTKKENYISN
HTLAEMSKGHNFLKEKDKISGFGSSVDKHLMEDSDGQSFIHNPSLTVTVPIAPGESDLENMNAEELSSDSDSEYSKVRLN
RSSSSECSTVDNPLPGEGEEAEAEPMNSDEPEACFTDGCVWRFSCCQVNIESGKGKIWWNIRKTCYKIVEHSWFESFIVL
MILLSSGALAFEDIYIERKKTIKIILEYADKIFTYIFILEMLLKWIAYGYKTYFTNAWCWLDFLIVDVSLVTLVANTLGY
SDLGPIKSLRTLRALRPLRALSRFEGMRVVVNALIGAIPSIMNVLLVCLIFWLIFSIMGVNLFAGKFYECINTTDGSRFP
ASQVPNRSECFALMNVSQNVRWKNLKVNFDNVGLGYLSLLQVATFKGWTIIMYAAVDSVNVDKQPKYEYSLYMYIYFVVF
IIFGSFFTLNLFIGVIIDNFNQQKKKLGGQDIFMTEEQKKYYNAMKKLGSKKPQKPIPRPGNKIQGCIFDLVTNQAFDIS
IMVLICLNMVTMMVEKEGQSQHMTEVLYWINVVFIILFTGECVLKLISLRHYYFTVGWNIFDFVVVIISIVGMFLADLIE
TYFVSPTLFRVIRLARIGRILRLVKGAKGIRTLLFALMMSLPALFNIGLLLFLVMFIYAIFGMSNFAYVKKEDGINDMFN
FETFGNSMICLFQITTSAGWDGLLAPILNSKPPDCDPKKVHPGSSVEGDCGNPSVGIFYFVSYIIISFLVVVNMYIAVIL
ENFSVATEESTEPLSEDDFEMFYEVWEKFDPDATQFIEFSKLSDFAAALDPPLLIAKPNKVQLIAMDLPMVSGDRIHCLD
ILFAFTKRVLGESGEMDSLRSQMEERFMSANPSKVSYEPITTTLKRKQEDVSATVIQRAYRRYRLRQNVKNISSIYIKDG
DRDDDLLNKKDMAFDNVNENSSPEKTDATSSTTSPPSYDSVTKPDKEKYEQDRTEKEDKGKDSKESKK
;
A
#
# COMPACT_ATOMS: atom_id res chain seq x y z
N GLY A 20 -6.10 18.22 -23.92
CA GLY A 20 -4.80 18.66 -24.39
C GLY A 20 -4.81 19.10 -25.83
N CYS A 21 -4.93 18.13 -26.74
CA CYS A 21 -5.00 18.40 -28.17
C CYS A 21 -5.93 17.39 -28.82
N VAL A 22 -7.00 17.89 -29.44
CA VAL A 22 -8.01 17.05 -30.08
C VAL A 22 -8.09 17.44 -31.54
N GLU A 23 -8.01 16.45 -32.43
CA GLU A 23 -8.04 16.69 -33.86
C GLU A 23 -9.50 16.77 -34.30
N VAL A 24 -9.98 17.99 -34.56
CA VAL A 24 -11.36 18.23 -34.96
C VAL A 24 -11.38 18.63 -36.43
N ASP A 25 -12.26 18.01 -37.21
CA ASP A 25 -12.34 18.31 -38.62
C ASP A 25 -13.03 19.65 -38.86
N SER A 26 -12.68 20.27 -39.98
CA SER A 26 -13.21 21.57 -40.34
C SER A 26 -14.65 21.46 -40.85
N GLU A 27 -15.40 22.55 -40.68
CA GLU A 27 -16.71 22.67 -41.30
C GLU A 27 -16.55 22.79 -42.81
N THR A 28 -17.44 22.13 -43.54
CA THR A 28 -17.33 22.04 -45.00
C THR A 28 -18.22 23.03 -45.73
N GLU A 29 -18.87 23.94 -45.02
CA GLU A 29 -19.80 24.88 -45.65
C GLU A 29 -19.54 26.29 -45.16
N ALA A 30 -19.31 27.21 -46.09
CA ALA A 30 -19.13 28.62 -45.80
C ALA A 30 -20.21 29.41 -46.52
N VAL A 31 -20.63 30.53 -45.94
CA VAL A 31 -21.69 31.37 -46.49
C VAL A 31 -21.05 32.64 -47.05
N TYR A 32 -21.60 33.11 -48.17
CA TYR A 32 -21.00 34.22 -48.90
C TYR A 32 -21.12 35.52 -48.11
N GLY A 33 -20.02 36.28 -48.08
CA GLY A 33 -20.00 37.61 -47.51
C GLY A 33 -19.60 37.70 -46.06
N MET A 34 -19.69 36.61 -45.31
CA MET A 34 -19.34 36.58 -43.91
C MET A 34 -17.98 35.91 -43.73
N THR A 35 -17.61 35.68 -42.47
CA THR A 35 -16.30 35.12 -42.14
C THR A 35 -16.38 33.59 -42.01
N PHE A 36 -15.23 32.94 -42.19
CA PHE A 36 -15.14 31.49 -42.10
C PHE A 36 -13.76 31.10 -41.62
N LYS A 37 -13.71 30.08 -40.76
CA LYS A 37 -12.46 29.55 -40.22
C LYS A 37 -12.27 28.12 -40.75
N ILE A 38 -11.13 27.88 -41.40
CA ILE A 38 -10.80 26.53 -41.85
C ILE A 38 -9.94 25.86 -40.79
N LEU A 39 -10.37 24.71 -40.30
CA LEU A 39 -9.74 24.03 -39.18
C LEU A 39 -8.73 23.02 -39.68
N CYS A 40 -7.51 23.09 -39.15
CA CYS A 40 -6.47 22.10 -39.40
C CYS A 40 -5.70 21.89 -38.10
N ILE A 41 -5.97 20.75 -37.44
CA ILE A 41 -5.34 20.42 -36.17
C ILE A 41 -4.49 19.18 -36.38
N SER A 42 -3.20 19.27 -36.04
CA SER A 42 -2.27 18.17 -36.15
C SER A 42 -1.57 17.99 -34.81
N CYS A 43 -2.07 17.08 -34.00
CA CYS A 43 -1.51 16.80 -32.68
C CYS A 43 -0.38 15.80 -32.81
N LYS A 44 0.76 16.11 -32.21
CA LYS A 44 1.86 15.16 -32.18
C LYS A 44 1.51 13.99 -31.29
N ARG A 45 2.11 12.83 -31.58
CA ARG A 45 1.68 11.58 -30.95
C ARG A 45 1.93 11.57 -29.45
N ARG A 46 3.00 12.20 -28.98
CA ARG A 46 3.24 12.36 -27.54
C ARG A 46 3.36 13.84 -27.24
N SER A 47 2.64 14.30 -26.21
CA SER A 47 2.55 15.73 -25.95
C SER A 47 3.83 16.27 -25.32
N GLU A 48 4.59 15.42 -24.64
CA GLU A 48 5.78 15.90 -23.94
C GLU A 48 6.96 16.11 -24.86
N THR A 49 6.87 15.68 -26.12
CA THR A 49 7.97 15.87 -27.05
C THR A 49 8.05 17.33 -27.50
N ASN A 50 9.25 17.73 -27.92
CA ASN A 50 9.51 19.09 -28.36
C ASN A 50 9.75 19.10 -29.87
N ALA A 51 9.05 19.97 -30.58
CA ALA A 51 9.10 20.01 -32.03
C ALA A 51 9.09 21.44 -32.54
N GLU A 52 9.54 21.60 -33.78
CA GLU A 52 9.48 22.87 -34.50
C GLU A 52 8.67 22.64 -35.77
N THR A 53 7.52 23.30 -35.86
CA THR A 53 6.55 23.03 -36.90
C THR A 53 6.31 24.26 -37.76
N PHE A 54 6.18 24.03 -39.07
CA PHE A 54 5.70 25.04 -40.00
C PHE A 54 4.73 24.37 -40.97
N THR A 55 3.81 25.17 -41.50
CA THR A 55 2.72 24.64 -42.31
C THR A 55 2.68 25.33 -43.67
N GLU A 56 2.09 24.63 -44.64
CA GLU A 56 1.85 25.16 -45.97
C GLU A 56 0.44 24.77 -46.40
N TRP A 57 -0.26 25.70 -47.04
CA TRP A 57 -1.63 25.49 -47.49
C TRP A 57 -1.67 25.59 -49.01
N THR A 58 -2.32 24.61 -49.64
CA THR A 58 -2.57 24.63 -51.08
C THR A 58 -4.06 24.52 -51.32
N PHE A 59 -4.53 25.13 -52.40
CA PHE A 59 -5.95 25.23 -52.69
C PHE A 59 -6.20 24.96 -54.17
N ARG A 60 -7.15 24.08 -54.46
CA ARG A 60 -7.57 23.76 -55.82
C ARG A 60 -9.04 24.12 -55.96
N GLN A 61 -9.32 25.14 -56.75
CA GLN A 61 -10.68 25.63 -56.90
C GLN A 61 -11.53 24.67 -57.72
N LYS A 62 -12.85 24.81 -57.59
CA LYS A 62 -13.77 24.01 -58.38
C LYS A 62 -13.59 24.29 -59.87
N GLY A 63 -13.62 23.23 -60.67
CA GLY A 63 -13.38 23.37 -62.08
C GLY A 63 -11.92 23.46 -62.46
N THR A 64 -11.01 23.33 -61.48
CA THR A 64 -9.58 23.36 -61.72
C THR A 64 -8.96 22.09 -61.15
N GLU A 65 -7.78 21.73 -61.64
CA GLU A 65 -7.16 20.47 -61.31
C GLU A 65 -5.89 20.61 -60.47
N GLU A 66 -5.17 21.72 -60.61
CA GLU A 66 -3.86 21.90 -60.01
C GLU A 66 -4.00 22.60 -58.66
N PHE A 67 -3.37 22.01 -57.64
CA PHE A 67 -3.29 22.63 -56.31
C PHE A 67 -2.23 23.72 -56.34
N VAL A 68 -2.61 24.94 -56.00
CA VAL A 68 -1.68 26.06 -55.94
C VAL A 68 -1.47 26.46 -54.48
N LYS A 69 -0.24 26.83 -54.16
CA LYS A 69 0.07 27.25 -52.80
C LYS A 69 -0.49 28.64 -52.54
N ILE A 70 -1.14 28.82 -51.39
CA ILE A 70 -1.76 30.10 -51.05
C ILE A 70 -1.10 30.77 -49.85
N LEU A 71 -0.51 30.01 -48.93
CA LEU A 71 0.12 30.62 -47.77
C LEU A 71 1.14 29.65 -47.18
N ARG A 72 2.03 30.20 -46.36
CA ARG A 72 3.03 29.42 -45.63
C ARG A 72 3.32 30.14 -44.32
N TYR A 73 3.11 29.44 -43.20
CA TYR A 73 3.29 30.02 -41.88
C TYR A 73 4.52 29.39 -41.23
N GLU A 74 5.46 30.23 -40.81
CA GLU A 74 6.67 29.76 -40.18
C GLU A 74 7.29 30.90 -39.37
N ASN A 75 7.74 30.56 -38.16
CA ASN A 75 8.43 31.50 -37.27
C ASN A 75 7.56 32.71 -36.94
N GLU A 76 6.31 32.44 -36.58
CA GLU A 76 5.39 33.43 -36.02
C GLU A 76 5.04 34.53 -37.03
N VAL A 77 5.31 34.26 -38.30
CA VAL A 77 4.98 35.19 -39.37
C VAL A 77 4.27 34.43 -40.46
N LEU A 78 3.27 35.08 -41.07
CA LEU A 78 2.49 34.47 -42.14
C LEU A 78 2.90 35.06 -43.49
N GLN A 79 3.30 34.19 -44.41
CA GLN A 79 3.66 34.58 -45.76
C GLN A 79 2.51 34.17 -46.69
N LEU A 80 1.86 35.17 -47.28
CA LEU A 80 0.74 34.94 -48.19
C LEU A 80 1.21 35.08 -49.63
N GLU A 81 0.87 34.09 -50.45
CA GLU A 81 1.23 34.12 -51.86
C GLU A 81 0.42 35.19 -52.59
N GLU A 82 0.99 35.67 -53.70
CA GLU A 82 0.35 36.71 -54.50
C GLU A 82 -0.80 36.10 -55.28
N ASP A 83 -1.91 35.89 -54.59
CA ASP A 83 -3.12 35.35 -55.19
C ASP A 83 -4.26 36.34 -55.00
N GLU A 84 -4.98 36.63 -56.09
CA GLU A 84 -6.05 37.61 -56.03
C GLU A 84 -7.20 37.13 -55.16
N ARG A 85 -7.50 35.83 -55.20
CA ARG A 85 -8.64 35.29 -54.45
C ARG A 85 -8.40 35.27 -52.96
N PHE A 86 -7.17 35.50 -52.50
CA PHE A 86 -6.86 35.44 -51.08
C PHE A 86 -6.08 36.65 -50.56
N GLU A 87 -5.80 37.64 -51.40
CA GLU A 87 -5.04 38.80 -50.95
C GLU A 87 -5.87 39.68 -50.05
N GLY A 88 -5.38 39.91 -48.83
CA GLY A 88 -6.09 40.72 -47.87
C GLY A 88 -7.32 40.07 -47.27
N ARG A 89 -7.47 38.76 -47.39
CA ARG A 89 -8.67 38.06 -46.96
C ARG A 89 -8.40 36.91 -46.01
N VAL A 90 -7.14 36.60 -45.73
CA VAL A 90 -6.77 35.46 -44.90
C VAL A 90 -5.91 35.96 -43.74
N VAL A 91 -6.24 35.53 -42.53
CA VAL A 91 -5.44 35.79 -41.34
C VAL A 91 -5.20 34.48 -40.61
N TRP A 92 -4.17 34.47 -39.76
CA TRP A 92 -3.77 33.26 -39.05
C TRP A 92 -4.70 33.02 -37.87
N ASN A 93 -5.10 31.78 -37.68
CA ASN A 93 -5.99 31.38 -36.59
C ASN A 93 -5.49 30.15 -35.84
N GLY A 94 -4.21 29.83 -35.94
CA GLY A 94 -3.65 28.65 -35.32
C GLY A 94 -2.95 28.94 -34.01
N SER A 95 -2.01 28.07 -33.66
CA SER A 95 -1.24 28.24 -32.43
C SER A 95 -0.36 29.48 -32.50
N ARG A 96 -0.25 30.18 -31.37
CA ARG A 96 0.48 31.44 -31.30
C ARG A 96 1.52 31.38 -30.21
N GLY A 97 2.62 32.09 -30.40
CA GLY A 97 3.65 32.20 -29.39
C GLY A 97 4.59 31.03 -29.28
N THR A 98 4.60 30.11 -30.25
CA THR A 98 5.46 28.94 -30.21
C THR A 98 5.90 28.57 -31.62
N LYS A 99 6.99 27.82 -31.68
CA LYS A 99 7.37 27.11 -32.90
C LYS A 99 6.78 25.70 -32.95
N ASP A 100 6.15 25.25 -31.86
CA ASP A 100 5.56 23.92 -31.76
C ASP A 100 4.06 24.06 -32.01
N LEU A 101 3.71 24.21 -33.29
CA LEU A 101 2.33 24.42 -33.69
C LEU A 101 1.60 23.10 -33.78
N GLN A 102 0.48 22.99 -33.07
CA GLN A 102 -0.44 21.87 -33.22
C GLN A 102 -1.75 22.29 -33.86
N ASP A 103 -2.02 23.59 -33.95
CA ASP A 103 -3.20 24.11 -34.63
C ASP A 103 -2.72 24.94 -35.81
N LEU A 104 -3.16 24.57 -37.01
CA LEU A 104 -2.73 25.23 -38.24
C LEU A 104 -3.91 25.88 -38.96
N SER A 105 -4.91 26.32 -38.20
CA SER A 105 -6.13 26.85 -38.78
C SER A 105 -5.88 28.21 -39.42
N ILE A 106 -6.67 28.53 -40.44
CA ILE A 106 -6.67 29.84 -41.07
C ILE A 106 -8.07 30.42 -40.98
N PHE A 107 -8.18 31.72 -41.24
CA PHE A 107 -9.44 32.43 -41.09
C PHE A 107 -9.68 33.30 -42.32
N ILE A 108 -10.88 33.18 -42.89
CA ILE A 108 -11.27 33.95 -44.06
C ILE A 108 -12.19 35.08 -43.60
N THR A 109 -11.88 36.31 -44.01
CA THR A 109 -12.65 37.46 -43.56
C THR A 109 -13.83 37.76 -44.48
N ASN A 110 -13.67 37.56 -45.79
CA ASN A 110 -14.70 37.90 -46.77
C ASN A 110 -14.84 36.71 -47.71
N VAL A 111 -15.75 35.79 -47.40
CA VAL A 111 -15.92 34.59 -48.21
C VAL A 111 -16.56 34.96 -49.54
N THR A 112 -15.91 34.57 -50.63
CA THR A 112 -16.44 34.73 -51.98
C THR A 112 -16.62 33.36 -52.62
N TYR A 113 -17.19 33.35 -53.83
CA TYR A 113 -17.40 32.10 -54.53
C TYR A 113 -16.11 31.48 -55.06
N ASN A 114 -15.01 32.22 -55.05
CA ASN A 114 -13.72 31.69 -55.49
C ASN A 114 -13.03 30.84 -54.45
N HIS A 115 -13.54 30.83 -53.21
CA HIS A 115 -12.96 30.02 -52.14
C HIS A 115 -13.57 28.63 -52.08
N SER A 116 -14.55 28.33 -52.94
CA SER A 116 -15.11 26.99 -53.01
C SER A 116 -14.13 26.07 -53.73
N GLY A 117 -13.89 24.91 -53.15
CA GLY A 117 -12.96 23.94 -53.69
C GLY A 117 -12.37 23.10 -52.59
N ASP A 118 -11.18 22.55 -52.86
CA ASP A 118 -10.48 21.66 -51.95
C ASP A 118 -9.22 22.33 -51.42
N TYR A 119 -8.97 22.14 -50.13
CA TYR A 119 -7.79 22.68 -49.47
C TYR A 119 -6.93 21.55 -48.94
N GLU A 120 -5.62 21.73 -48.97
CA GLU A 120 -4.67 20.80 -48.39
C GLU A 120 -3.84 21.53 -47.35
N CYS A 121 -3.72 20.94 -46.16
CA CYS A 121 -2.99 21.55 -45.05
C CYS A 121 -1.76 20.69 -44.78
N HIS A 122 -0.62 21.09 -45.34
CA HIS A 122 0.63 20.35 -45.20
C HIS A 122 1.31 20.78 -43.91
N VAL A 123 1.57 19.82 -43.04
CA VAL A 123 2.22 20.06 -41.75
C VAL A 123 3.61 19.41 -41.79
N TYR A 124 4.64 20.22 -41.59
CA TYR A 124 6.02 19.75 -41.58
C TYR A 124 6.57 19.94 -40.17
N ARG A 125 6.64 18.85 -39.41
CA ARG A 125 7.02 18.89 -38.01
C ARG A 125 8.39 18.24 -37.83
N LEU A 126 9.30 18.95 -37.16
CA LEU A 126 10.64 18.44 -36.87
C LEU A 126 10.74 18.20 -35.37
N LEU A 127 10.85 16.94 -34.98
CA LEU A 127 10.90 16.56 -33.58
C LEU A 127 12.34 16.42 -33.10
N PHE A 128 12.59 16.89 -31.87
CA PHE A 128 13.92 16.88 -31.28
C PHE A 128 13.95 15.84 -30.17
N PHE A 129 14.76 14.81 -30.35
CA PHE A 129 14.95 13.78 -29.34
C PHE A 129 16.41 13.79 -28.88
N GLU A 130 16.77 12.85 -28.02
CA GLU A 130 18.13 12.71 -27.52
C GLU A 130 18.99 12.12 -28.64
N ASN A 131 19.86 12.96 -29.22
CA ASN A 131 20.72 12.58 -30.33
C ASN A 131 19.94 12.02 -31.52
N TYR A 132 18.76 12.58 -31.80
CA TYR A 132 17.89 12.05 -32.83
C TYR A 132 16.92 13.14 -33.27
N GLU A 133 16.95 13.48 -34.55
CA GLU A 133 16.04 14.45 -35.14
C GLU A 133 15.19 13.75 -36.19
N HIS A 134 13.87 13.83 -36.05
CA HIS A 134 12.94 13.19 -36.96
C HIS A 134 12.16 14.25 -37.72
N ASN A 135 12.22 14.20 -39.04
CA ASN A 135 11.48 15.09 -39.91
C ASN A 135 10.28 14.35 -40.48
N THR A 136 9.08 14.66 -40.00
CA THR A 136 7.87 14.00 -40.46
C THR A 136 6.99 15.01 -41.18
N SER A 137 5.87 14.51 -41.71
CA SER A 137 4.95 15.35 -42.47
C SER A 137 3.55 14.78 -42.39
N VAL A 138 2.56 15.67 -42.32
CA VAL A 138 1.14 15.29 -42.29
C VAL A 138 0.41 16.14 -43.32
N VAL A 139 -0.59 15.54 -43.96
CA VAL A 139 -1.41 16.24 -44.95
C VAL A 139 -2.88 16.04 -44.56
N LYS A 140 -3.62 17.14 -44.49
CA LYS A 140 -5.06 17.11 -44.24
C LYS A 140 -5.79 17.79 -45.38
N LYS A 141 -6.89 17.18 -45.82
CA LYS A 141 -7.66 17.65 -46.96
C LYS A 141 -9.02 18.14 -46.49
N ILE A 142 -9.38 19.36 -46.88
CA ILE A 142 -10.64 19.98 -46.49
C ILE A 142 -11.38 20.40 -47.76
N HIS A 143 -12.65 20.04 -47.84
CA HIS A 143 -13.51 20.43 -48.96
C HIS A 143 -14.47 21.52 -48.48
N ILE A 144 -14.46 22.65 -49.18
CA ILE A 144 -15.24 23.83 -48.79
C ILE A 144 -16.19 24.17 -49.92
N GLU A 145 -17.47 24.33 -49.58
CA GLU A 145 -18.49 24.78 -50.52
C GLU A 145 -19.05 26.12 -50.05
N VAL A 146 -19.03 27.12 -50.94
CA VAL A 146 -19.53 28.45 -50.62
C VAL A 146 -20.99 28.51 -51.06
N VAL A 147 -21.87 28.89 -50.13
CA VAL A 147 -23.30 28.92 -50.38
C VAL A 147 -23.84 30.30 -50.01
N ASP A 148 -25.06 30.58 -50.47
CA ASP A 148 -25.67 31.87 -50.21
C ASP A 148 -26.19 31.99 -48.78
N LYS A 149 -26.73 30.89 -48.24
CA LYS A 149 -27.32 30.91 -46.91
C LYS A 149 -26.90 29.65 -46.16
N ALA A 150 -26.88 29.74 -44.83
CA ALA A 150 -26.43 28.64 -43.99
C ALA A 150 -27.45 27.52 -43.94
N ASN A 151 -27.18 26.44 -44.66
CA ASN A 151 -28.06 25.27 -44.65
C ASN A 151 -28.00 24.58 -43.29
N ARG A 152 -29.16 24.44 -42.66
CA ARG A 152 -29.22 23.81 -41.35
C ARG A 152 -28.89 22.33 -41.44
N ASP A 153 -28.16 21.85 -40.43
CA ASP A 153 -27.69 20.47 -40.42
C ASP A 153 -28.86 19.50 -40.33
N MET A 154 -28.72 18.36 -41.00
CA MET A 154 -29.75 17.33 -40.96
C MET A 154 -29.91 16.75 -39.56
N ALA A 155 -28.80 16.63 -38.83
CA ALA A 155 -28.85 16.04 -37.49
C ALA A 155 -29.73 16.85 -36.56
N SER A 156 -29.57 18.18 -36.58
CA SER A 156 -30.36 19.03 -35.69
C SER A 156 -31.85 18.94 -36.01
N ILE A 157 -32.19 19.00 -37.30
CA ILE A 157 -33.60 18.94 -37.71
C ILE A 157 -34.21 17.61 -37.31
N VAL A 158 -33.51 16.51 -37.61
CA VAL A 158 -34.03 15.19 -37.31
C VAL A 158 -34.17 15.00 -35.81
N SER A 159 -33.18 15.42 -35.02
CA SER A 159 -33.25 15.29 -33.58
C SER A 159 -34.37 16.12 -32.98
N GLU A 160 -34.57 17.35 -33.46
CA GLU A 160 -35.65 18.19 -32.95
C GLU A 160 -37.01 17.57 -33.27
N ILE A 161 -37.20 17.09 -34.50
CA ILE A 161 -38.46 16.46 -34.86
C ILE A 161 -38.69 15.21 -34.03
N MET A 162 -37.65 14.40 -33.84
CA MET A 162 -37.79 13.19 -33.04
C MET A 162 -38.11 13.51 -31.58
N MET A 163 -37.50 14.56 -31.03
CA MET A 163 -37.81 14.97 -29.67
C MET A 163 -39.28 15.37 -29.55
N TYR A 164 -39.76 16.19 -30.47
CA TYR A 164 -41.16 16.61 -30.39
C TYR A 164 -42.12 15.43 -30.53
N VAL A 165 -41.86 14.52 -31.47
CA VAL A 165 -42.76 13.39 -31.65
C VAL A 165 -42.68 12.45 -30.45
N LEU A 166 -41.51 12.30 -29.85
CA LEU A 166 -41.39 11.45 -28.66
C LEU A 166 -42.18 12.04 -27.50
N ILE A 167 -42.07 13.35 -27.28
CA ILE A 167 -42.83 13.98 -26.21
C ILE A 167 -44.33 13.83 -26.45
N VAL A 168 -44.76 14.04 -27.70
CA VAL A 168 -46.18 13.93 -28.02
C VAL A 168 -46.67 12.50 -27.78
N VAL A 169 -45.91 11.51 -28.24
CA VAL A 169 -46.30 10.11 -28.08
C VAL A 169 -46.41 9.77 -26.60
N LEU A 170 -45.42 10.19 -25.81
CA LEU A 170 -45.46 9.91 -24.38
C LEU A 170 -46.67 10.54 -23.72
N THR A 171 -46.97 11.80 -24.05
CA THR A 171 -48.07 12.48 -23.39
C THR A 171 -49.42 11.87 -23.77
N ILE A 172 -49.60 11.48 -25.03
CA ILE A 172 -50.86 10.83 -25.41
C ILE A 172 -50.97 9.44 -24.77
N TRP A 173 -49.84 8.72 -24.66
CA TRP A 173 -49.88 7.43 -23.98
C TRP A 173 -50.30 7.60 -22.53
N LEU A 174 -49.69 8.56 -21.83
CA LEU A 174 -50.04 8.80 -20.44
C LEU A 174 -51.49 9.23 -20.30
N VAL A 175 -51.96 10.12 -21.18
CA VAL A 175 -53.33 10.62 -21.08
C VAL A 175 -54.33 9.49 -21.27
N ALA A 176 -54.08 8.65 -22.28
CA ALA A 176 -54.98 7.52 -22.52
C ALA A 176 -54.99 6.58 -21.31
N GLU A 177 -53.82 6.34 -20.71
CA GLU A 177 -53.78 5.44 -19.56
C GLU A 177 -54.52 6.04 -18.37
N MET A 178 -54.39 7.36 -18.14
CA MET A 178 -55.13 8.00 -17.06
C MET A 178 -56.63 7.91 -17.28
N ILE A 179 -57.09 8.14 -18.52
CA ILE A 179 -58.54 8.10 -18.76
C ILE A 179 -59.06 6.68 -18.58
N TYR A 180 -58.29 5.69 -19.02
CA TYR A 180 -58.70 4.29 -18.84
C TYR A 180 -58.82 3.95 -17.35
N CYS A 181 -57.79 4.31 -16.58
CA CYS A 181 -57.80 3.99 -15.15
C CYS A 181 -58.92 4.74 -14.44
N TYR A 182 -59.14 6.00 -14.81
CA TYR A 182 -60.21 6.79 -14.18
C TYR A 182 -61.57 6.18 -14.46
N LYS A 183 -61.83 5.77 -15.70
CA LYS A 183 -63.09 5.12 -16.00
C LYS A 183 -63.25 3.82 -15.22
N LYS A 184 -62.18 3.02 -15.14
CA LYS A 184 -62.27 1.76 -14.41
C LYS A 184 -62.57 1.98 -12.92
N ILE A 185 -61.86 2.92 -12.30
CA ILE A 185 -62.06 3.14 -10.86
C ILE A 185 -63.40 3.80 -10.58
N ALA A 186 -63.87 4.65 -11.51
CA ALA A 186 -65.21 5.23 -11.35
C ALA A 186 -66.28 4.15 -11.44
N ALA A 187 -66.12 3.21 -12.37
CA ALA A 187 -67.05 2.09 -12.47
C ALA A 187 -67.01 1.24 -11.20
N ALA A 188 -65.81 1.01 -10.66
CA ALA A 188 -65.69 0.24 -9.42
C ALA A 188 -66.37 0.96 -8.27
N THR A 189 -66.21 2.27 -8.17
CA THR A 189 -66.88 3.04 -7.12
C THR A 189 -68.40 2.97 -7.27
N GLU A 190 -68.89 3.10 -8.51
CA GLU A 190 -70.33 3.01 -8.74
C GLU A 190 -70.86 1.63 -8.38
N THR A 191 -70.05 0.59 -8.61
CA THR A 191 -70.45 -0.76 -8.24
C THR A 191 -70.65 -0.89 -6.73
N ALA A 192 -69.76 -0.30 -5.95
CA ALA A 192 -69.87 -0.33 -4.49
C ALA A 192 -70.88 0.70 -4.00
N MET B 30 39.43 -0.94 -1.60
CA MET B 30 39.41 -2.24 -2.26
C MET B 30 40.28 -3.25 -1.51
N GLU B 31 39.79 -4.48 -1.38
CA GLU B 31 40.55 -5.54 -0.76
C GLU B 31 41.45 -6.20 -1.80
N VAL B 32 42.76 -6.16 -1.58
CA VAL B 32 43.74 -6.71 -2.50
C VAL B 32 44.46 -7.86 -1.79
N THR B 33 44.42 -9.04 -2.38
CA THR B 33 45.01 -10.24 -1.80
C THR B 33 46.35 -10.52 -2.47
N VAL B 34 47.43 -10.24 -1.74
CA VAL B 34 48.78 -10.52 -2.22
C VAL B 34 49.60 -11.15 -1.11
N PRO B 35 50.57 -11.99 -1.46
CA PRO B 35 51.49 -12.51 -0.45
C PRO B 35 52.51 -11.45 -0.05
N ALA B 36 52.66 -11.24 1.25
CA ALA B 36 53.60 -10.22 1.73
C ALA B 36 55.03 -10.57 1.36
N THR B 37 55.41 -11.84 1.50
CA THR B 37 56.75 -12.30 1.17
C THR B 37 56.65 -13.50 0.25
N LEU B 38 57.38 -13.45 -0.87
CA LEU B 38 57.39 -14.52 -1.85
C LEU B 38 58.83 -14.97 -2.08
N ASN B 39 59.12 -16.22 -1.71
CA ASN B 39 60.45 -16.80 -1.89
C ASN B 39 60.40 -17.78 -3.05
N VAL B 40 61.20 -17.51 -4.07
CA VAL B 40 61.20 -18.28 -5.31
C VAL B 40 62.63 -18.67 -5.65
N LEU B 41 62.83 -19.92 -6.04
CA LEU B 41 64.17 -20.42 -6.37
C LEU B 41 64.71 -19.73 -7.61
N ASN B 42 66.04 -19.58 -7.66
CA ASN B 42 66.69 -19.00 -8.82
C ASN B 42 66.55 -19.92 -10.02
N GLY B 43 66.17 -19.33 -11.16
CA GLY B 43 65.97 -20.09 -12.38
C GLY B 43 64.58 -20.65 -12.56
N SER B 44 63.76 -20.67 -11.51
CA SER B 44 62.40 -21.18 -11.60
CA SER B 44 62.41 -21.18 -11.59
C SER B 44 61.43 -20.06 -11.94
N ASP B 45 60.17 -20.44 -12.13
CA ASP B 45 59.12 -19.50 -12.48
C ASP B 45 58.37 -19.04 -11.23
N ALA B 46 58.13 -17.73 -11.16
CA ALA B 46 57.45 -17.12 -10.02
C ALA B 46 56.11 -16.57 -10.49
N ARG B 47 55.03 -17.00 -9.83
CA ARG B 47 53.72 -16.42 -10.04
C ARG B 47 53.46 -15.42 -8.92
N LEU B 48 53.19 -14.17 -9.28
CA LEU B 48 52.92 -13.13 -8.30
C LEU B 48 51.41 -12.92 -8.17
N PRO B 49 50.77 -13.53 -7.19
CA PRO B 49 49.30 -13.46 -7.11
C PRO B 49 48.83 -12.10 -6.60
N CYS B 50 47.79 -11.59 -7.27
CA CYS B 50 47.16 -10.33 -6.86
C CYS B 50 45.70 -10.40 -7.31
N THR B 51 44.80 -10.53 -6.35
CA THR B 51 43.37 -10.58 -6.62
C THR B 51 42.66 -9.53 -5.79
N PHE B 52 41.57 -9.00 -6.34
CA PHE B 52 40.81 -7.94 -5.69
C PHE B 52 39.35 -8.33 -5.60
N ASN B 53 38.69 -7.90 -4.52
CA ASN B 53 37.28 -8.19 -4.29
C ASN B 53 36.49 -6.90 -4.50
N SER B 54 35.95 -6.76 -5.70
CA SER B 54 35.22 -5.57 -6.11
C SER B 54 33.76 -5.93 -6.37
N CYS B 55 32.86 -5.06 -5.92
CA CYS B 55 31.43 -5.29 -6.12
C CYS B 55 31.06 -5.29 -7.60
N TYR B 56 31.62 -4.35 -8.36
CA TYR B 56 31.12 -4.09 -9.71
C TYR B 56 31.81 -5.00 -10.72
N THR B 57 31.12 -5.26 -11.83
CA THR B 57 31.70 -6.05 -12.90
C THR B 57 32.87 -5.31 -13.54
N VAL B 58 33.93 -6.06 -13.85
CA VAL B 58 35.15 -5.47 -14.39
C VAL B 58 34.89 -5.12 -15.86
N ASN B 59 34.83 -3.83 -16.16
CA ASN B 59 34.65 -3.35 -17.53
C ASN B 59 36.04 -3.16 -18.14
N HIS B 60 36.35 -3.96 -19.18
CA HIS B 60 37.66 -3.88 -19.81
C HIS B 60 37.90 -2.53 -20.45
N LYS B 61 36.85 -1.84 -20.90
CA LYS B 61 36.98 -0.51 -21.49
C LYS B 61 37.33 0.55 -20.47
N GLN B 62 37.23 0.25 -19.17
CA GLN B 62 37.57 1.20 -18.12
C GLN B 62 38.44 0.63 -17.01
N PHE B 63 38.72 -0.68 -17.01
CA PHE B 63 39.56 -1.25 -15.97
C PHE B 63 41.00 -0.78 -16.11
N SER B 64 41.63 -0.48 -14.98
CA SER B 64 43.01 -0.01 -14.95
C SER B 64 43.83 -0.93 -14.04
N LEU B 65 45.04 -1.26 -14.47
CA LEU B 65 45.93 -2.12 -13.72
C LEU B 65 47.37 -1.68 -13.94
N ASN B 66 48.11 -1.47 -12.85
CA ASN B 66 49.51 -1.08 -12.91
C ASN B 66 50.34 -2.02 -12.05
N TRP B 67 51.41 -2.55 -12.63
CA TRP B 67 52.39 -3.37 -11.92
C TRP B 67 53.73 -2.65 -11.90
N THR B 68 54.11 -2.14 -10.74
CA THR B 68 55.35 -1.39 -10.59
C THR B 68 56.37 -2.23 -9.83
N TYR B 69 57.63 -1.79 -9.91
CA TYR B 69 58.74 -2.48 -9.25
C TYR B 69 59.67 -1.44 -8.65
N GLN B 70 60.01 -1.61 -7.38
CA GLN B 70 60.96 -0.74 -6.70
C GLN B 70 61.95 -1.60 -5.91
N GLU B 71 63.23 -1.20 -5.95
CA GLU B 71 64.25 -1.96 -5.24
C GLU B 71 64.07 -1.86 -3.72
N CYS B 72 63.46 -0.77 -3.24
CA CYS B 72 63.25 -0.57 -1.82
C CYS B 72 62.00 0.27 -1.62
N ASN B 73 61.55 0.34 -0.37
CA ASN B 73 60.33 1.08 -0.04
C ASN B 73 60.48 2.56 -0.39
N ASN B 74 61.68 3.10 -0.29
CA ASN B 74 61.95 4.51 -0.60
C ASN B 74 62.66 4.66 -1.94
N CYS B 75 62.52 3.67 -2.82
CA CYS B 75 63.18 3.67 -4.12
C CYS B 75 62.17 3.97 -5.23
N SER B 76 62.70 4.19 -6.43
CA SER B 76 61.88 4.55 -7.57
C SER B 76 61.09 3.34 -8.07
N GLU B 77 59.85 3.59 -8.48
CA GLU B 77 58.98 2.55 -9.03
C GLU B 77 59.13 2.50 -10.55
N GLU B 78 59.18 1.28 -11.09
CA GLU B 78 59.38 1.06 -12.52
C GLU B 78 58.13 0.45 -13.12
N MET B 79 57.61 1.11 -14.16
CA MET B 79 56.39 0.65 -14.83
C MET B 79 56.75 -0.42 -15.85
N PHE B 80 56.22 -1.64 -15.68
CA PHE B 80 56.55 -2.73 -16.59
C PHE B 80 55.37 -3.51 -17.15
N LEU B 81 54.17 -3.37 -16.58
CA LEU B 81 53.00 -4.04 -17.12
C LEU B 81 51.75 -3.27 -16.73
N GLN B 82 51.08 -2.72 -17.73
CA GLN B 82 49.92 -1.86 -17.51
C GLN B 82 48.74 -2.36 -18.34
N PHE B 83 47.55 -2.26 -17.78
CA PHE B 83 46.31 -2.59 -18.48
C PHE B 83 45.48 -1.31 -18.59
N ARG B 84 45.43 -0.74 -19.80
CA ARG B 84 44.59 0.42 -20.06
C ARG B 84 43.36 -0.03 -20.84
N MET B 85 43.59 -0.71 -21.96
CA MET B 85 42.53 -1.39 -22.71
C MET B 85 42.83 -2.86 -22.89
N LYS B 86 44.09 -3.20 -23.16
CA LYS B 86 44.54 -4.59 -23.25
C LYS B 86 45.80 -4.72 -22.40
N ILE B 87 46.38 -5.92 -22.39
CA ILE B 87 47.60 -6.16 -21.64
C ILE B 87 48.77 -5.51 -22.36
N ILE B 88 49.35 -4.50 -21.74
CA ILE B 88 50.50 -3.78 -22.29
C ILE B 88 51.71 -4.12 -21.43
N ASN B 89 52.68 -4.79 -22.03
CA ASN B 89 53.93 -5.13 -21.36
C ASN B 89 55.02 -4.19 -21.89
N LEU B 90 55.56 -3.35 -21.00
CA LEU B 90 56.53 -2.35 -21.40
C LEU B 90 57.88 -2.93 -21.80
N LYS B 91 58.13 -4.20 -21.49
CA LYS B 91 59.37 -4.89 -21.89
C LYS B 91 60.60 -4.16 -21.35
N LEU B 92 60.67 -4.02 -20.03
CA LEU B 92 61.80 -3.36 -19.41
C LEU B 92 63.09 -4.17 -19.62
N GLU B 93 64.20 -3.45 -19.76
CA GLU B 93 65.48 -4.11 -20.02
C GLU B 93 65.92 -4.97 -18.84
N ARG B 94 65.58 -4.54 -17.61
CA ARG B 94 65.98 -5.30 -16.43
C ARG B 94 65.30 -6.66 -16.34
N PHE B 95 64.14 -6.82 -16.98
CA PHE B 95 63.41 -8.07 -16.96
C PHE B 95 63.51 -8.85 -18.27
N GLN B 96 64.13 -8.27 -19.30
CA GLN B 96 64.24 -8.88 -20.63
C GLN B 96 62.81 -9.13 -21.11
N ASP B 97 62.48 -10.33 -21.56
CA ASP B 97 61.12 -10.69 -21.96
C ASP B 97 60.55 -11.76 -21.05
N ARG B 98 60.93 -11.69 -19.77
CA ARG B 98 60.56 -12.71 -18.80
C ARG B 98 59.29 -12.37 -18.02
N VAL B 99 58.66 -11.23 -18.30
CA VAL B 99 57.45 -10.83 -17.59
C VAL B 99 56.23 -11.14 -18.45
N GLU B 100 55.31 -11.91 -17.89
CA GLU B 100 54.09 -12.29 -18.59
C GLU B 100 52.88 -12.07 -17.69
N PHE B 101 51.75 -11.76 -18.31
CA PHE B 101 50.50 -11.69 -17.58
C PHE B 101 49.97 -13.10 -17.32
N SER B 102 49.50 -13.33 -16.09
CA SER B 102 49.05 -14.66 -15.69
C SER B 102 47.74 -14.59 -14.92
N GLY B 103 46.88 -13.63 -15.24
CA GLY B 103 45.61 -13.51 -14.55
C GLY B 103 44.43 -13.39 -15.48
N ASN B 104 43.30 -12.91 -14.95
CA ASN B 104 42.08 -12.71 -15.73
C ASN B 104 41.31 -11.54 -15.13
N PRO B 105 41.35 -10.36 -15.76
CA PRO B 105 40.64 -9.20 -15.18
C PRO B 105 39.15 -9.45 -14.98
N SER B 106 38.52 -10.18 -15.89
CA SER B 106 37.09 -10.47 -15.72
CA SER B 106 37.08 -10.47 -15.73
C SER B 106 36.82 -11.34 -14.51
N LYS B 107 37.78 -12.16 -14.11
CA LYS B 107 37.65 -13.03 -12.94
C LYS B 107 38.38 -12.48 -11.72
N TYR B 108 38.67 -11.17 -11.70
CA TYR B 108 39.31 -10.50 -10.57
C TYR B 108 40.67 -11.12 -10.24
N ASP B 109 41.47 -11.44 -11.25
CA ASP B 109 42.81 -11.95 -11.07
C ASP B 109 43.75 -11.21 -12.00
N VAL B 110 44.71 -10.48 -11.42
CA VAL B 110 45.65 -9.68 -12.21
C VAL B 110 47.08 -10.14 -11.93
N SER B 111 47.25 -11.43 -11.66
CA SER B 111 48.56 -11.97 -11.36
CA SER B 111 48.56 -11.95 -11.35
C SER B 111 49.49 -11.87 -12.56
N VAL B 112 50.79 -11.75 -12.28
CA VAL B 112 51.82 -11.66 -13.30
C VAL B 112 52.82 -12.79 -13.09
N MET B 113 53.46 -13.19 -14.18
CA MET B 113 54.37 -14.32 -14.18
C MET B 113 55.79 -13.84 -14.50
N LEU B 114 56.76 -14.27 -13.70
CA LEU B 114 58.17 -13.96 -13.92
C LEU B 114 58.89 -15.26 -14.26
N ARG B 115 59.19 -15.45 -15.54
CA ARG B 115 59.86 -16.66 -15.99
C ARG B 115 61.36 -16.60 -15.70
N ASN B 116 61.91 -17.72 -15.23
CA ASN B 116 63.34 -17.87 -14.98
C ASN B 116 63.87 -16.72 -14.11
N VAL B 117 63.38 -16.69 -12.87
CA VAL B 117 63.71 -15.59 -11.98
C VAL B 117 65.21 -15.54 -11.71
N GLN B 118 65.77 -14.35 -11.82
CA GLN B 118 67.18 -14.08 -11.61
C GLN B 118 67.40 -13.35 -10.29
N PRO B 119 68.62 -13.39 -9.74
CA PRO B 119 68.86 -12.70 -8.46
C PRO B 119 68.56 -11.21 -8.49
N GLU B 120 68.74 -10.54 -9.63
CA GLU B 120 68.44 -9.11 -9.70
C GLU B 120 66.94 -8.82 -9.64
N ASP B 121 66.09 -9.83 -9.82
CA ASP B 121 64.65 -9.63 -9.72
C ASP B 121 64.18 -9.38 -8.30
N GLU B 122 65.05 -9.59 -7.30
CA GLU B 122 64.68 -9.32 -5.92
C GLU B 122 64.31 -7.86 -5.73
N GLY B 123 63.21 -7.62 -5.04
CA GLY B 123 62.73 -6.26 -4.84
C GLY B 123 61.29 -6.27 -4.36
N ILE B 124 60.60 -5.17 -4.66
CA ILE B 124 59.22 -4.95 -4.24
C ILE B 124 58.36 -4.79 -5.47
N TYR B 125 57.29 -5.58 -5.55
CA TYR B 125 56.33 -5.53 -6.65
C TYR B 125 54.98 -5.07 -6.14
N ASN B 126 54.38 -4.11 -6.85
CA ASN B 126 53.11 -3.51 -6.46
C ASN B 126 52.11 -3.71 -7.59
N CYS B 127 50.87 -4.06 -7.24
CA CYS B 127 49.77 -4.16 -8.19
C CYS B 127 48.70 -3.14 -7.83
N TYR B 128 48.55 -2.11 -8.67
CA TYR B 128 47.54 -1.09 -8.49
C TYR B 128 46.30 -1.44 -9.31
N ILE B 129 45.14 -1.41 -8.66
CA ILE B 129 43.89 -1.82 -9.29
C ILE B 129 42.87 -0.69 -9.16
N MET B 130 42.29 -0.30 -10.29
CA MET B 130 41.17 0.63 -10.33
C MET B 130 40.07 0.02 -11.20
N ASN B 131 38.91 -0.21 -10.60
CA ASN B 131 37.78 -0.87 -11.27
C ASN B 131 36.55 0.00 -11.11
N PRO B 132 36.33 0.95 -12.01
CA PRO B 132 35.20 1.86 -11.88
C PRO B 132 33.88 1.13 -12.03
N PRO B 133 32.80 1.62 -11.41
CA PRO B 133 32.68 2.88 -10.67
C PRO B 133 33.12 2.80 -9.20
N ASP B 134 33.99 1.85 -8.82
CA ASP B 134 34.52 1.83 -7.47
C ASP B 134 35.35 3.08 -7.21
N ARG B 135 35.08 3.74 -6.09
CA ARG B 135 35.77 5.00 -5.78
C ARG B 135 37.21 4.75 -5.33
N HIS B 136 37.42 3.72 -4.52
CA HIS B 136 38.72 3.48 -3.90
C HIS B 136 39.70 2.87 -4.88
N ARG B 137 40.99 3.06 -4.61
CA ARG B 137 42.06 2.49 -5.40
C ARG B 137 42.75 1.36 -4.64
N GLY B 138 42.90 0.22 -5.30
CA GLY B 138 43.53 -0.94 -4.69
C GLY B 138 45.05 -0.90 -4.84
N HIS B 139 45.73 -1.50 -3.87
CA HIS B 139 47.19 -1.53 -3.87
C HIS B 139 47.66 -2.73 -3.08
N GLY B 140 48.37 -3.65 -3.73
CA GLY B 140 48.97 -4.80 -3.09
C GLY B 140 50.48 -4.74 -3.25
N LYS B 141 51.20 -5.19 -2.24
CA LYS B 141 52.66 -5.14 -2.22
C LYS B 141 53.22 -6.54 -1.96
N ILE B 142 54.17 -6.95 -2.79
CA ILE B 142 54.82 -8.25 -2.68
C ILE B 142 56.32 -8.04 -2.60
N HIS B 143 56.95 -8.62 -1.58
CA HIS B 143 58.40 -8.59 -1.43
C HIS B 143 58.96 -9.91 -1.95
N LEU B 144 59.52 -9.88 -3.15
CA LEU B 144 60.08 -11.08 -3.78
C LEU B 144 61.52 -11.27 -3.30
N GLN B 145 61.80 -12.45 -2.75
CA GLN B 145 63.14 -12.81 -2.31
C GLN B 145 63.61 -14.03 -3.09
N VAL B 146 64.83 -13.96 -3.62
CA VAL B 146 65.39 -15.01 -4.45
C VAL B 146 66.50 -15.70 -3.68
N LEU B 147 66.32 -16.99 -3.40
CA LEU B 147 67.35 -17.79 -2.75
C LEU B 147 68.12 -18.57 -3.80
N MET B 148 69.32 -19.02 -3.40
CA MET B 148 70.21 -19.76 -4.30
C MET B 148 69.61 -21.12 -4.65
N GLY C 8 -0.87 -31.35 53.58
CA GLY C 8 -1.08 -29.91 53.49
C GLY C 8 0.19 -29.10 53.67
N PRO C 9 0.09 -27.99 54.41
CA PRO C 9 1.30 -27.16 54.62
C PRO C 9 2.40 -27.87 55.38
N GLN C 10 2.09 -28.95 56.10
CA GLN C 10 3.08 -29.66 56.89
C GLN C 10 3.96 -30.55 56.01
N SER C 11 3.63 -30.66 54.73
CA SER C 11 4.36 -31.54 53.82
C SER C 11 5.60 -30.81 53.30
N PHE C 12 6.61 -30.71 54.16
CA PHE C 12 7.89 -30.10 53.77
C PHE C 12 8.99 -30.83 54.53
N VAL C 13 9.92 -31.43 53.79
CA VAL C 13 11.01 -32.19 54.39
C VAL C 13 12.21 -32.12 53.47
N HIS C 14 13.40 -31.96 54.05
CA HIS C 14 14.64 -31.94 53.29
C HIS C 14 14.84 -33.25 52.55
N PHE C 15 15.33 -33.18 51.32
CA PHE C 15 15.67 -34.39 50.57
C PHE C 15 17.00 -34.95 51.07
N THR C 16 16.95 -36.06 51.80
CA THR C 16 18.14 -36.68 52.35
C THR C 16 18.41 -38.01 51.65
N LYS C 17 19.53 -38.63 52.00
CA LYS C 17 19.92 -39.91 51.43
C LYS C 17 18.90 -41.00 51.75
N GLN C 18 18.26 -40.89 52.92
CA GLN C 18 17.23 -41.87 53.29
C GLN C 18 16.03 -41.79 52.35
N SER C 19 15.63 -40.56 51.99
CA SER C 19 14.53 -40.41 51.02
C SER C 19 14.91 -40.97 49.66
N LEU C 20 16.13 -40.74 49.21
CA LEU C 20 16.58 -41.32 47.94
C LEU C 20 16.58 -42.84 48.00
N ALA C 21 17.02 -43.39 49.13
CA ALA C 21 17.03 -44.85 49.29
C ALA C 21 15.61 -45.40 49.25
N LEU C 22 14.66 -44.74 49.91
CA LEU C 22 13.28 -45.18 49.86
C LEU C 22 12.71 -45.08 48.45
N ILE C 23 13.02 -44.02 47.73
CA ILE C 23 12.54 -43.87 46.35
C ILE C 23 13.11 -44.98 45.47
N GLU C 24 14.40 -45.28 45.63
CA GLU C 24 15.00 -46.34 44.84
C GLU C 24 14.43 -47.71 45.20
N GLN C 25 14.12 -47.93 46.48
CA GLN C 25 13.48 -49.17 46.88
C GLN C 25 12.10 -49.30 46.26
N ARG C 26 11.34 -48.20 46.22
CA ARG C 26 10.03 -48.23 45.58
C ARG C 26 10.15 -48.51 44.08
N ILE C 27 11.16 -47.92 43.44
CA ILE C 27 11.39 -48.17 42.01
C ILE C 27 11.74 -49.64 41.78
N ALA C 28 12.57 -50.21 42.67
CA ALA C 28 12.92 -51.62 42.56
C ALA C 28 11.70 -52.51 42.75
N GLU C 29 10.81 -52.14 43.69
CA GLU C 29 9.57 -52.90 43.86
C GLU C 29 8.70 -52.82 42.61
N ARG C 30 8.61 -51.63 42.00
CA ARG C 30 7.86 -51.49 40.76
C ARG C 30 8.46 -52.37 39.65
N LYS C 31 9.79 -52.39 39.55
CA LYS C 31 10.43 -53.23 38.54
C LYS C 31 10.15 -54.71 38.80
N SER C 32 10.18 -55.13 40.07
CA SER C 32 9.89 -56.52 40.41
C SER C 32 8.46 -56.88 40.06
N LYS C 33 7.51 -55.96 40.32
CA LYS C 33 6.12 -56.24 40.02
C LYS C 33 5.89 -56.41 38.52
N GLU C 34 6.57 -55.60 37.70
CA GLU C 34 6.44 -55.68 36.26
C GLU C 34 6.99 -57.00 35.73
N PRO C 47 -1.60 -41.52 34.62
CA PRO C 47 -1.19 -40.72 35.78
C PRO C 47 -0.50 -39.42 35.37
N LYS C 48 -1.18 -38.29 35.59
CA LYS C 48 -0.65 -36.98 35.25
C LYS C 48 -0.36 -36.19 36.52
N PRO C 49 0.66 -35.33 36.50
CA PRO C 49 1.02 -34.59 37.73
C PRO C 49 0.12 -33.38 37.95
N SER C 50 0.22 -32.80 39.15
CA SER C 50 -0.59 -31.64 39.51
C SER C 50 -0.15 -30.43 38.69
N SER C 51 -1.09 -29.85 37.93
CA SER C 51 -0.78 -28.63 37.19
C SER C 51 -0.51 -27.45 38.11
N ASP C 52 -0.96 -27.53 39.36
CA ASP C 52 -0.66 -26.51 40.35
C ASP C 52 0.79 -26.63 40.81
N LEU C 53 1.25 -27.87 41.01
CA LEU C 53 2.60 -28.09 41.49
C LEU C 53 3.60 -28.18 40.34
N GLU C 54 3.13 -27.99 39.11
CA GLU C 54 3.99 -28.07 37.94
C GLU C 54 5.09 -27.01 37.99
N ALA C 55 6.28 -27.35 37.47
CA ALA C 55 7.44 -26.47 37.55
C ALA C 55 7.20 -25.11 36.91
N GLY C 56 7.91 -24.10 37.36
CA GLY C 56 7.73 -22.74 36.85
C GLY C 56 6.39 -22.15 37.22
N LYS C 57 5.97 -22.35 38.46
CA LYS C 57 4.68 -21.83 38.92
C LYS C 57 4.77 -21.54 40.42
N GLN C 58 3.85 -20.69 40.88
CA GLN C 58 3.80 -20.33 42.29
C GLN C 58 3.33 -21.50 43.13
N LEU C 59 3.97 -21.69 44.29
CA LEU C 59 3.56 -22.73 45.20
C LEU C 59 2.18 -22.41 45.77
N PRO C 60 1.28 -23.40 45.88
CA PRO C 60 -0.08 -23.12 46.36
C PRO C 60 -0.12 -22.46 47.74
N PHE C 61 -1.07 -21.55 47.93
CA PHE C 61 -1.23 -20.89 49.22
C PHE C 61 -1.67 -21.87 50.30
N ILE C 62 -2.19 -23.04 49.93
CA ILE C 62 -2.59 -24.03 50.92
C ILE C 62 -1.40 -24.53 51.72
N TYR C 63 -0.19 -24.39 51.16
CA TYR C 63 1.03 -24.77 51.88
C TYR C 63 1.56 -23.65 52.76
N GLY C 64 1.01 -22.43 52.65
CA GLY C 64 1.38 -21.32 53.48
C GLY C 64 2.82 -20.90 53.28
N ASP C 65 3.42 -20.38 54.34
CA ASP C 65 4.81 -19.95 54.30
C ASP C 65 5.74 -21.14 54.44
N ILE C 66 7.01 -20.92 54.11
CA ILE C 66 8.04 -21.95 54.16
C ILE C 66 8.91 -21.69 55.38
N PRO C 67 9.37 -22.73 56.08
CA PRO C 67 10.31 -22.53 57.19
C PRO C 67 11.57 -21.85 56.70
N PRO C 68 12.15 -20.95 57.51
CA PRO C 68 13.28 -20.13 57.04
C PRO C 68 14.48 -20.96 56.58
N GLY C 69 14.72 -22.09 57.23
CA GLY C 69 15.84 -22.93 56.88
C GLY C 69 15.53 -23.91 55.77
N MET C 70 14.33 -23.80 55.19
CA MET C 70 13.90 -24.73 54.17
C MET C 70 13.94 -24.15 52.76
N VAL C 71 14.01 -22.82 52.63
CA VAL C 71 13.98 -22.21 51.30
C VAL C 71 15.31 -22.38 50.61
N SER C 72 15.25 -22.55 49.28
CA SER C 72 16.43 -22.69 48.41
C SER C 72 17.31 -23.86 48.87
N GLU C 73 16.65 -24.98 49.16
CA GLU C 73 17.34 -26.19 49.57
C GLU C 73 16.74 -27.36 48.81
N PRO C 74 17.52 -28.40 48.51
CA PRO C 74 16.94 -29.60 47.90
C PRO C 74 15.89 -30.24 48.79
N LEU C 75 14.64 -30.29 48.34
CA LEU C 75 13.53 -30.81 49.12
C LEU C 75 12.93 -32.04 48.44
N GLU C 76 12.18 -32.81 49.22
CA GLU C 76 11.51 -33.98 48.68
C GLU C 76 10.36 -33.56 47.75
N ASP C 77 10.03 -34.45 46.83
CA ASP C 77 9.02 -34.14 45.83
C ASP C 77 7.64 -34.06 46.48
N LEU C 78 6.89 -33.01 46.15
CA LEU C 78 5.54 -32.84 46.69
C LEU C 78 4.52 -33.61 45.86
N ASP C 79 4.67 -33.57 44.54
CA ASP C 79 3.74 -34.22 43.63
C ASP C 79 3.76 -35.72 43.81
N PRO C 80 2.60 -36.35 44.07
CA PRO C 80 2.59 -37.81 44.19
C PRO C 80 3.03 -38.53 42.93
N TYR C 81 2.84 -37.92 41.76
CA TYR C 81 3.21 -38.57 40.51
C TYR C 81 4.72 -38.82 40.44
N TYR C 82 5.52 -37.82 40.83
CA TYR C 82 6.96 -37.98 40.90
C TYR C 82 7.46 -38.49 42.24
N ALA C 83 6.56 -38.75 43.19
CA ALA C 83 6.98 -39.27 44.48
C ALA C 83 7.58 -40.67 44.35
N ASP C 84 7.25 -41.38 43.28
CA ASP C 84 7.80 -42.71 43.04
C ASP C 84 9.16 -42.65 42.35
N LYS C 85 9.30 -41.76 41.36
CA LYS C 85 10.57 -41.62 40.66
C LYS C 85 11.53 -40.75 41.46
N LYS C 86 12.79 -40.72 40.99
CA LYS C 86 13.86 -40.01 41.68
C LYS C 86 13.91 -38.56 41.24
N THR C 87 13.34 -37.68 42.05
CA THR C 87 13.35 -36.24 41.78
C THR C 87 13.55 -35.51 43.10
N PHE C 88 13.87 -34.22 42.99
CA PHE C 88 13.93 -33.35 44.17
C PHE C 88 13.61 -31.93 43.72
N ILE C 89 12.94 -31.18 44.60
CA ILE C 89 12.37 -29.88 44.25
C ILE C 89 13.00 -28.82 45.13
N VAL C 90 13.32 -27.68 44.53
CA VAL C 90 13.87 -26.54 45.24
C VAL C 90 12.91 -25.36 45.09
N LEU C 91 12.56 -24.74 46.21
CA LEU C 91 11.65 -23.61 46.25
C LEU C 91 12.40 -22.34 46.58
N ASN C 92 12.13 -21.27 45.84
CA ASN C 92 12.78 -19.99 46.04
C ASN C 92 11.99 -19.12 47.01
N LYS C 93 12.52 -17.94 47.29
CA LYS C 93 11.90 -17.00 48.22
C LYS C 93 10.64 -16.42 47.59
N GLY C 94 10.55 -16.45 46.27
CA GLY C 94 9.35 -16.01 45.57
C GLY C 94 8.35 -17.13 45.39
N LYS C 95 8.57 -18.24 46.10
CA LYS C 95 7.69 -19.41 46.05
C LYS C 95 7.54 -19.93 44.62
N THR C 96 8.67 -20.11 43.95
CA THR C 96 8.68 -20.66 42.59
C THR C 96 9.13 -22.12 42.64
N ILE C 97 8.36 -22.99 42.01
CA ILE C 97 8.63 -24.42 42.04
C ILE C 97 9.61 -24.77 40.92
N PHE C 98 10.74 -25.38 41.29
CA PHE C 98 11.73 -25.84 40.34
C PHE C 98 11.99 -27.32 40.57
N ARG C 99 11.85 -28.12 39.52
CA ARG C 99 12.01 -29.56 39.61
C ARG C 99 13.33 -29.96 38.95
N PHE C 100 14.12 -30.76 39.66
CA PHE C 100 15.39 -31.25 39.17
C PHE C 100 15.38 -32.78 39.15
N ASN C 101 16.54 -33.37 38.86
CA ASN C 101 16.69 -34.81 38.75
C ASN C 101 17.61 -35.31 39.86
N ALA C 102 17.14 -36.32 40.60
CA ALA C 102 17.94 -36.86 41.71
C ALA C 102 19.15 -37.63 41.21
N THR C 103 19.14 -38.06 39.96
CA THR C 103 20.30 -38.73 39.39
C THR C 103 21.50 -37.79 39.40
N PRO C 104 22.68 -38.27 39.79
CA PRO C 104 23.84 -37.38 39.86
C PRO C 104 24.14 -36.72 38.52
N ALA C 105 24.54 -35.44 38.59
CA ALA C 105 24.83 -34.66 37.40
C ALA C 105 26.12 -35.13 36.75
N LEU C 106 25.99 -35.72 35.56
CA LEU C 106 27.13 -36.31 34.86
C LEU C 106 27.80 -37.38 35.73
N TYR C 107 27.04 -37.97 36.66
CA TYR C 107 27.48 -39.09 37.49
C TYR C 107 28.56 -38.69 38.50
N MET C 108 28.74 -37.40 38.70
CA MET C 108 29.58 -36.91 39.81
C MET C 108 28.79 -36.22 40.91
N LEU C 109 28.05 -35.18 40.56
CA LEU C 109 27.48 -34.29 41.56
C LEU C 109 26.10 -34.76 42.00
N SER C 110 25.98 -35.01 43.30
CA SER C 110 24.75 -35.44 43.96
C SER C 110 24.04 -34.25 44.58
N PRO C 111 22.73 -34.36 44.83
CA PRO C 111 22.01 -33.23 45.46
C PRO C 111 22.59 -32.81 46.80
N PHE C 112 23.17 -33.74 47.56
CA PHE C 112 23.69 -33.40 48.87
C PHE C 112 25.10 -32.83 48.80
N SER C 113 25.73 -32.88 47.64
CA SER C 113 27.09 -32.37 47.50
C SER C 113 27.09 -30.85 47.61
N PRO C 114 28.09 -30.25 48.28
CA PRO C 114 28.12 -28.79 48.40
C PRO C 114 28.22 -28.07 47.07
N LEU C 115 28.90 -28.64 46.08
CA LEU C 115 29.06 -27.96 44.80
C LEU C 115 27.73 -27.79 44.09
N ARG C 116 26.97 -28.88 43.96
CA ARG C 116 25.65 -28.77 43.35
C ARG C 116 24.71 -27.94 44.22
N ARG C 117 24.91 -27.96 45.55
CA ARG C 117 24.10 -27.12 46.44
C ARG C 117 24.30 -25.65 46.11
N ILE C 118 25.55 -25.22 45.94
CA ILE C 118 25.84 -23.84 45.61
C ILE C 118 25.32 -23.51 44.21
N SER C 119 25.48 -24.45 43.26
CA SER C 119 24.98 -24.22 41.91
C SER C 119 23.47 -24.02 41.90
N ILE C 120 22.74 -24.84 42.66
CA ILE C 120 21.30 -24.68 42.78
C ILE C 120 20.96 -23.34 43.43
N LYS C 121 21.69 -22.98 44.48
CA LYS C 121 21.44 -21.71 45.17
C LYS C 121 21.59 -20.53 44.22
N ILE C 122 22.61 -20.59 43.36
CA ILE C 122 22.80 -19.51 42.38
C ILE C 122 21.71 -19.55 41.31
N LEU C 123 21.29 -20.76 40.90
CA LEU C 123 20.38 -20.88 39.76
C LEU C 123 19.04 -20.23 40.06
N VAL C 124 18.49 -20.46 41.26
CA VAL C 124 17.20 -19.87 41.62
C VAL C 124 17.42 -18.66 42.52
N HIS C 125 17.52 -17.47 41.91
CA HIS C 125 17.67 -16.24 42.65
C HIS C 125 17.28 -15.08 41.74
N SER C 126 16.95 -13.95 42.37
CA SER C 126 16.59 -12.74 41.64
C SER C 126 17.78 -12.04 41.01
N LEU C 127 18.91 -11.98 41.72
CA LEU C 127 20.12 -11.34 41.19
C LEU C 127 20.72 -12.11 40.03
N PHE C 128 20.40 -13.39 39.88
CA PHE C 128 20.87 -14.15 38.71
C PHE C 128 20.10 -13.75 37.47
N SER C 129 18.76 -13.81 37.55
CA SER C 129 17.93 -13.43 36.40
C SER C 129 18.10 -11.96 36.04
N MET C 130 18.19 -11.07 37.05
CA MET C 130 18.39 -9.67 36.76
C MET C 130 19.75 -9.41 36.11
N LEU C 131 20.79 -10.12 36.56
CA LEU C 131 22.10 -9.97 35.94
C LEU C 131 22.07 -10.44 34.49
N ILE C 132 21.41 -11.56 34.22
CA ILE C 132 21.31 -12.04 32.84
C ILE C 132 20.52 -11.05 31.99
N MET C 133 19.44 -10.48 32.54
CA MET C 133 18.68 -9.46 31.83
C MET C 133 19.55 -8.27 31.47
N CYS C 134 20.32 -7.77 32.44
CA CYS C 134 21.17 -6.61 32.20
C CYS C 134 22.23 -6.91 31.15
N THR C 135 22.83 -8.11 31.23
CA THR C 135 23.85 -8.50 30.27
C THR C 135 23.26 -8.59 28.86
N ILE C 136 22.06 -9.17 28.73
CA ILE C 136 21.44 -9.30 27.42
C ILE C 136 21.10 -7.92 26.86
N LEU C 137 20.56 -7.03 27.69
CA LEU C 137 20.24 -5.70 27.21
C LEU C 137 21.49 -4.92 26.79
N THR C 138 22.57 -5.03 27.56
CA THR C 138 23.80 -4.36 27.19
C THR C 138 24.37 -4.92 25.89
N ASN C 139 24.32 -6.24 25.71
CA ASN C 139 24.79 -6.83 24.48
C ASN C 139 23.93 -6.41 23.30
N CYS C 140 22.62 -6.26 23.51
CA CYS C 140 21.74 -5.78 22.46
C CYS C 140 22.08 -4.34 22.08
N ILE C 141 22.39 -3.51 23.08
CA ILE C 141 22.80 -2.13 22.80
C ILE C 141 24.10 -2.13 21.99
N PHE C 142 25.06 -2.97 22.38
CA PHE C 142 26.32 -3.04 21.65
C PHE C 142 26.13 -3.61 20.24
N MET C 143 25.06 -4.39 20.03
CA MET C 143 24.83 -4.99 18.72
C MET C 143 24.41 -3.95 17.68
N THR C 144 23.96 -2.77 18.12
CA THR C 144 23.52 -1.75 17.19
C THR C 144 24.69 -1.03 16.51
N MET C 145 25.91 -1.23 17.01
CA MET C 145 27.07 -0.59 16.40
C MET C 145 27.45 -1.29 15.10
N ASN C 146 27.65 -0.50 14.04
CA ASN C 146 28.07 -1.06 12.76
C ASN C 146 29.58 -1.06 12.59
N ASN C 147 30.28 -0.12 13.22
CA ASN C 147 31.74 -0.06 13.23
C ASN C 147 32.20 0.08 14.68
N PRO C 148 32.16 -1.01 15.45
CA PRO C 148 32.52 -0.92 16.86
C PRO C 148 33.99 -0.55 17.04
N PRO C 149 34.33 0.19 18.09
CA PRO C 149 35.73 0.51 18.36
C PRO C 149 36.52 -0.71 18.78
N ASP C 150 37.84 -0.55 18.97
CA ASP C 150 38.69 -1.65 19.37
C ASP C 150 38.63 -1.94 20.87
N TRP C 151 38.05 -1.04 21.66
CA TRP C 151 37.90 -1.28 23.09
C TRP C 151 36.70 -2.17 23.36
N THR C 152 35.92 -2.46 22.31
CA THR C 152 34.72 -3.27 22.42
C THR C 152 35.01 -4.75 22.63
N LYS C 153 36.11 -5.28 22.08
CA LYS C 153 36.39 -6.71 22.15
C LYS C 153 36.45 -7.22 23.59
N ASN C 154 36.97 -6.41 24.51
CA ASN C 154 36.96 -6.81 25.91
C ASN C 154 35.54 -6.96 26.43
N VAL C 155 34.65 -6.05 26.02
CA VAL C 155 33.25 -6.15 26.43
C VAL C 155 32.61 -7.40 25.84
N GLU C 156 32.96 -7.75 24.60
CA GLU C 156 32.47 -8.98 24.00
C GLU C 156 32.96 -10.22 24.75
N TYR C 157 34.23 -10.23 25.16
CA TYR C 157 34.74 -11.34 25.96
C TYR C 157 34.01 -11.44 27.29
N THR C 158 33.73 -10.29 27.91
CA THR C 158 32.96 -10.27 29.15
C THR C 158 31.56 -10.83 28.95
N PHE C 159 30.90 -10.44 27.85
CA PHE C 159 29.57 -10.98 27.55
C PHE C 159 29.62 -12.48 27.36
N THR C 160 30.62 -12.99 26.64
CA THR C 160 30.76 -14.42 26.45
C THR C 160 30.99 -15.13 27.78
N GLY C 161 31.86 -14.58 28.62
CA GLY C 161 32.11 -15.19 29.93
C GLY C 161 30.90 -15.23 30.82
N ILE C 162 30.10 -14.16 30.83
CA ILE C 162 28.87 -14.15 31.62
C ILE C 162 27.90 -15.23 31.18
N TYR C 163 27.71 -15.42 29.88
CA TYR C 163 26.88 -16.51 29.36
C TYR C 163 27.43 -17.88 29.69
N THR C 164 28.75 -18.07 29.59
CA THR C 164 29.33 -19.35 29.97
C THR C 164 29.12 -19.63 31.45
N PHE C 165 29.14 -18.58 32.28
CA PHE C 165 28.89 -18.76 33.71
C PHE C 165 27.51 -19.37 33.95
N GLU C 166 26.48 -18.80 33.34
CA GLU C 166 25.13 -19.32 33.54
C GLU C 166 24.96 -20.69 32.91
N SER C 167 25.60 -20.93 31.76
CA SER C 167 25.51 -22.25 31.16
C SER C 167 26.13 -23.31 32.06
N LEU C 168 27.31 -23.03 32.63
CA LEU C 168 27.94 -23.97 33.53
C LEU C 168 27.12 -24.18 34.78
N VAL C 169 26.54 -23.11 35.33
CA VAL C 169 25.70 -23.24 36.52
C VAL C 169 24.51 -24.16 36.23
N LYS C 170 23.83 -23.94 35.11
CA LYS C 170 22.68 -24.77 34.77
C LYS C 170 23.08 -26.22 34.53
N ILE C 171 24.21 -26.44 33.85
CA ILE C 171 24.65 -27.81 33.59
C ILE C 171 24.99 -28.53 34.88
N LEU C 172 25.72 -27.85 35.79
CA LEU C 172 26.07 -28.49 37.06
C LEU C 172 24.84 -28.77 37.92
N ALA C 173 23.89 -27.83 37.95
CA ALA C 173 22.73 -28.00 38.82
C ALA C 173 21.75 -29.03 38.29
N ARG C 174 21.49 -29.01 36.98
CA ARG C 174 20.45 -29.84 36.38
C ARG C 174 20.98 -31.12 35.75
N GLY C 175 22.30 -31.27 35.62
CA GLY C 175 22.83 -32.32 34.77
C GLY C 175 22.85 -31.85 33.33
N PHE C 176 23.49 -32.65 32.47
CA PHE C 176 23.63 -32.20 31.09
C PHE C 176 22.56 -32.74 30.15
N CYS C 177 22.50 -34.06 29.95
CA CYS C 177 21.56 -34.62 28.98
C CYS C 177 20.84 -35.86 29.49
N VAL C 178 21.47 -36.60 30.41
CA VAL C 178 21.02 -37.95 30.74
C VAL C 178 19.65 -37.92 31.40
N GLY C 179 19.45 -37.00 32.34
CA GLY C 179 18.25 -37.02 33.17
C GLY C 179 16.99 -36.56 32.47
N GLU C 180 15.92 -36.36 33.25
CA GLU C 180 14.64 -35.92 32.72
C GLU C 180 14.50 -34.40 32.83
N PHE C 181 14.64 -33.84 34.02
CA PHE C 181 14.61 -32.39 34.21
C PHE C 181 16.04 -31.85 34.20
N THR C 182 16.74 -32.12 33.10
CA THR C 182 18.12 -31.72 32.92
C THR C 182 18.21 -30.54 31.96
N PHE C 183 19.44 -30.09 31.74
CA PHE C 183 19.68 -28.84 31.02
C PHE C 183 19.23 -28.92 29.57
N LEU C 184 19.50 -30.05 28.91
CA LEU C 184 19.29 -30.13 27.46
C LEU C 184 17.86 -30.49 27.06
N ARG C 185 17.03 -30.95 28.00
CA ARG C 185 15.64 -31.28 27.66
C ARG C 185 14.84 -30.01 27.33
N ASP C 186 15.08 -28.93 28.05
CA ASP C 186 14.37 -27.68 27.81
C ASP C 186 14.74 -27.13 26.43
N PRO C 187 13.77 -26.85 25.56
CA PRO C 187 14.11 -26.35 24.21
C PRO C 187 14.83 -25.01 24.22
N TRP C 188 14.59 -24.16 25.22
CA TRP C 188 15.20 -22.84 25.24
C TRP C 188 16.66 -22.84 25.65
N ASN C 189 17.14 -23.89 26.32
CA ASN C 189 18.57 -24.01 26.60
C ASN C 189 19.37 -24.41 25.37
N TRP C 190 18.71 -24.98 24.35
N TRP C 190 18.71 -24.98 24.35
CA TRP C 190 19.41 -25.25 23.10
CA TRP C 190 19.40 -25.25 23.10
C TRP C 190 19.93 -23.97 22.46
C TRP C 190 19.92 -23.97 22.46
N LEU C 191 19.15 -22.88 22.56
CA LEU C 191 19.61 -21.60 22.03
C LEU C 191 20.86 -21.13 22.76
N ASP C 192 20.88 -21.27 24.09
CA ASP C 192 22.06 -20.87 24.86
C ASP C 192 23.27 -21.71 24.48
N PHE C 193 23.07 -23.02 24.33
CA PHE C 193 24.18 -23.89 23.95
C PHE C 193 24.70 -23.55 22.57
N VAL C 194 23.80 -23.27 21.63
CA VAL C 194 24.19 -22.89 20.28
C VAL C 194 24.98 -21.58 20.31
N VAL C 195 24.52 -20.61 21.10
CA VAL C 195 25.24 -19.35 21.22
C VAL C 195 26.66 -19.58 21.72
N ILE C 196 26.80 -20.38 22.79
CA ILE C 196 28.12 -20.59 23.38
C ILE C 196 29.04 -21.30 22.40
N VAL C 197 28.55 -22.37 21.77
CA VAL C 197 29.41 -23.13 20.87
C VAL C 197 29.77 -22.32 19.64
N PHE C 198 28.82 -21.54 19.11
CA PHE C 198 29.13 -20.68 17.96
C PHE C 198 30.20 -19.65 18.33
N ALA C 199 30.03 -18.98 19.47
CA ALA C 199 31.00 -17.97 19.87
C ALA C 199 32.39 -18.58 19.97
N TYR C 200 32.52 -19.66 20.75
CA TYR C 200 33.85 -20.24 20.96
C TYR C 200 34.43 -20.82 19.66
N LEU C 201 33.62 -21.53 18.88
CA LEU C 201 34.12 -22.17 17.67
C LEU C 201 34.57 -21.14 16.65
N THR C 202 33.77 -20.07 16.46
CA THR C 202 34.14 -19.05 15.50
C THR C 202 35.33 -18.23 15.98
N GLU C 203 35.47 -18.04 17.29
CA GLU C 203 36.65 -17.34 17.81
C GLU C 203 37.90 -18.18 17.61
N PHE C 204 37.81 -19.50 17.83
CA PHE C 204 38.99 -20.35 17.72
C PHE C 204 39.38 -20.58 16.26
N VAL C 205 38.40 -20.74 15.38
CA VAL C 205 38.71 -20.99 13.97
C VAL C 205 39.44 -19.79 13.36
N ASN C 206 38.98 -18.59 13.65
CA ASN C 206 39.60 -17.38 13.15
C ASN C 206 41.00 -17.19 13.74
N ASN C 209 32.85 -15.72 7.19
CA ASN C 209 32.37 -14.37 6.94
C ASN C 209 32.07 -13.66 8.24
N VAL C 210 32.64 -12.46 8.41
CA VAL C 210 32.43 -11.68 9.63
C VAL C 210 30.96 -11.32 9.80
N SER C 211 30.30 -10.95 8.70
CA SER C 211 28.87 -10.63 8.76
C SER C 211 28.06 -11.85 9.17
N ALA C 212 28.42 -13.02 8.65
CA ALA C 212 27.72 -14.25 9.03
C ALA C 212 27.91 -14.55 10.51
N LEU C 213 29.14 -14.38 11.01
CA LEU C 213 29.40 -14.64 12.42
C LEU C 213 28.64 -13.66 13.32
N ARG C 214 28.61 -12.38 12.93
CA ARG C 214 27.92 -11.38 13.74
C ARG C 214 26.41 -11.57 13.68
N THR C 215 25.87 -12.03 12.56
CA THR C 215 24.45 -12.32 12.47
C THR C 215 24.06 -13.45 13.41
N PHE C 216 25.00 -14.36 13.71
CA PHE C 216 24.73 -15.39 14.72
C PHE C 216 24.66 -14.80 16.11
N ARG C 217 25.31 -13.65 16.34
CA ARG C 217 25.27 -13.02 17.65
C ARG C 217 23.90 -12.41 17.94
N VAL C 218 23.06 -12.26 16.92
CA VAL C 218 21.71 -11.76 17.14
C VAL C 218 20.86 -12.80 17.86
N LEU C 219 21.28 -14.07 17.85
CA LEU C 219 20.56 -15.09 18.60
C LEU C 219 20.62 -14.84 20.10
N ARG C 220 21.62 -14.11 20.58
CA ARG C 220 21.65 -13.72 21.99
C ARG C 220 20.48 -12.80 22.33
N ALA C 221 20.01 -12.02 21.35
CA ALA C 221 18.84 -11.18 21.58
C ALA C 221 17.58 -12.01 21.76
N LEU C 222 17.60 -13.26 21.29
CA LEU C 222 16.47 -14.15 21.50
C LEU C 222 16.47 -14.81 22.87
N LYS C 223 17.57 -14.70 23.63
CA LYS C 223 17.57 -15.12 25.02
C LYS C 223 16.71 -14.19 25.87
N THR C 224 16.30 -13.05 25.32
CA THR C 224 15.40 -12.14 26.03
C THR C 224 14.07 -12.82 26.35
N ILE C 225 13.63 -13.72 25.47
CA ILE C 225 12.34 -14.39 25.66
C ILE C 225 12.37 -15.27 26.91
N SER C 226 13.50 -15.91 27.18
CA SER C 226 13.57 -16.91 28.24
C SER C 226 13.97 -16.34 29.59
N VAL C 227 14.15 -15.02 29.71
CA VAL C 227 14.57 -14.38 30.95
C VAL C 227 13.47 -13.48 31.52
N ILE C 228 12.79 -12.73 30.65
CA ILE C 228 11.69 -11.89 31.13
C ILE C 228 10.44 -12.74 31.29
N PRO C 229 9.78 -12.70 32.45
CA PRO C 229 8.59 -13.53 32.65
C PRO C 229 7.47 -13.16 31.71
N GLY C 230 6.70 -14.17 31.31
CA GLY C 230 5.52 -13.95 30.48
C GLY C 230 5.80 -13.77 29.01
N LEU C 231 7.04 -14.01 28.58
CA LEU C 231 7.37 -13.90 27.17
C LEU C 231 7.28 -15.24 26.44
N LYS C 232 7.63 -16.33 27.10
CA LYS C 232 7.52 -17.66 26.50
C LYS C 232 6.08 -18.00 26.16
N THR C 233 5.15 -17.63 27.04
CA THR C 233 3.73 -17.88 26.77
C THR C 233 3.24 -17.08 25.57
N ILE C 234 3.71 -15.84 25.44
CA ILE C 234 3.34 -15.02 24.29
C ILE C 234 3.88 -15.64 23.00
N VAL C 235 5.12 -16.10 23.03
CA VAL C 235 5.70 -16.74 21.84
C VAL C 235 4.95 -18.01 21.50
N GLY C 236 4.59 -18.79 22.51
CA GLY C 236 3.80 -20.00 22.28
C GLY C 236 2.44 -19.72 21.69
N ALA C 237 1.77 -18.66 22.17
CA ALA C 237 0.49 -18.27 21.59
C ALA C 237 0.65 -17.84 20.14
N LEU C 238 1.73 -17.11 19.84
CA LEU C 238 1.99 -16.72 18.46
C LEU C 238 2.22 -17.93 17.56
N ILE C 239 2.95 -18.93 18.05
CA ILE C 239 3.14 -20.16 17.28
C ILE C 239 1.81 -20.90 17.11
N GLN C 240 0.98 -20.93 18.16
CA GLN C 240 -0.32 -21.58 18.06
C GLN C 240 -1.21 -20.91 17.01
N SER C 241 -1.17 -19.58 16.93
CA SER C 241 -1.99 -18.88 15.95
C SER C 241 -1.63 -19.27 14.53
N VAL C 242 -0.37 -19.63 14.29
CA VAL C 242 0.07 -19.99 12.94
C VAL C 242 -0.53 -21.33 12.52
N LYS C 243 -0.62 -22.28 13.45
CA LYS C 243 -1.06 -23.64 13.08
C LYS C 243 -2.49 -23.65 12.55
N LYS C 244 -3.29 -22.64 12.91
CA LYS C 244 -4.64 -22.59 12.40
C LYS C 244 -4.69 -22.00 10.99
N LEU C 245 -3.57 -21.48 10.50
CA LEU C 245 -3.49 -20.86 9.18
C LEU C 245 -3.02 -21.81 8.11
N SER C 246 -3.08 -23.13 8.31
CA SER C 246 -2.52 -24.06 7.33
C SER C 246 -3.34 -24.06 6.04
N ASP C 247 -4.67 -24.19 6.15
CA ASP C 247 -5.52 -24.23 4.96
C ASP C 247 -5.58 -22.91 4.23
N VAL C 248 -5.61 -21.79 4.96
CA VAL C 248 -5.63 -20.48 4.31
C VAL C 248 -4.35 -20.24 3.53
N MET C 249 -3.20 -20.65 4.07
CA MET C 249 -1.95 -20.51 3.34
C MET C 249 -1.92 -21.37 2.08
N ILE C 250 -2.47 -22.59 2.16
CA ILE C 250 -2.53 -23.46 0.99
C ILE C 250 -3.41 -22.83 -0.08
N LEU C 251 -4.58 -22.31 0.31
CA LEU C 251 -5.46 -21.67 -0.65
C LEU C 251 -4.82 -20.42 -1.25
N THR C 252 -4.10 -19.65 -0.42
CA THR C 252 -3.42 -18.47 -0.92
C THR C 252 -2.36 -18.83 -1.94
N VAL C 253 -1.58 -19.87 -1.65
CA VAL C 253 -0.54 -20.31 -2.59
C VAL C 253 -1.17 -20.79 -3.88
N PHE C 254 -2.27 -21.54 -3.79
CA PHE C 254 -2.94 -22.04 -4.99
C PHE C 254 -3.48 -20.90 -5.84
N CYS C 255 -4.15 -19.94 -5.21
CA CYS C 255 -4.70 -18.80 -5.94
C CYS C 255 -3.60 -17.96 -6.56
N LEU C 256 -2.51 -17.72 -5.82
CA LEU C 256 -1.40 -16.95 -6.37
C LEU C 256 -0.76 -17.68 -7.54
N SER C 257 -0.64 -19.01 -7.46
CA SER C 257 -0.07 -19.77 -8.56
C SER C 257 -0.99 -19.73 -9.78
N VAL C 258 -2.29 -19.83 -9.58
CA VAL C 258 -3.22 -19.78 -10.71
C VAL C 258 -3.17 -18.42 -11.39
N PHE C 259 -3.21 -17.34 -10.59
CA PHE C 259 -3.13 -16.01 -11.17
C PHE C 259 -1.77 -15.72 -11.78
N ALA C 260 -0.70 -16.32 -11.22
CA ALA C 260 0.62 -16.16 -11.81
C ALA C 260 0.71 -16.87 -13.15
N LEU C 261 0.09 -18.04 -13.27
CA LEU C 261 0.00 -18.70 -14.57
C LEU C 261 -0.80 -17.88 -15.57
N ILE C 262 -1.91 -17.29 -15.13
CA ILE C 262 -2.70 -16.43 -16.03
C ILE C 262 -1.88 -15.23 -16.48
N GLY C 263 -1.18 -14.59 -15.54
CA GLY C 263 -0.36 -13.44 -15.90
C GLY C 263 0.81 -13.81 -16.78
N LEU C 264 1.40 -14.98 -16.55
CA LEU C 264 2.47 -15.47 -17.40
C LEU C 264 1.97 -15.71 -18.82
N GLN C 265 0.77 -16.28 -18.95
CA GLN C 265 0.23 -16.55 -20.28
C GLN C 265 -0.14 -15.25 -20.99
N LEU C 266 -0.63 -14.26 -20.25
CA LEU C 266 -1.14 -13.05 -20.89
C LEU C 266 -0.02 -12.05 -21.18
N PHE C 267 0.78 -11.71 -20.17
CA PHE C 267 1.69 -10.58 -20.24
C PHE C 267 3.15 -10.99 -20.44
N MET C 268 3.40 -12.19 -20.96
CA MET C 268 4.77 -12.65 -21.15
C MET C 268 5.50 -11.84 -22.20
N GLY C 269 6.55 -11.13 -21.81
CA GLY C 269 7.33 -10.32 -22.71
C GLY C 269 6.80 -8.93 -22.95
N ASN C 270 5.63 -8.59 -22.40
CA ASN C 270 5.05 -7.28 -22.66
C ASN C 270 5.86 -6.17 -22.00
N LEU C 271 6.41 -6.43 -20.81
CA LEU C 271 7.21 -5.41 -20.14
C LEU C 271 8.56 -5.22 -20.79
N LYS C 272 8.87 -5.96 -21.86
CA LYS C 272 10.10 -5.75 -22.60
C LYS C 272 9.92 -4.86 -23.81
N HIS C 273 8.71 -4.38 -24.08
CA HIS C 273 8.50 -3.49 -25.21
C HIS C 273 9.16 -2.14 -24.96
N LYS C 274 9.88 -1.65 -25.97
CA LYS C 274 10.56 -0.36 -25.91
C LYS C 274 10.38 0.36 -27.24
N CYS C 275 10.50 1.68 -27.20
CA CYS C 275 10.38 2.52 -28.38
C CYS C 275 11.77 2.64 -29.00
N PHE C 276 11.98 1.93 -30.11
CA PHE C 276 13.28 1.90 -30.78
C PHE C 276 13.23 2.80 -32.01
N ARG C 277 14.24 3.63 -32.19
CA ARG C 277 14.24 4.60 -33.27
C ARG C 277 14.29 3.91 -34.63
N ASN C 278 13.70 4.56 -35.62
CA ASN C 278 13.56 3.99 -36.95
C ASN C 278 14.81 4.15 -37.81
N SER C 279 15.45 5.32 -37.76
CA SER C 279 16.59 5.63 -38.62
C SER C 279 17.88 5.29 -37.88
N LEU C 280 18.70 4.45 -38.49
CA LEU C 280 20.00 4.06 -37.94
C LEU C 280 21.08 4.29 -38.99
N GLU C 281 22.20 4.87 -38.57
CA GLU C 281 23.27 5.17 -39.50
C GLU C 281 24.34 4.08 -39.45
N ASN C 282 25.29 4.18 -40.39
CA ASN C 282 26.45 3.28 -40.46
C ASN C 282 26.04 1.82 -40.62
N ASN C 283 24.96 1.59 -41.36
CA ASN C 283 24.43 0.25 -41.62
C ASN C 283 24.23 -0.52 -40.33
N GLU C 284 23.56 0.08 -39.36
CA GLU C 284 23.33 -0.52 -38.06
C GLU C 284 21.95 -1.16 -38.03
N THR C 285 21.83 -2.21 -37.21
CA THR C 285 20.58 -2.95 -37.06
C THR C 285 20.41 -3.34 -35.59
N LEU C 286 19.16 -3.60 -35.21
CA LEU C 286 18.79 -3.72 -33.80
C LEU C 286 19.67 -4.71 -33.06
N GLU C 287 19.93 -5.88 -33.66
CA GLU C 287 20.80 -6.87 -33.04
C GLU C 287 22.21 -6.34 -32.90
N SER C 288 22.68 -5.59 -33.90
CA SER C 288 24.03 -5.03 -33.85
C SER C 288 24.16 -3.97 -32.76
N ILE C 289 23.08 -3.21 -32.52
CA ILE C 289 23.11 -2.23 -31.43
C ILE C 289 23.09 -2.88 -30.06
N MET C 290 22.22 -3.87 -29.85
CA MET C 290 21.88 -4.35 -28.52
C MET C 290 23.03 -5.05 -27.79
N ASN C 291 24.02 -5.57 -28.51
CA ASN C 291 25.15 -6.23 -27.87
C ASN C 291 26.32 -5.30 -27.63
N THR C 292 26.19 -4.02 -27.98
CA THR C 292 27.23 -3.02 -27.74
C THR C 292 26.73 -1.88 -26.86
N LEU C 293 25.79 -2.14 -25.95
CA LEU C 293 25.23 -1.10 -25.10
C LEU C 293 25.36 -1.52 -23.64
N GLU C 294 25.98 -0.66 -22.82
CA GLU C 294 26.13 -0.96 -21.40
C GLU C 294 25.46 0.11 -20.54
N SER C 295 25.73 1.38 -20.83
CA SER C 295 25.25 2.46 -19.97
C SER C 295 23.88 2.95 -20.43
N GLU C 296 23.14 3.53 -19.50
CA GLU C 296 21.86 4.16 -19.79
C GLU C 296 22.02 5.41 -20.67
N GLU C 297 23.18 6.07 -20.61
CA GLU C 297 23.45 7.17 -21.53
C GLU C 297 23.45 6.72 -22.98
N ASP C 298 24.06 5.56 -23.25
CA ASP C 298 24.07 5.00 -24.59
C ASP C 298 22.75 4.35 -24.96
N PHE C 299 22.02 3.80 -23.98
CA PHE C 299 20.68 3.29 -24.26
C PHE C 299 19.73 4.41 -24.65
N ARG C 300 19.88 5.60 -24.04
CA ARG C 300 19.02 6.74 -24.31
C ARG C 300 19.16 7.27 -25.72
N LYS C 301 20.25 6.93 -26.43
CA LYS C 301 20.45 7.36 -27.80
C LYS C 301 19.74 6.51 -28.83
N TYR C 302 19.24 5.33 -28.45
CA TYR C 302 18.52 4.46 -29.35
C TYR C 302 17.11 4.14 -28.90
N PHE C 303 16.80 4.31 -27.61
CA PHE C 303 15.47 4.09 -27.08
C PHE C 303 14.96 5.39 -26.45
N TYR C 304 13.64 5.50 -26.37
CA TYR C 304 12.99 6.70 -25.85
C TYR C 304 12.85 6.59 -24.34
N TYR C 305 13.39 7.58 -23.62
CA TYR C 305 13.29 7.66 -22.17
C TYR C 305 12.59 8.95 -21.80
N LEU C 306 11.69 8.88 -20.83
CA LEU C 306 11.18 10.10 -20.21
C LEU C 306 12.26 10.72 -19.34
N GLU C 307 12.24 12.05 -19.25
CA GLU C 307 13.27 12.76 -18.51
C GLU C 307 13.22 12.36 -17.03
N GLY C 308 14.39 12.07 -16.47
CA GLY C 308 14.48 11.68 -15.08
C GLY C 308 14.07 10.25 -14.78
N SER C 309 14.07 9.37 -15.78
CA SER C 309 13.66 7.98 -15.62
C SER C 309 14.84 7.07 -15.86
N LYS C 310 14.91 5.96 -15.10
CA LYS C 310 15.98 4.99 -15.28
C LYS C 310 15.60 3.86 -16.22
N ASP C 311 14.32 3.71 -16.53
CA ASP C 311 13.85 2.68 -17.46
C ASP C 311 13.30 3.32 -18.72
N ALA C 312 13.39 2.58 -19.82
CA ALA C 312 12.85 3.06 -21.08
C ALA C 312 11.32 3.05 -21.03
N LEU C 313 10.71 3.96 -21.77
CA LEU C 313 9.25 4.06 -21.79
C LEU C 313 8.66 2.81 -22.45
N LEU C 314 7.61 2.27 -21.83
CA LEU C 314 6.95 1.10 -22.38
C LEU C 314 5.98 1.49 -23.49
N CYS C 315 5.71 0.54 -24.38
CA CYS C 315 4.83 0.78 -25.51
C CYS C 315 4.04 -0.50 -25.78
N GLY C 316 3.08 -0.40 -26.69
CA GLY C 316 2.30 -1.55 -27.09
C GLY C 316 1.97 -1.47 -28.57
N PHE C 317 1.36 -2.53 -29.08
CA PHE C 317 0.99 -2.61 -30.48
C PHE C 317 -0.50 -2.39 -30.73
N SER C 318 -1.34 -2.47 -29.69
CA SER C 318 -2.76 -2.19 -29.83
C SER C 318 -3.01 -0.70 -29.74
N THR C 319 -4.23 -0.30 -30.10
CA THR C 319 -4.60 1.11 -30.11
C THR C 319 -4.85 1.65 -28.71
N ASP C 320 -5.10 0.78 -27.73
CA ASP C 320 -5.37 1.20 -26.36
C ASP C 320 -4.15 1.06 -25.46
N SER C 321 -2.96 0.82 -26.02
CA SER C 321 -1.73 0.73 -25.25
C SER C 321 -0.96 2.05 -25.34
N GLY C 322 0.23 2.05 -24.76
CA GLY C 322 1.08 3.22 -24.84
C GLY C 322 1.58 3.47 -26.24
N GLN C 323 1.81 4.74 -26.56
CA GLN C 323 2.22 5.15 -27.89
C GLN C 323 3.67 5.64 -27.87
N CYS C 324 4.40 5.26 -28.91
CA CYS C 324 5.74 5.73 -29.16
C CYS C 324 5.71 7.09 -29.84
N PRO C 325 6.72 7.92 -29.64
CA PRO C 325 6.79 9.18 -30.40
C PRO C 325 7.09 8.91 -31.86
N GLU C 326 6.75 9.88 -32.71
CA GLU C 326 7.06 9.76 -34.12
C GLU C 326 8.58 9.65 -34.32
N GLY C 327 8.98 8.67 -35.12
CA GLY C 327 10.38 8.35 -35.29
C GLY C 327 10.85 7.15 -34.50
N TYR C 328 9.99 6.59 -33.64
CA TYR C 328 10.30 5.38 -32.90
C TYR C 328 9.26 4.33 -33.21
N THR C 329 9.65 3.07 -33.07
CA THR C 329 8.76 1.93 -33.30
C THR C 329 8.86 0.98 -32.11
N CYS C 330 7.70 0.46 -31.71
CA CYS C 330 7.64 -0.44 -30.56
C CYS C 330 8.20 -1.81 -30.93
N VAL C 331 9.08 -2.33 -30.06
CA VAL C 331 9.70 -3.64 -30.28
C VAL C 331 10.00 -4.25 -28.92
N LYS C 332 9.90 -5.57 -28.85
CA LYS C 332 10.19 -6.33 -27.64
C LYS C 332 11.68 -6.66 -27.63
N ILE C 333 12.43 -5.97 -26.78
CA ILE C 333 13.88 -6.15 -26.70
C ILE C 333 14.36 -5.55 -25.38
N GLY C 334 15.52 -6.01 -24.91
CA GLY C 334 16.12 -5.43 -23.74
C GLY C 334 15.66 -6.01 -22.42
N ARG C 335 16.01 -5.33 -21.33
CA ARG C 335 15.68 -5.83 -20.00
C ARG C 335 14.32 -5.30 -19.54
N ASN C 336 13.81 -5.90 -18.48
CA ASN C 336 12.54 -5.51 -17.89
C ASN C 336 12.73 -4.32 -16.95
N PRO C 337 11.65 -3.59 -16.64
CA PRO C 337 11.77 -2.43 -15.76
C PRO C 337 12.11 -2.83 -14.33
N ASP C 338 12.53 -1.83 -13.55
CA ASP C 338 12.88 -2.01 -12.12
C ASP C 338 14.04 -3.00 -11.97
N TYR C 339 15.18 -2.67 -12.58
CA TYR C 339 16.38 -3.51 -12.61
C TYR C 339 16.13 -4.88 -13.24
N GLY C 340 14.98 -5.07 -13.86
CA GLY C 340 14.60 -6.36 -14.40
C GLY C 340 13.80 -7.24 -13.47
N TYR C 341 13.51 -6.79 -12.26
CA TYR C 341 12.79 -7.59 -11.29
C TYR C 341 11.28 -7.57 -11.50
N THR C 342 10.77 -6.71 -12.36
CA THR C 342 9.35 -6.61 -12.65
C THR C 342 9.09 -7.20 -14.02
N SER C 343 8.47 -8.37 -14.06
CA SER C 343 8.18 -9.04 -15.32
C SER C 343 7.17 -10.14 -15.08
N PHE C 344 6.57 -10.61 -16.18
CA PHE C 344 5.76 -11.82 -16.21
C PHE C 344 6.42 -12.88 -17.09
N ASP C 345 7.75 -12.91 -17.09
CA ASP C 345 8.49 -13.73 -18.05
C ASP C 345 8.58 -15.18 -17.61
N THR C 346 8.80 -15.43 -16.32
CA THR C 346 8.86 -16.78 -15.78
C THR C 346 7.80 -16.91 -14.68
N PHE C 347 7.57 -18.14 -14.25
CA PHE C 347 6.57 -18.37 -13.21
C PHE C 347 7.00 -17.75 -11.88
N SER C 348 8.31 -17.69 -11.63
CA SER C 348 8.78 -17.15 -10.37
C SER C 348 8.59 -15.63 -10.31
N TRP C 349 8.94 -14.93 -11.39
CA TRP C 349 8.71 -13.49 -11.43
C TRP C 349 7.23 -13.16 -11.45
N ALA C 350 6.43 -13.97 -12.14
CA ALA C 350 4.98 -13.78 -12.12
C ALA C 350 4.40 -14.00 -10.73
N PHE C 351 4.93 -14.98 -10.01
CA PHE C 351 4.49 -15.23 -8.65
C PHE C 351 4.87 -14.07 -7.74
N LEU C 352 6.06 -13.51 -7.92
CA LEU C 352 6.46 -12.34 -7.15
C LEU C 352 5.55 -11.16 -7.45
N ALA C 353 5.21 -10.96 -8.73
CA ALA C 353 4.30 -9.89 -9.11
C ALA C 353 2.91 -10.08 -8.49
N LEU C 354 2.43 -11.32 -8.46
CA LEU C 354 1.11 -11.58 -7.90
C LEU C 354 1.12 -11.41 -6.39
N PHE C 355 2.22 -11.77 -5.73
CA PHE C 355 2.34 -11.49 -4.30
C PHE C 355 2.35 -9.98 -4.04
N ARG C 356 3.06 -9.22 -4.89
CA ARG C 356 3.07 -7.78 -4.78
C ARG C 356 1.66 -7.21 -4.95
N LEU C 357 0.90 -7.75 -5.91
CA LEU C 357 -0.48 -7.31 -6.10
C LEU C 357 -1.34 -7.67 -4.89
N MET C 358 -1.15 -8.85 -4.31
CA MET C 358 -1.93 -9.26 -3.16
C MET C 358 -1.67 -8.35 -1.96
N THR C 359 -0.41 -8.00 -1.73
CA THR C 359 -0.08 -7.10 -0.63
C THR C 359 -0.25 -5.63 -0.99
N GLN C 360 -0.57 -5.33 -2.26
CA GLN C 360 -0.84 -3.96 -2.72
C GLN C 360 0.35 -3.04 -2.43
N ASP C 361 1.56 -3.58 -2.57
CA ASP C 361 2.77 -2.80 -2.37
C ASP C 361 3.16 -2.21 -3.71
N TYR C 362 2.97 -0.91 -3.88
CA TYR C 362 3.36 -0.20 -5.10
C TYR C 362 2.70 -0.85 -6.32
N TRP C 363 1.51 -1.39 -6.14
CA TRP C 363 0.86 -2.16 -7.20
C TRP C 363 0.36 -1.25 -8.32
N GLU C 364 0.16 0.04 -8.03
CA GLU C 364 -0.28 0.95 -9.07
C GLU C 364 0.80 1.13 -10.14
N ASN C 365 2.07 1.01 -9.76
CA ASN C 365 3.14 1.11 -10.74
C ASN C 365 3.11 -0.08 -11.70
N LEU C 366 2.97 -1.29 -11.17
CA LEU C 366 2.86 -2.47 -12.01
C LEU C 366 1.61 -2.42 -12.87
N TYR C 367 0.50 -1.95 -12.29
CA TYR C 367 -0.75 -1.79 -13.02
C TYR C 367 -0.59 -0.84 -14.20
N GLN C 368 0.06 0.30 -13.96
CA GLN C 368 0.26 1.29 -15.01
C GLN C 368 1.20 0.75 -16.09
N GLN C 369 2.27 0.08 -15.69
CA GLN C 369 3.20 -0.49 -16.68
C GLN C 369 2.51 -1.55 -17.54
N THR C 370 1.73 -2.43 -16.91
CA THR C 370 1.05 -3.47 -17.67
C THR C 370 0.00 -2.88 -18.61
N LEU C 371 -0.74 -1.87 -18.18
CA LEU C 371 -1.69 -1.24 -19.08
C LEU C 371 -0.99 -0.52 -20.23
N ARG C 372 0.16 0.10 -19.94
CA ARG C 372 0.92 0.76 -21.00
C ARG C 372 1.44 -0.24 -22.03
N ALA C 373 1.94 -1.38 -21.57
CA ALA C 373 2.58 -2.34 -22.45
C ALA C 373 1.61 -3.28 -23.15
N ALA C 374 0.43 -3.52 -22.58
CA ALA C 374 -0.52 -4.47 -23.15
C ALA C 374 -1.83 -3.86 -23.59
N GLY C 375 -2.28 -2.77 -22.98
CA GLY C 375 -3.55 -2.17 -23.34
C GLY C 375 -4.45 -1.94 -22.15
N LYS C 376 -5.32 -0.93 -22.25
CA LYS C 376 -6.21 -0.59 -21.15
C LYS C 376 -7.28 -1.65 -20.92
N THR C 377 -7.52 -2.53 -21.90
CA THR C 377 -8.56 -3.54 -21.75
C THR C 377 -8.20 -4.55 -20.66
N TYR C 378 -6.89 -4.74 -20.43
CA TYR C 378 -6.44 -5.73 -19.46
C TYR C 378 -6.55 -5.21 -18.02
N MET C 379 -7.30 -4.13 -17.81
CA MET C 379 -7.64 -3.74 -16.45
C MET C 379 -8.53 -4.77 -15.79
N ILE C 380 -9.21 -5.61 -16.59
CA ILE C 380 -10.08 -6.65 -16.04
C ILE C 380 -9.29 -7.64 -15.22
N PHE C 381 -8.07 -7.95 -15.68
CA PHE C 381 -7.19 -8.84 -14.93
C PHE C 381 -6.88 -8.27 -13.55
N PHE C 382 -6.58 -6.97 -13.50
CA PHE C 382 -6.20 -6.36 -12.22
C PHE C 382 -7.40 -6.22 -11.29
N VAL C 383 -8.59 -5.96 -11.84
CA VAL C 383 -9.78 -5.88 -10.99
C VAL C 383 -10.06 -7.22 -10.34
N VAL C 384 -10.02 -8.29 -11.13
CA VAL C 384 -10.26 -9.63 -10.60
C VAL C 384 -9.19 -10.01 -9.58
N VAL C 385 -7.93 -9.71 -9.91
CA VAL C 385 -6.84 -10.04 -9.00
C VAL C 385 -6.99 -9.30 -7.68
N ILE C 386 -7.27 -8.00 -7.74
CA ILE C 386 -7.45 -7.23 -6.51
C ILE C 386 -8.60 -7.81 -5.69
N PHE C 387 -9.77 -8.02 -6.32
CA PHE C 387 -10.94 -8.47 -5.58
C PHE C 387 -10.69 -9.84 -4.94
N LEU C 388 -10.07 -10.76 -5.66
CA LEU C 388 -9.91 -12.12 -5.14
C LEU C 388 -8.71 -12.21 -4.21
N GLY C 389 -7.52 -11.93 -4.71
CA GLY C 389 -6.33 -12.05 -3.89
C GLY C 389 -6.14 -10.93 -2.89
N SER C 390 -6.24 -9.68 -3.34
CA SER C 390 -5.92 -8.56 -2.46
C SER C 390 -6.94 -8.41 -1.34
N PHE C 391 -8.22 -8.65 -1.64
CA PHE C 391 -9.29 -8.39 -0.68
C PHE C 391 -9.76 -9.67 0.02
N TYR C 392 -10.02 -10.74 -0.74
CA TYR C 392 -10.62 -11.93 -0.15
C TYR C 392 -9.58 -12.79 0.56
N LEU C 393 -8.40 -12.96 -0.03
CA LEU C 393 -7.37 -13.78 0.60
C LEU C 393 -6.88 -13.14 1.90
N ILE C 394 -6.72 -11.82 1.90
CA ILE C 394 -6.38 -11.11 3.13
C ILE C 394 -7.51 -11.25 4.15
N ASN C 395 -8.76 -11.29 3.66
CA ASN C 395 -9.90 -11.43 4.56
C ASN C 395 -9.82 -12.72 5.37
N LEU C 396 -9.44 -13.82 4.70
CA LEU C 396 -9.37 -15.11 5.38
C LEU C 396 -8.25 -15.13 6.41
N ILE C 397 -7.13 -14.47 6.09
CA ILE C 397 -6.00 -14.43 7.02
C ILE C 397 -6.40 -13.71 8.31
N LEU C 398 -7.07 -12.57 8.17
CA LEU C 398 -7.54 -11.84 9.34
C LEU C 398 -8.61 -12.63 10.08
N ALA C 399 -9.48 -13.31 9.35
CA ALA C 399 -10.59 -14.04 9.98
C ALA C 399 -10.08 -15.23 10.79
N VAL C 400 -9.13 -15.97 10.24
CA VAL C 400 -8.67 -17.19 10.92
C VAL C 400 -7.90 -16.84 12.18
N VAL C 401 -7.07 -15.79 12.12
CA VAL C 401 -6.37 -15.33 13.32
C VAL C 401 -7.37 -14.81 14.34
N ALA C 402 -8.46 -14.21 13.86
CA ALA C 402 -9.50 -13.73 14.77
C ALA C 402 -10.14 -14.87 15.55
N MET C 403 -10.44 -15.98 14.88
CA MET C 403 -11.00 -17.13 15.59
C MET C 403 -9.97 -17.77 16.51
N ALA C 404 -8.70 -17.80 16.09
CA ALA C 404 -7.66 -18.43 16.90
C ALA C 404 -7.53 -17.74 18.25
N TYR C 405 -7.62 -16.42 18.27
CA TYR C 405 -7.48 -15.69 19.52
C TYR C 405 -8.77 -15.79 20.35
N GLU C 406 -9.92 -15.86 19.67
CA GLU C 406 -11.18 -16.08 20.37
C GLU C 406 -11.16 -17.38 21.15
N GLU C 407 -10.82 -18.49 20.49
CA GLU C 407 -10.77 -19.78 21.16
C GLU C 407 -9.70 -19.79 22.25
N GLN C 408 -8.58 -19.09 22.02
CA GLN C 408 -7.60 -18.92 23.07
C GLN C 408 -8.16 -18.09 24.22
N ASN C 409 -8.89 -17.01 23.90
CA ASN C 409 -9.49 -16.18 24.94
C ASN C 409 -10.57 -16.95 25.70
N GLN C 410 -11.41 -17.71 24.99
CA GLN C 410 -12.47 -18.47 25.65
C GLN C 410 -11.88 -19.53 26.58
N ALA C 411 -10.83 -20.22 26.12
CA ALA C 411 -10.19 -21.24 26.96
C ALA C 411 -9.51 -20.59 28.16
N ASN C 412 -8.95 -19.40 27.97
CA ASN C 412 -8.25 -18.71 29.05
C ASN C 412 -9.19 -18.42 30.23
N ILE C 413 -10.34 -17.81 29.93
CA ILE C 413 -11.27 -17.43 30.99
C ILE C 413 -11.97 -18.66 31.56
N GLU C 414 -12.21 -19.67 30.71
CA GLU C 414 -12.92 -20.86 31.17
C GLU C 414 -12.12 -21.61 32.23
N GLU C 415 -10.81 -21.77 32.02
CA GLU C 415 -9.97 -22.42 33.00
C GLU C 415 -9.60 -21.51 34.16
N ALA C 416 -9.68 -20.18 33.98
CA ALA C 416 -9.43 -19.26 35.07
C ALA C 416 -10.61 -19.22 36.04
N LYS C 417 -11.84 -19.23 35.51
CA LYS C 417 -13.03 -19.24 36.36
C LYS C 417 -13.12 -20.53 37.17
N GLN C 418 -12.76 -21.65 36.56
CA GLN C 418 -12.77 -22.94 37.25
C GLN C 418 -11.67 -22.99 38.31
N PRO C 728 -3.94 26.85 62.83
CA PRO C 728 -5.04 27.79 63.05
C PRO C 728 -5.45 28.51 61.77
N TYR C 729 -4.81 29.66 61.50
CA TYR C 729 -5.11 30.40 60.28
C TYR C 729 -4.79 29.58 59.04
N TRP C 730 -3.74 28.76 59.11
CA TRP C 730 -3.41 27.86 58.01
C TRP C 730 -4.58 26.95 57.68
N ILE C 731 -5.15 26.31 58.71
CA ILE C 731 -6.30 25.43 58.51
C ILE C 731 -7.46 26.20 57.90
N LYS C 732 -7.72 27.39 58.44
CA LYS C 732 -8.86 28.18 57.99
C LYS C 732 -8.73 28.52 56.51
N PHE C 733 -7.57 28.98 56.07
CA PHE C 733 -7.51 29.39 54.67
C PHE C 733 -7.32 28.20 53.74
N LYS C 734 -6.76 27.07 54.20
CA LYS C 734 -6.86 25.87 53.37
C LYS C 734 -8.29 25.43 53.15
N LYS C 735 -9.13 25.48 54.20
CA LYS C 735 -10.54 25.16 53.99
C LYS C 735 -11.23 26.19 53.10
N CYS C 736 -10.84 27.46 53.22
CA CYS C 736 -11.40 28.47 52.33
C CYS C 736 -11.05 28.18 50.87
N ILE C 737 -9.79 27.83 50.61
CA ILE C 737 -9.39 27.48 49.24
C ILE C 737 -10.11 26.22 48.77
N TYR C 738 -10.24 25.22 49.64
CA TYR C 738 -10.98 24.02 49.29
C TYR C 738 -12.42 24.34 48.90
N PHE C 739 -13.06 25.28 49.59
CA PHE C 739 -14.38 25.75 49.18
C PHE C 739 -14.31 26.53 47.86
N ILE C 740 -13.20 27.22 47.61
CA ILE C 740 -13.06 27.98 46.36
C ILE C 740 -13.04 27.04 45.17
N VAL C 741 -12.44 25.85 45.33
CA VAL C 741 -12.46 24.87 44.25
C VAL C 741 -13.85 24.24 44.18
N MET C 742 -14.67 24.75 43.27
CA MET C 742 -16.04 24.29 43.08
C MET C 742 -16.08 23.33 41.90
N ASP C 743 -16.73 22.18 42.09
CA ASP C 743 -16.90 21.24 40.99
C ASP C 743 -17.69 21.84 39.83
N PRO C 744 -18.85 22.48 40.04
CA PRO C 744 -19.58 23.04 38.89
C PRO C 744 -18.81 24.10 38.12
N PHE C 745 -17.99 24.91 38.79
CA PHE C 745 -17.41 26.10 38.18
C PHE C 745 -15.93 25.94 37.85
N VAL C 746 -15.11 25.59 38.83
CA VAL C 746 -13.66 25.59 38.63
C VAL C 746 -13.26 24.57 37.57
N ASP C 747 -13.81 23.35 37.65
CA ASP C 747 -13.49 22.33 36.66
C ASP C 747 -14.00 22.71 35.27
N LEU C 748 -15.22 23.25 35.19
CA LEU C 748 -15.74 23.69 33.89
C LEU C 748 -14.92 24.85 33.33
N ALA C 749 -14.51 25.78 34.21
CA ALA C 749 -13.66 26.88 33.75
C ALA C 749 -12.34 26.37 33.24
N ILE C 750 -11.75 25.39 33.93
CA ILE C 750 -10.48 24.81 33.49
C ILE C 750 -10.64 24.11 32.15
N THR C 751 -11.75 23.39 31.97
CA THR C 751 -12.01 22.73 30.69
C THR C 751 -12.14 23.74 29.57
N ILE C 752 -12.86 24.84 29.83
CA ILE C 752 -13.03 25.89 28.83
C ILE C 752 -11.68 26.51 28.49
N CYS C 753 -10.85 26.73 29.52
CA CYS C 753 -9.51 27.26 29.29
C CYS C 753 -8.67 26.32 28.46
N ILE C 754 -8.77 25.02 28.71
CA ILE C 754 -8.02 24.03 27.92
C ILE C 754 -8.46 24.09 26.45
N VAL C 755 -9.77 24.13 26.22
CA VAL C 755 -10.28 24.20 24.85
C VAL C 755 -9.81 25.48 24.16
N LEU C 756 -9.90 26.62 24.85
CA LEU C 756 -9.44 27.87 24.27
C LEU C 756 -7.94 27.83 23.98
N ASN C 757 -7.17 27.18 24.87
CA ASN C 757 -5.73 27.10 24.67
C ASN C 757 -5.41 26.29 23.41
N THR C 758 -6.01 25.10 23.27
CA THR C 758 -5.70 24.29 22.11
C THR C 758 -6.22 24.93 20.82
N LEU C 759 -7.29 25.71 20.91
CA LEU C 759 -7.72 26.48 19.75
C LEU C 759 -6.75 27.62 19.44
N PHE C 760 -6.10 28.16 20.47
CA PHE C 760 -5.20 29.29 20.29
C PHE C 760 -3.92 28.87 19.56
N MET C 761 -3.36 27.72 19.93
CA MET C 761 -2.15 27.23 19.30
C MET C 761 -2.39 26.62 17.92
N ALA C 762 -3.64 26.45 17.55
CA ALA C 762 -3.96 26.05 16.19
C ALA C 762 -3.93 27.20 15.21
N MET C 763 -3.71 28.41 15.71
CA MET C 763 -3.61 29.61 14.87
C MET C 763 -2.21 29.88 14.38
N GLU C 764 -1.21 29.09 14.78
CA GLU C 764 0.15 29.30 14.33
C GLU C 764 0.30 28.91 12.87
N HIS C 765 1.01 29.74 12.11
CA HIS C 765 1.24 29.49 10.69
C HIS C 765 2.53 30.19 10.29
N HIS C 766 3.06 29.80 9.12
CA HIS C 766 4.38 30.29 8.73
C HIS C 766 4.37 31.77 8.34
N PRO C 767 3.59 32.24 7.36
CA PRO C 767 3.66 33.68 7.06
C PRO C 767 2.95 34.51 8.11
N MET C 768 3.54 34.55 9.30
CA MET C 768 2.92 35.16 10.48
C MET C 768 3.68 36.42 10.86
N THR C 769 2.94 37.51 11.04
CA THR C 769 3.56 38.79 11.39
C THR C 769 3.98 38.80 12.86
N GLU C 770 4.83 39.76 13.21
CA GLU C 770 5.35 39.85 14.56
C GLU C 770 4.28 40.13 15.60
N GLU C 771 3.26 40.94 15.25
CA GLU C 771 2.18 41.21 16.18
C GLU C 771 1.41 39.93 16.50
N PHE C 772 1.16 39.10 15.49
CA PHE C 772 0.48 37.83 15.70
C PHE C 772 1.30 36.91 16.60
N LYS C 773 2.62 36.86 16.40
CA LYS C 773 3.48 36.07 17.27
C LYS C 773 3.45 36.60 18.70
N ASN C 774 3.45 37.91 18.88
CA ASN C 774 3.36 38.49 20.21
C ASN C 774 2.06 38.10 20.88
N VAL C 775 0.94 38.16 20.14
CA VAL C 775 -0.35 37.77 20.69
C VAL C 775 -0.34 36.30 21.09
N LEU C 776 0.20 35.43 20.24
CA LEU C 776 0.27 34.01 20.55
C LEU C 776 1.11 33.76 21.80
N ALA C 777 2.26 34.45 21.90
CA ALA C 777 3.13 34.27 23.05
C ALA C 777 2.48 34.74 24.34
N ILE C 778 1.81 35.90 24.32
CA ILE C 778 1.18 36.38 25.56
C ILE C 778 0.01 35.50 25.94
N GLY C 779 -0.74 34.99 24.96
CA GLY C 779 -1.81 34.06 25.27
C GLY C 779 -1.30 32.78 25.88
N ASN C 780 -0.22 32.23 25.31
CA ASN C 780 0.38 31.02 25.86
C ASN C 780 0.91 31.24 27.27
N LEU C 781 1.53 32.40 27.53
CA LEU C 781 2.00 32.72 28.88
C LEU C 781 0.83 32.85 29.86
N VAL C 782 -0.27 33.48 29.43
CA VAL C 782 -1.42 33.64 30.31
C VAL C 782 -2.02 32.28 30.66
N PHE C 783 -2.18 31.41 29.66
CA PHE C 783 -2.73 30.08 29.94
C PHE C 783 -1.83 29.31 30.88
N THR C 784 -0.51 29.38 30.67
CA THR C 784 0.42 28.69 31.55
C THR C 784 0.32 29.22 32.97
N GLY C 785 0.23 30.54 33.12
CA GLY C 785 0.07 31.11 34.45
C GLY C 785 -1.20 30.66 35.13
N ILE C 786 -2.31 30.60 34.39
CA ILE C 786 -3.56 30.15 34.99
C ILE C 786 -3.50 28.68 35.39
N PHE C 787 -2.91 27.83 34.55
CA PHE C 787 -2.83 26.41 34.91
C PHE C 787 -1.90 26.20 36.10
N ALA C 788 -0.79 26.96 36.16
CA ALA C 788 0.08 26.89 37.33
C ALA C 788 -0.63 27.37 38.59
N ALA C 789 -1.44 28.43 38.48
CA ALA C 789 -2.21 28.90 39.62
C ALA C 789 -3.19 27.82 40.09
N GLU C 790 -3.85 27.15 39.15
CA GLU C 790 -4.74 26.04 39.52
C GLU C 790 -3.98 24.95 40.25
N MET C 791 -2.81 24.59 39.74
CA MET C 791 -2.01 23.54 40.37
C MET C 791 -1.63 23.94 41.80
N VAL C 792 -1.18 25.18 41.98
CA VAL C 792 -0.76 25.64 43.29
C VAL C 792 -1.95 25.67 44.25
N LEU C 793 -3.09 26.16 43.79
CA LEU C 793 -4.28 26.22 44.65
C LEU C 793 -4.72 24.82 45.07
N LYS C 794 -4.71 23.87 44.13
CA LYS C 794 -5.10 22.51 44.48
C LYS C 794 -4.08 21.85 45.41
N LEU C 795 -2.79 22.20 45.24
CA LEU C 795 -1.76 21.61 46.09
C LEU C 795 -1.80 22.16 47.50
N ILE C 796 -2.19 23.42 47.66
CA ILE C 796 -2.24 23.99 49.01
C ILE C 796 -3.59 23.74 49.67
N ALA C 797 -4.65 23.50 48.89
CA ALA C 797 -5.97 23.24 49.46
C ALA C 797 -6.01 21.88 50.13
N MET C 798 -5.79 20.82 49.35
CA MET C 798 -5.69 19.49 49.93
C MET C 798 -4.22 19.06 49.93
N ASP C 799 -3.88 18.15 50.85
CA ASP C 799 -2.48 17.92 51.19
C ASP C 799 -1.70 17.39 49.99
N PRO C 800 -0.44 17.80 49.86
CA PRO C 800 0.39 17.28 48.75
C PRO C 800 0.48 15.77 48.72
N TYR C 801 0.55 15.12 49.88
CA TYR C 801 0.51 13.66 49.91
C TYR C 801 -0.81 13.15 49.36
N GLU C 802 -1.92 13.82 49.69
CA GLU C 802 -3.21 13.46 49.10
C GLU C 802 -3.28 13.88 47.64
N TYR C 803 -2.52 14.92 47.26
CA TYR C 803 -2.59 15.43 45.90
C TYR C 803 -2.03 14.44 44.89
N PHE C 804 -0.85 13.87 45.17
CA PHE C 804 -0.21 12.94 44.26
C PHE C 804 -0.82 11.55 44.31
N GLN C 805 -1.94 11.37 45.00
CA GLN C 805 -2.63 10.09 44.98
C GLN C 805 -3.37 9.89 43.66
N VAL C 806 -3.90 10.97 43.09
CA VAL C 806 -4.63 10.89 41.85
C VAL C 806 -3.67 11.01 40.67
N GLY C 807 -3.78 10.09 39.72
CA GLY C 807 -2.91 10.13 38.56
C GLY C 807 -3.09 11.36 37.69
N TRP C 808 -4.33 11.86 37.59
CA TRP C 808 -4.59 13.05 36.81
C TRP C 808 -3.85 14.25 37.38
N ASN C 809 -3.79 14.36 38.71
CA ASN C 809 -3.04 15.43 39.35
C ASN C 809 -1.55 15.32 39.04
N ILE C 810 -1.03 14.10 39.03
CA ILE C 810 0.39 13.90 38.70
C ILE C 810 0.65 14.31 37.25
N PHE C 811 -0.25 13.94 36.34
CA PHE C 811 -0.08 14.32 34.94
C PHE C 811 -0.13 15.84 34.78
N ASP C 812 -1.07 16.49 35.48
CA ASP C 812 -1.15 17.95 35.42
C ASP C 812 0.12 18.60 35.97
N SER C 813 0.65 18.05 37.07
CA SER C 813 1.88 18.60 37.64
C SER C 813 3.06 18.44 36.69
N LEU C 814 3.15 17.29 36.03
CA LEU C 814 4.22 17.08 35.05
C LEU C 814 4.09 18.06 33.89
N ILE C 815 2.86 18.28 33.41
CA ILE C 815 2.66 19.23 32.31
C ILE C 815 3.05 20.63 32.75
N VAL C 816 2.65 21.03 33.97
CA VAL C 816 2.96 22.36 34.46
C VAL C 816 4.47 22.56 34.60
N THR C 817 5.17 21.56 35.16
CA THR C 817 6.60 21.73 35.35
C THR C 817 7.35 21.72 34.02
N LEU C 818 6.86 20.94 33.04
CA LEU C 818 7.44 21.00 31.70
C LEU C 818 7.25 22.38 31.08
N SER C 819 6.05 22.95 31.24
CA SER C 819 5.80 24.30 30.72
C SER C 819 6.70 25.33 31.41
N LEU C 820 6.89 25.21 32.72
CA LEU C 820 7.77 26.13 33.43
C LEU C 820 9.22 25.99 32.97
N VAL C 821 9.68 24.76 32.77
CA VAL C 821 11.04 24.55 32.28
C VAL C 821 11.20 25.17 30.89
N GLU C 822 10.21 25.01 30.02
CA GLU C 822 10.26 25.68 28.73
C GLU C 822 10.28 27.19 28.88
N LEU C 823 9.52 27.72 29.85
CA LEU C 823 9.49 29.16 30.06
C LEU C 823 10.85 29.70 30.51
N PHE C 824 11.54 28.97 31.38
CA PHE C 824 12.86 29.42 31.83
C PHE C 824 13.85 29.45 30.69
N LEU C 825 13.81 28.45 29.80
CA LEU C 825 14.70 28.41 28.65
C LEU C 825 14.46 29.57 27.70
N LEU C 831 12.98 24.02 24.09
CA LEU C 831 13.11 23.54 22.73
C LEU C 831 11.81 23.70 21.96
N SER C 832 11.84 23.37 20.67
CA SER C 832 10.67 23.48 19.83
C SER C 832 9.65 22.37 20.11
N VAL C 833 10.14 21.16 20.35
CA VAL C 833 9.25 20.04 20.64
C VAL C 833 8.61 20.21 22.02
N LEU C 834 9.36 20.81 22.96
CA LEU C 834 8.84 20.98 24.31
C LEU C 834 7.63 21.92 24.35
N ARG C 835 7.54 22.82 23.37
CA ARG C 835 6.38 23.71 23.30
C ARG C 835 5.11 22.95 22.97
N SER C 836 5.24 21.76 22.40
CA SER C 836 4.09 20.94 22.04
C SER C 836 3.67 19.98 23.14
N PHE C 837 4.35 19.99 24.29
CA PHE C 837 3.97 19.09 25.38
C PHE C 837 2.74 19.60 26.13
N ARG C 838 2.39 20.86 25.95
CA ARG C 838 1.16 21.38 26.53
C ARG C 838 -0.07 21.02 25.70
N LEU C 839 0.09 20.22 24.63
CA LEU C 839 -1.02 19.70 23.85
C LEU C 839 -1.72 18.53 24.54
N LEU C 840 -1.03 17.88 25.47
CA LEU C 840 -1.55 16.68 26.13
C LEU C 840 -2.59 16.99 27.19
N ARG C 841 -2.79 18.27 27.52
CA ARG C 841 -3.87 18.65 28.43
C ARG C 841 -5.24 18.42 27.81
N VAL C 842 -5.30 18.25 26.48
CA VAL C 842 -6.57 17.95 25.81
C VAL C 842 -7.10 16.61 26.30
N PHE C 843 -6.22 15.71 26.74
CA PHE C 843 -6.67 14.42 27.22
C PHE C 843 -7.42 14.52 28.54
N LYS C 844 -7.39 15.68 29.20
CA LYS C 844 -8.15 15.86 30.43
C LYS C 844 -9.65 15.87 30.19
N LEU C 845 -10.10 16.12 28.96
CA LEU C 845 -11.52 16.03 28.65
C LEU C 845 -12.04 14.59 28.67
N ALA C 846 -11.15 13.60 28.71
CA ALA C 846 -11.56 12.20 28.72
C ALA C 846 -12.31 11.81 29.98
N LYS C 847 -12.24 12.63 31.04
CA LYS C 847 -13.02 12.35 32.24
C LYS C 847 -14.52 12.40 31.94
N SER C 848 -14.95 13.36 31.12
CA SER C 848 -16.34 13.50 30.73
C SER C 848 -16.62 12.99 29.33
N TRP C 849 -15.60 12.88 28.47
CA TRP C 849 -15.79 12.45 27.10
C TRP C 849 -15.58 10.94 27.06
N PRO C 850 -16.61 10.14 26.76
CA PRO C 850 -16.47 8.68 26.95
C PRO C 850 -15.70 7.97 25.85
N THR C 851 -15.80 8.42 24.60
CA THR C 851 -15.09 7.76 23.52
C THR C 851 -13.63 8.19 23.41
N LEU C 852 -13.24 9.29 24.05
CA LEU C 852 -11.83 9.59 24.22
C LEU C 852 -11.21 8.73 25.31
N ASN C 853 -11.97 8.45 26.37
CA ASN C 853 -11.54 7.49 27.37
C ASN C 853 -11.35 6.10 26.79
N MET C 854 -12.13 5.73 25.76
CA MET C 854 -11.89 4.48 25.07
C MET C 854 -10.52 4.44 24.42
N LEU C 855 -10.12 5.53 23.77
CA LEU C 855 -8.77 5.60 23.20
C LEU C 855 -7.72 5.56 24.30
N ILE C 856 -7.97 6.21 25.43
CA ILE C 856 -7.03 6.18 26.54
C ILE C 856 -6.84 4.76 27.04
N LYS C 857 -7.93 4.01 27.19
CA LYS C 857 -7.83 2.62 27.62
C LYS C 857 -7.16 1.74 26.58
N ILE C 858 -7.42 2.00 25.29
CA ILE C 858 -6.77 1.22 24.23
C ILE C 858 -5.25 1.41 24.28
N ILE C 859 -4.81 2.67 24.41
CA ILE C 859 -3.38 2.94 24.51
C ILE C 859 -2.83 2.39 25.82
N GLY C 860 -3.60 2.49 26.89
CA GLY C 860 -3.14 2.01 28.18
C GLY C 860 -2.96 0.50 28.22
N ASN C 861 -3.84 -0.21 27.51
CA ASN C 861 -3.78 -1.68 27.50
C ASN C 861 -2.56 -2.20 26.77
N SER C 862 -2.21 -1.56 25.66
CA SER C 862 -1.08 -2.00 24.86
C SER C 862 0.16 -2.07 25.72
N VAL C 863 0.31 -1.12 26.63
CA VAL C 863 1.46 -1.12 27.52
C VAL C 863 1.15 -1.78 28.85
N GLY C 864 -0.11 -2.14 29.05
CA GLY C 864 -0.50 -2.76 30.31
C GLY C 864 -0.79 -4.24 30.17
N ALA C 865 -2.07 -4.60 30.16
CA ALA C 865 -2.44 -6.01 30.03
C ALA C 865 -1.74 -6.66 28.84
N LEU C 866 -1.42 -5.86 27.84
CA LEU C 866 -0.77 -6.39 26.65
C LEU C 866 0.69 -5.96 26.53
N GLY C 867 1.30 -5.59 27.65
CA GLY C 867 2.66 -5.08 27.56
C GLY C 867 3.64 -6.10 27.02
N ASN C 868 3.42 -7.38 27.35
CA ASN C 868 4.35 -8.43 26.92
C ASN C 868 4.28 -8.62 25.41
N LEU C 869 3.09 -8.54 24.81
CA LEU C 869 2.98 -8.69 23.37
C LEU C 869 3.67 -7.53 22.64
N THR C 870 3.48 -6.30 23.16
CA THR C 870 4.17 -5.16 22.57
C THR C 870 5.68 -5.29 22.74
N LEU C 871 6.13 -5.81 23.88
CA LEU C 871 7.55 -6.04 24.08
C LEU C 871 8.10 -7.06 23.08
N VAL C 872 7.33 -8.13 22.83
CA VAL C 872 7.73 -9.12 21.84
C VAL C 872 7.84 -8.48 20.46
N LEU C 873 6.86 -7.65 20.10
CA LEU C 873 6.91 -6.96 18.81
C LEU C 873 8.14 -6.07 18.71
N ALA C 874 8.45 -5.34 19.77
CA ALA C 874 9.63 -4.47 19.78
C ALA C 874 10.91 -5.28 19.64
N ILE C 875 11.00 -6.42 20.34
CA ILE C 875 12.18 -7.27 20.26
C ILE C 875 12.34 -7.81 18.84
N ILE C 876 11.23 -8.22 18.22
CA ILE C 876 11.29 -8.76 16.87
C ILE C 876 11.74 -7.69 15.89
N VAL C 877 11.21 -6.48 16.02
CA VAL C 877 11.62 -5.38 15.14
C VAL C 877 13.11 -5.08 15.32
N PHE C 878 13.57 -5.05 16.58
CA PHE C 878 14.98 -4.81 16.85
C PHE C 878 15.85 -5.89 16.23
N ILE C 879 15.45 -7.15 16.38
CA ILE C 879 16.23 -8.26 15.84
C ILE C 879 16.30 -8.18 14.33
N PHE C 880 15.17 -7.89 13.68
CA PHE C 880 15.18 -7.76 12.23
C PHE C 880 16.06 -6.61 11.78
N ALA C 881 16.01 -5.49 12.49
CA ALA C 881 16.83 -4.34 12.13
C ALA C 881 18.32 -4.67 12.23
N VAL C 882 18.74 -5.28 13.34
CA VAL C 882 20.16 -5.56 13.51
C VAL C 882 20.61 -6.66 12.54
N VAL C 883 19.77 -7.66 12.29
CA VAL C 883 20.11 -8.70 11.32
C VAL C 883 20.29 -8.10 9.94
N GLY C 884 19.37 -7.23 9.53
CA GLY C 884 19.50 -6.57 8.23
C GLY C 884 20.75 -5.73 8.15
N MET C 885 21.07 -4.99 9.21
CA MET C 885 22.24 -4.13 9.19
C MET C 885 23.52 -4.97 9.09
N GLN C 886 23.60 -6.05 9.87
CA GLN C 886 24.77 -6.92 9.79
C GLN C 886 24.89 -7.58 8.42
N LEU C 887 23.78 -8.05 7.86
CA LEU C 887 23.85 -8.81 6.61
C LEU C 887 24.15 -7.92 5.42
N PHE C 888 23.50 -6.76 5.31
CA PHE C 888 23.56 -5.97 4.10
C PHE C 888 24.18 -4.59 4.26
N GLY C 889 24.60 -4.20 5.46
CA GLY C 889 25.09 -2.86 5.69
C GLY C 889 26.33 -2.50 4.90
N LYS C 890 27.31 -3.40 4.88
CA LYS C 890 28.50 -3.15 4.09
C LYS C 890 28.22 -3.29 2.61
N SER C 891 27.27 -4.15 2.23
CA SER C 891 26.90 -4.29 0.84
C SER C 891 26.35 -3.00 0.27
N TYR C 892 25.53 -2.28 1.07
CA TYR C 892 25.02 -1.00 0.62
C TYR C 892 26.15 0.00 0.35
N LYS C 893 27.17 0.02 1.21
CA LYS C 893 28.26 0.98 1.04
C LYS C 893 29.16 0.62 -0.14
N GLU C 894 29.55 -0.66 -0.25
CA GLU C 894 30.46 -1.05 -1.34
C GLU C 894 29.74 -1.06 -2.68
N CYS C 895 28.52 -1.58 -2.72
CA CYS C 895 27.76 -1.72 -3.96
C CYS C 895 26.87 -0.51 -4.22
N VAL C 896 27.26 0.67 -3.73
CA VAL C 896 26.35 1.81 -3.71
C VAL C 896 26.07 2.32 -5.12
N CYS C 897 27.08 2.27 -6.00
CA CYS C 897 26.93 2.87 -7.32
C CYS C 897 25.93 2.12 -8.19
N LYS C 898 25.53 0.91 -7.80
CA LYS C 898 24.53 0.17 -8.56
C LYS C 898 23.13 0.72 -8.31
N ILE C 899 22.91 1.33 -7.15
CA ILE C 899 21.58 1.84 -6.79
C ILE C 899 21.53 3.35 -6.70
N ASN C 900 22.59 4.05 -7.14
CA ASN C 900 22.62 5.50 -7.06
C ASN C 900 23.63 6.03 -8.06
N ASP C 901 23.21 6.99 -8.88
CA ASP C 901 24.10 7.56 -9.89
C ASP C 901 25.21 8.40 -9.26
N ASP C 902 24.92 9.06 -8.13
CA ASP C 902 25.90 9.89 -7.44
C ASP C 902 26.85 9.06 -6.57
N CYS C 903 26.67 7.75 -6.51
CA CYS C 903 27.48 6.86 -5.68
C CYS C 903 27.45 7.30 -4.22
N THR C 904 26.25 7.67 -3.75
CA THR C 904 26.00 7.99 -2.36
C THR C 904 24.82 7.16 -1.87
N LEU C 905 24.75 6.97 -0.56
CA LEU C 905 23.73 6.11 0.00
C LEU C 905 22.34 6.65 -0.30
N PRO C 906 21.38 5.80 -0.66
CA PRO C 906 20.02 6.28 -0.91
C PRO C 906 19.31 6.69 0.36
N ARG C 907 18.05 7.11 0.23
CA ARG C 907 17.29 7.52 1.41
C ARG C 907 17.05 6.34 2.35
N TRP C 908 16.79 5.16 1.79
CA TRP C 908 16.56 3.96 2.57
C TRP C 908 17.68 2.96 2.34
N HIS C 909 18.31 2.53 3.43
CA HIS C 909 19.43 1.61 3.38
C HIS C 909 19.59 0.99 4.76
N MET C 910 20.50 0.01 4.86
CA MET C 910 20.76 -0.67 6.12
C MET C 910 22.21 -0.53 6.56
N ASN C 911 22.86 0.59 6.22
CA ASN C 911 24.26 0.77 6.58
C ASN C 911 24.44 0.95 8.08
N ASP C 912 23.48 1.59 8.74
CA ASP C 912 23.52 1.80 10.18
C ASP C 912 22.20 1.37 10.79
N PHE C 913 22.15 1.37 12.13
CA PHE C 913 21.02 0.78 12.83
C PHE C 913 19.73 1.58 12.62
N PHE C 914 19.83 2.92 12.62
CA PHE C 914 18.62 3.73 12.52
C PHE C 914 17.92 3.54 11.19
N HIS C 915 18.69 3.55 10.09
CA HIS C 915 18.09 3.37 8.77
C HIS C 915 17.61 1.94 8.57
N SER C 916 18.33 0.98 9.14
CA SER C 916 17.88 -0.41 9.09
C SER C 916 16.56 -0.59 9.82
N PHE C 917 16.40 0.05 10.98
CA PHE C 917 15.13 0.02 11.69
C PHE C 917 14.03 0.71 10.90
N LEU C 918 14.37 1.82 10.23
CA LEU C 918 13.39 2.50 9.40
C LEU C 918 12.91 1.60 8.27
N ILE C 919 13.81 0.83 7.67
CA ILE C 919 13.41 -0.08 6.60
C ILE C 919 12.44 -1.14 7.13
N VAL C 920 12.74 -1.71 8.30
CA VAL C 920 11.86 -2.72 8.89
C VAL C 920 10.50 -2.12 9.22
N PHE C 921 10.49 -0.91 9.78
CA PHE C 921 9.23 -0.24 10.09
C PHE C 921 8.42 0.03 8.82
N ARG C 922 9.09 0.44 7.74
CA ARG C 922 8.41 0.69 6.49
C ARG C 922 7.85 -0.61 5.91
N VAL C 923 8.58 -1.71 6.05
CA VAL C 923 8.06 -3.01 5.62
C VAL C 923 6.81 -3.37 6.42
N LEU C 924 6.83 -3.11 7.73
CA LEU C 924 5.65 -3.33 8.55
C LEU C 924 4.49 -2.45 8.10
N CYS C 925 4.79 -1.24 7.62
CA CYS C 925 3.75 -0.36 7.10
C CYS C 925 3.15 -0.88 5.80
N GLY C 926 3.84 -1.78 5.09
CA GLY C 926 3.33 -2.38 3.88
C GLY C 926 4.12 -2.07 2.63
N GLU C 927 5.25 -1.37 2.73
CA GLU C 927 6.08 -1.04 1.58
C GLU C 927 7.41 -1.79 1.70
N TRP C 928 7.60 -2.79 0.84
CA TRP C 928 8.81 -3.60 0.90
C TRP C 928 9.47 -3.79 -0.45
N ILE C 929 8.72 -3.65 -1.54
CA ILE C 929 9.23 -4.02 -2.86
C ILE C 929 10.33 -3.06 -3.32
N GLU C 930 10.15 -1.76 -3.07
CA GLU C 930 11.09 -0.77 -3.58
C GLU C 930 12.45 -0.85 -2.89
N THR C 931 12.46 -1.07 -1.56
CA THR C 931 13.73 -1.27 -0.87
C THR C 931 14.31 -2.64 -1.17
N MET C 932 13.45 -3.63 -1.43
CA MET C 932 13.95 -4.97 -1.73
C MET C 932 14.64 -5.01 -3.08
N TRP C 933 14.22 -4.16 -4.02
CA TRP C 933 14.94 -4.05 -5.29
C TRP C 933 16.38 -3.62 -5.05
N ASP C 934 16.58 -2.58 -4.24
CA ASP C 934 17.92 -2.10 -3.94
C ASP C 934 18.72 -3.15 -3.18
N CYS C 935 18.07 -3.85 -2.24
CA CYS C 935 18.74 -4.90 -1.50
C CYS C 935 19.23 -5.99 -2.44
N MET C 936 18.37 -6.41 -3.37
CA MET C 936 18.76 -7.47 -4.30
C MET C 936 19.84 -6.99 -5.24
N GLU C 937 19.87 -5.70 -5.57
CA GLU C 937 20.94 -5.17 -6.40
C GLU C 937 22.27 -5.15 -5.66
N VAL C 938 22.28 -4.85 -4.37
CA VAL C 938 23.55 -4.70 -3.66
C VAL C 938 24.04 -5.99 -3.03
N ALA C 939 23.16 -6.96 -2.78
CA ALA C 939 23.52 -8.13 -1.98
C ALA C 939 22.99 -9.44 -2.54
N GLY C 940 22.40 -9.43 -3.73
CA GLY C 940 21.92 -10.69 -4.27
C GLY C 940 20.45 -10.91 -3.98
N GLN C 941 19.85 -11.83 -4.74
CA GLN C 941 18.41 -12.02 -4.70
C GLN C 941 17.99 -12.93 -3.54
N ALA C 942 18.73 -14.03 -3.34
CA ALA C 942 18.28 -15.06 -2.40
C ALA C 942 18.23 -14.55 -0.97
N MET C 943 19.32 -13.93 -0.50
CA MET C 943 19.38 -13.49 0.89
C MET C 943 18.36 -12.40 1.17
N CYS C 944 18.28 -11.40 0.29
CA CYS C 944 17.32 -10.32 0.49
C CYS C 944 15.90 -10.82 0.43
N LEU C 945 15.59 -11.73 -0.51
CA LEU C 945 14.26 -12.31 -0.57
C LEU C 945 13.91 -13.06 0.69
N ILE C 946 14.82 -13.90 1.20
CA ILE C 946 14.53 -14.64 2.43
C ILE C 946 14.30 -13.68 3.60
N VAL C 947 15.18 -12.68 3.74
CA VAL C 947 15.07 -11.77 4.88
C VAL C 947 13.78 -10.97 4.80
N TYR C 948 13.45 -10.45 3.62
CA TYR C 948 12.25 -9.63 3.48
C TYR C 948 10.99 -10.46 3.67
N MET C 949 10.98 -11.70 3.17
CA MET C 949 9.81 -12.55 3.36
C MET C 949 9.62 -12.90 4.83
N MET C 950 10.72 -13.21 5.53
CA MET C 950 10.63 -13.51 6.95
C MET C 950 10.13 -12.31 7.73
N VAL C 951 10.67 -11.12 7.43
CA VAL C 951 10.22 -9.91 8.10
C VAL C 951 8.74 -9.68 7.86
N MET C 952 8.31 -9.77 6.59
CA MET C 952 6.91 -9.56 6.27
C MET C 952 6.02 -10.51 7.05
N VAL C 953 6.29 -11.81 6.96
CA VAL C 953 5.45 -12.83 7.60
C VAL C 953 5.40 -12.60 9.11
N ILE C 954 6.55 -12.66 9.78
CA ILE C 954 6.57 -12.61 11.24
C ILE C 954 6.06 -11.27 11.75
N GLY C 955 6.56 -10.17 11.18
CA GLY C 955 6.15 -8.86 11.66
C GLY C 955 4.67 -8.60 11.47
N ASN C 956 4.14 -8.93 10.29
CA ASN C 956 2.72 -8.74 10.06
C ASN C 956 1.89 -9.63 10.98
N LEU C 957 2.34 -10.85 11.23
CA LEU C 957 1.62 -11.74 12.13
C LEU C 957 1.57 -11.16 13.54
N VAL C 958 2.69 -10.65 14.03
CA VAL C 958 2.73 -10.11 15.39
C VAL C 958 1.92 -8.82 15.49
N VAL C 959 2.01 -7.97 14.47
CA VAL C 959 1.22 -6.74 14.46
C VAL C 959 -0.27 -7.06 14.45
N LEU C 960 -0.67 -8.04 13.63
CA LEU C 960 -2.06 -8.45 13.59
C LEU C 960 -2.51 -9.02 14.92
N ASN C 961 -1.67 -9.82 15.58
CA ASN C 961 -2.01 -10.36 16.89
C ASN C 961 -2.19 -9.26 17.92
N LEU C 962 -1.28 -8.28 17.94
CA LEU C 962 -1.41 -7.16 18.88
C LEU C 962 -2.67 -6.37 18.62
N PHE C 963 -2.96 -6.08 17.34
CA PHE C 963 -4.16 -5.34 16.98
C PHE C 963 -5.41 -6.10 17.43
N LEU C 964 -5.45 -7.41 17.17
CA LEU C 964 -6.62 -8.20 17.51
C LEU C 964 -6.81 -8.27 19.02
N ALA C 965 -5.73 -8.47 19.77
CA ALA C 965 -5.84 -8.54 21.22
C ALA C 965 -6.30 -7.22 21.80
N LEU C 966 -5.73 -6.10 21.33
CA LEU C 966 -6.18 -4.79 21.78
C LEU C 966 -7.65 -4.58 21.47
N LEU C 967 -8.06 -4.86 20.23
CA LEU C 967 -9.45 -4.72 19.84
C LEU C 967 -10.37 -5.49 20.77
N LEU C 968 -10.10 -6.78 20.95
CA LEU C 968 -11.05 -7.64 21.66
C LEU C 968 -11.06 -7.31 23.16
N SER C 969 -9.88 -7.04 23.73
CA SER C 969 -9.80 -6.64 25.13
C SER C 969 -10.60 -5.38 25.37
N SER C 970 -10.25 -4.28 24.68
CA SER C 970 -10.94 -3.02 24.88
C SER C 970 -12.40 -3.08 24.46
N PHE C 971 -12.78 -4.06 23.64
CA PHE C 971 -14.17 -4.18 23.23
C PHE C 971 -15.01 -4.86 24.30
N SER C 972 -14.66 -6.10 24.64
CA SER C 972 -15.49 -6.92 25.50
C SER C 972 -15.01 -7.08 26.93
N SER C 973 -13.69 -7.13 27.16
CA SER C 973 -13.20 -7.43 28.50
C SER C 973 -13.18 -6.18 29.37
N ASP C 974 -12.85 -5.03 28.79
CA ASP C 974 -12.74 -3.81 29.58
C ASP C 974 -14.11 -3.26 29.96
N ASN C 975 -15.06 -3.30 29.02
CA ASN C 975 -16.38 -2.71 29.24
C ASN C 975 -17.32 -3.75 29.84
N LEU C 976 -17.72 -3.53 31.10
CA LEU C 976 -18.66 -4.42 31.77
C LEU C 976 -19.72 -3.66 32.56
N THR C 977 -19.75 -2.32 32.43
CA THR C 977 -20.67 -1.47 33.19
C THR C 977 -20.58 -1.75 34.68
N ALA C 978 -19.35 -1.90 35.19
CA ALA C 978 -19.16 -2.18 36.60
C ALA C 978 -19.65 -1.03 37.47
N ILE C 979 -19.36 0.21 37.06
CA ILE C 979 -19.79 1.38 37.80
C ILE C 979 -20.87 2.11 37.00
N GLU C 980 -21.53 3.08 37.64
CA GLU C 980 -22.56 3.86 36.98
C GLU C 980 -21.92 4.79 35.95
N GLU C 981 -22.78 5.41 35.14
CA GLU C 981 -22.31 6.43 34.20
C GLU C 981 -21.87 7.65 35.00
N ASP C 982 -20.56 7.84 35.15
CA ASP C 982 -19.99 8.79 36.09
C ASP C 982 -20.58 8.53 37.48
N PRO C 983 -20.14 7.47 38.17
CA PRO C 983 -20.78 7.11 39.44
C PRO C 983 -20.78 8.24 40.45
N ASP C 984 -19.61 8.86 40.68
CA ASP C 984 -19.57 10.16 41.35
C ASP C 984 -20.12 11.18 40.36
N ALA C 985 -21.15 11.92 40.79
CA ALA C 985 -21.82 12.88 39.90
C ALA C 985 -20.81 13.79 39.23
N ASN C 986 -20.69 13.68 37.92
CA ASN C 986 -19.67 14.41 37.17
C ASN C 986 -19.86 15.91 37.34
N ASN C 987 -18.74 16.61 37.58
CA ASN C 987 -18.80 18.06 37.77
C ASN C 987 -19.41 18.75 36.56
N LEU C 988 -19.13 18.23 35.35
CA LEU C 988 -19.81 18.75 34.16
C LEU C 988 -21.31 18.50 34.24
N GLN C 989 -21.71 17.30 34.70
CA GLN C 989 -23.13 17.00 34.83
C GLN C 989 -23.79 17.81 35.93
N ILE C 990 -23.09 18.05 37.04
CA ILE C 990 -23.64 18.90 38.11
C ILE C 990 -23.80 20.33 37.60
N ALA C 991 -22.83 20.83 36.85
CA ALA C 991 -22.96 22.15 36.25
C ALA C 991 -24.10 22.20 35.24
N VAL C 992 -24.31 21.12 34.49
CA VAL C 992 -25.42 21.07 33.55
C VAL C 992 -26.75 21.10 34.29
N THR C 993 -26.84 20.39 35.42
CA THR C 993 -28.05 20.45 36.24
C THR C 993 -28.27 21.86 36.79
N ARG C 994 -27.19 22.52 37.24
CA ARG C 994 -27.32 23.90 37.71
C ARG C 994 -27.79 24.82 36.60
N ILE C 995 -27.32 24.59 35.37
CA ILE C 995 -27.76 25.37 34.23
C ILE C 995 -29.24 25.12 33.94
N LYS C 996 -29.65 23.85 33.98
CA LYS C 996 -31.05 23.50 33.78
C LYS C 996 -31.94 24.18 34.81
N LYS C 997 -31.44 24.32 36.03
CA LYS C 997 -32.16 25.10 37.04
C LYS C 997 -32.21 26.57 36.65
N GLY C 998 -31.05 27.20 36.51
CA GLY C 998 -30.94 28.63 36.34
C GLY C 998 -31.54 29.22 35.08
N ILE C 999 -31.19 28.68 33.92
CA ILE C 999 -31.70 29.23 32.67
C ILE C 999 -33.22 29.07 32.60
N ASN C 1000 -33.72 27.89 32.94
CA ASN C 1000 -35.16 27.65 32.91
C ASN C 1000 -35.88 28.57 33.90
N TYR C 1001 -35.34 28.73 35.11
CA TYR C 1001 -35.99 29.56 36.11
C TYR C 1001 -36.01 31.02 35.69
N VAL C 1002 -34.89 31.51 35.17
CA VAL C 1002 -34.83 32.90 34.72
C VAL C 1002 -35.78 33.14 33.56
N LYS C 1003 -35.84 32.20 32.62
CA LYS C 1003 -36.75 32.35 31.49
C LYS C 1003 -38.21 32.34 31.95
N GLN C 1004 -38.54 31.46 32.89
CA GLN C 1004 -39.90 31.43 33.43
C GLN C 1004 -40.25 32.72 34.15
N THR C 1005 -39.31 33.25 34.94
CA THR C 1005 -39.56 34.51 35.63
C THR C 1005 -39.71 35.66 34.64
N LEU C 1006 -38.94 35.64 33.56
CA LEU C 1006 -39.10 36.66 32.52
C LEU C 1006 -40.47 36.56 31.86
N ARG C 1007 -40.93 35.34 31.58
CA ARG C 1007 -42.28 35.16 31.04
C ARG C 1007 -43.34 35.68 32.01
N GLU C 1008 -43.17 35.39 33.30
CA GLU C 1008 -44.12 35.88 34.30
C GLU C 1008 -44.13 37.41 34.35
N PHE C 1009 -42.94 38.03 34.28
CA PHE C 1009 -42.86 39.48 34.29
C PHE C 1009 -43.53 40.07 33.06
N ILE C 1010 -43.35 39.44 31.90
CA ILE C 1010 -44.02 39.90 30.68
C ILE C 1010 -45.53 39.80 30.83
N LEU C 1011 -46.01 38.68 31.39
CA LEU C 1011 -47.45 38.51 31.60
C LEU C 1011 -47.99 39.57 32.56
N LYS C 1012 -47.25 39.87 33.64
CA LYS C 1012 -47.68 40.91 34.56
C LYS C 1012 -47.71 42.27 33.88
N ALA C 1013 -46.72 42.56 33.04
CA ALA C 1013 -46.67 43.85 32.37
C ALA C 1013 -47.87 44.04 31.44
N PHE C 1014 -48.25 43.00 30.71
CA PHE C 1014 -49.38 43.09 29.80
C PHE C 1014 -50.63 42.49 30.42
N GLY C 1175 -66.95 16.80 -4.68
CA GLY C 1175 -65.55 16.87 -5.03
C GLY C 1175 -64.88 15.51 -5.07
N LYS C 1176 -65.68 14.46 -5.29
CA LYS C 1176 -65.14 13.11 -5.36
C LYS C 1176 -64.26 12.91 -6.59
N ILE C 1177 -64.45 13.75 -7.62
CA ILE C 1177 -63.69 13.61 -8.85
C ILE C 1177 -62.20 13.81 -8.60
N TRP C 1178 -61.83 14.79 -7.77
CA TRP C 1178 -60.42 14.98 -7.45
C TRP C 1178 -59.85 13.77 -6.72
N TRP C 1179 -60.65 13.16 -5.84
CA TRP C 1179 -60.21 11.94 -5.18
C TRP C 1179 -60.00 10.80 -6.17
N ASN C 1180 -60.88 10.68 -7.18
CA ASN C 1180 -60.68 9.68 -8.22
C ASN C 1180 -59.41 9.96 -9.02
N ILE C 1181 -59.12 11.24 -9.30
CA ILE C 1181 -57.88 11.59 -9.99
C ILE C 1181 -56.67 11.18 -9.14
N ARG C 1182 -56.71 11.46 -7.84
CA ARG C 1182 -55.62 11.04 -6.97
C ARG C 1182 -55.46 9.53 -6.99
N LYS C 1183 -56.56 8.79 -6.94
CA LYS C 1183 -56.50 7.34 -6.97
C LYS C 1183 -55.94 6.79 -8.28
N THR C 1184 -56.34 7.34 -9.44
CA THR C 1184 -55.79 6.82 -10.69
C THR C 1184 -54.31 7.19 -10.83
N CYS C 1185 -53.91 8.36 -10.36
CA CYS C 1185 -52.49 8.70 -10.38
C CYS C 1185 -51.70 7.74 -9.49
N TYR C 1186 -52.23 7.41 -8.31
CA TYR C 1186 -51.60 6.42 -7.44
C TYR C 1186 -51.49 5.07 -8.12
N LYS C 1187 -52.56 4.64 -8.79
CA LYS C 1187 -52.56 3.37 -9.48
C LYS C 1187 -51.56 3.36 -10.64
N ILE C 1188 -51.32 4.55 -11.22
CA ILE C 1188 -50.35 4.65 -12.30
C ILE C 1188 -48.92 4.53 -11.77
N VAL C 1189 -48.58 5.34 -10.77
CA VAL C 1189 -47.19 5.42 -10.32
C VAL C 1189 -46.72 4.10 -9.71
N GLU C 1190 -47.59 3.39 -9.01
CA GLU C 1190 -47.21 2.20 -8.26
C GLU C 1190 -47.03 0.97 -9.14
N HIS C 1191 -47.38 1.04 -10.41
CA HIS C 1191 -47.33 -0.13 -11.29
C HIS C 1191 -45.90 -0.48 -11.64
N SER C 1192 -45.69 -1.75 -12.01
CA SER C 1192 -44.36 -2.24 -12.36
C SER C 1192 -43.85 -1.64 -13.66
N TRP C 1193 -44.72 -1.45 -14.66
CA TRP C 1193 -44.29 -0.88 -15.93
C TRP C 1193 -43.77 0.55 -15.75
N PHE C 1194 -44.43 1.34 -14.89
CA PHE C 1194 -43.93 2.68 -14.62
C PHE C 1194 -42.55 2.65 -14.00
N GLU C 1195 -42.34 1.76 -13.02
CA GLU C 1195 -41.04 1.65 -12.38
C GLU C 1195 -39.96 1.24 -13.38
N SER C 1196 -40.28 0.26 -14.25
CA SER C 1196 -39.31 -0.15 -15.27
C SER C 1196 -39.00 0.99 -16.24
N PHE C 1197 -40.02 1.73 -16.65
CA PHE C 1197 -39.80 2.85 -17.57
C PHE C 1197 -38.91 3.90 -16.93
N ILE C 1198 -39.16 4.22 -15.66
CA ILE C 1198 -38.36 5.25 -14.99
C ILE C 1198 -36.94 4.76 -14.77
N VAL C 1199 -36.77 3.46 -14.48
CA VAL C 1199 -35.43 2.91 -14.30
C VAL C 1199 -34.66 2.99 -15.61
N LEU C 1200 -35.31 2.64 -16.71
CA LEU C 1200 -34.64 2.71 -18.01
C LEU C 1200 -34.29 4.15 -18.38
N MET C 1201 -35.19 5.08 -18.08
CA MET C 1201 -34.87 6.50 -18.28
C MET C 1201 -33.67 6.93 -17.45
N ILE C 1202 -33.60 6.48 -16.19
CA ILE C 1202 -32.47 6.84 -15.33
C ILE C 1202 -31.17 6.29 -15.91
N LEU C 1203 -31.19 5.04 -16.36
CA LEU C 1203 -29.98 4.43 -16.92
C LEU C 1203 -29.55 5.14 -18.20
N LEU C 1204 -30.50 5.46 -19.09
CA LEU C 1204 -30.16 6.16 -20.33
C LEU C 1204 -29.62 7.56 -20.04
N SER C 1205 -30.24 8.28 -19.10
CA SER C 1205 -29.78 9.62 -18.79
C SER C 1205 -28.43 9.62 -18.09
N SER C 1206 -28.16 8.62 -17.25
CA SER C 1206 -26.86 8.53 -16.60
C SER C 1206 -25.77 8.14 -17.60
N GLY C 1207 -26.07 7.21 -18.50
CA GLY C 1207 -25.07 6.79 -19.46
C GLY C 1207 -24.75 7.86 -20.48
N ALA C 1208 -25.68 8.80 -20.69
CA ALA C 1208 -25.42 9.88 -21.64
C ALA C 1208 -24.37 10.84 -21.11
N LEU C 1209 -24.12 10.83 -19.80
CA LEU C 1209 -23.10 11.70 -19.23
C LEU C 1209 -21.70 11.25 -19.61
N ALA C 1210 -21.48 9.95 -19.76
CA ALA C 1210 -20.16 9.42 -20.07
C ALA C 1210 -19.65 9.85 -21.44
N PHE C 1211 -20.53 10.28 -22.34
CA PHE C 1211 -20.12 10.70 -23.67
C PHE C 1211 -19.56 12.11 -23.72
N GLU C 1212 -19.77 12.91 -22.67
CA GLU C 1212 -19.32 14.30 -22.66
C GLU C 1212 -17.87 14.40 -22.18
N ASP C 1213 -16.96 14.02 -23.07
CA ASP C 1213 -15.53 14.07 -22.81
C ASP C 1213 -14.87 15.11 -23.73
N ILE C 1214 -13.54 15.16 -23.68
CA ILE C 1214 -12.79 16.12 -24.48
C ILE C 1214 -12.89 15.87 -25.97
N TYR C 1215 -13.43 14.72 -26.38
CA TYR C 1215 -13.59 14.37 -27.78
C TYR C 1215 -15.00 14.59 -28.30
N ILE C 1216 -15.84 15.31 -27.55
CA ILE C 1216 -17.24 15.51 -27.91
C ILE C 1216 -17.36 16.34 -29.18
N GLU C 1217 -16.32 17.10 -29.51
CA GLU C 1217 -16.35 17.91 -30.72
C GLU C 1217 -16.08 17.11 -31.98
N ARG C 1218 -15.63 15.87 -31.86
CA ARG C 1218 -15.50 14.96 -32.99
C ARG C 1218 -16.78 14.20 -33.27
N LYS C 1219 -17.82 14.40 -32.46
CA LYS C 1219 -19.06 13.63 -32.49
C LYS C 1219 -20.26 14.57 -32.48
N LYS C 1220 -20.26 15.52 -33.43
CA LYS C 1220 -21.32 16.54 -33.51
C LYS C 1220 -22.71 15.93 -33.41
N THR C 1221 -22.97 14.89 -34.20
CA THR C 1221 -24.30 14.31 -34.25
C THR C 1221 -24.71 13.76 -32.88
N ILE C 1222 -23.80 13.04 -32.23
CA ILE C 1222 -24.08 12.53 -30.89
C ILE C 1222 -24.27 13.67 -29.90
N LYS C 1223 -23.52 14.77 -30.07
CA LYS C 1223 -23.68 15.91 -29.18
C LYS C 1223 -25.09 16.51 -29.28
N ILE C 1224 -25.57 16.74 -30.50
CA ILE C 1224 -26.92 17.28 -30.67
C ILE C 1224 -27.97 16.30 -30.17
N ILE C 1225 -27.78 15.00 -30.46
CA ILE C 1225 -28.71 13.98 -29.99
C ILE C 1225 -28.78 14.00 -28.46
N LEU C 1226 -27.62 14.15 -27.81
CA LEU C 1226 -27.61 14.15 -26.35
C LEU C 1226 -28.25 15.39 -25.78
N GLU C 1227 -28.09 16.55 -26.44
CA GLU C 1227 -28.80 17.75 -25.97
C GLU C 1227 -30.30 17.55 -26.02
N TYR C 1228 -30.82 17.09 -27.15
CA TYR C 1228 -32.27 16.90 -27.25
C TYR C 1228 -32.76 15.80 -26.33
N ALA C 1229 -31.96 14.75 -26.15
CA ALA C 1229 -32.31 13.70 -25.21
C ALA C 1229 -32.34 14.22 -23.78
N ASP C 1230 -31.43 15.13 -23.44
CA ASP C 1230 -31.48 15.77 -22.12
C ASP C 1230 -32.77 16.54 -21.92
N LYS C 1231 -33.21 17.26 -22.96
CA LYS C 1231 -34.50 17.93 -22.86
C LYS C 1231 -35.63 16.93 -22.63
N ILE C 1232 -35.62 15.81 -23.36
CA ILE C 1232 -36.65 14.79 -23.18
C ILE C 1232 -36.62 14.22 -21.77
N PHE C 1233 -35.42 13.94 -21.25
CA PHE C 1233 -35.30 13.37 -19.91
C PHE C 1233 -35.82 14.34 -18.85
N THR C 1234 -35.50 15.63 -19.01
CA THR C 1234 -36.02 16.63 -18.09
C THR C 1234 -37.54 16.64 -18.11
N TYR C 1235 -38.14 16.60 -19.31
CA TYR C 1235 -39.58 16.54 -19.41
C TYR C 1235 -40.15 15.31 -18.70
N ILE C 1236 -39.54 14.15 -18.92
CA ILE C 1236 -40.06 12.90 -18.35
C ILE C 1236 -40.00 12.95 -16.83
N PHE C 1237 -38.88 13.43 -16.27
CA PHE C 1237 -38.76 13.44 -14.82
C PHE C 1237 -39.64 14.52 -14.19
N ILE C 1238 -39.88 15.63 -14.89
CA ILE C 1238 -40.85 16.61 -14.40
C ILE C 1238 -42.25 16.00 -14.34
N LEU C 1239 -42.63 15.26 -15.39
CA LEU C 1239 -43.93 14.60 -15.39
C LEU C 1239 -44.03 13.58 -14.27
N GLU C 1240 -42.95 12.84 -14.03
CA GLU C 1240 -42.93 11.85 -12.95
C GLU C 1240 -43.09 12.53 -11.59
N MET C 1241 -42.41 13.66 -11.39
CA MET C 1241 -42.56 14.41 -10.16
C MET C 1241 -44.00 14.88 -9.97
N LEU C 1242 -44.62 15.39 -11.04
CA LEU C 1242 -46.00 15.84 -10.94
C LEU C 1242 -46.93 14.69 -10.60
N LEU C 1243 -46.72 13.53 -11.22
CA LEU C 1243 -47.55 12.37 -10.93
C LEU C 1243 -47.40 11.94 -9.47
N LYS C 1244 -46.17 11.96 -8.94
CA LYS C 1244 -45.98 11.61 -7.54
C LYS C 1244 -46.63 12.65 -6.63
N TRP C 1245 -46.57 13.93 -7.00
CA TRP C 1245 -47.23 14.96 -6.20
C TRP C 1245 -48.73 14.71 -6.13
N ILE C 1246 -49.35 14.39 -7.27
CA ILE C 1246 -50.79 14.13 -7.26
C ILE C 1246 -51.12 12.86 -6.49
N ALA C 1247 -50.28 11.84 -6.62
CA ALA C 1247 -50.59 10.54 -6.01
C ALA C 1247 -50.40 10.53 -4.50
N TYR C 1248 -49.32 11.12 -4.00
CA TYR C 1248 -48.96 11.02 -2.59
C TYR C 1248 -49.34 12.23 -1.77
N GLY C 1249 -49.39 13.40 -2.38
CA GLY C 1249 -49.59 14.62 -1.60
C GLY C 1249 -48.27 15.20 -1.15
N TYR C 1250 -48.31 16.51 -0.84
CA TYR C 1250 -47.09 17.22 -0.46
C TYR C 1250 -46.51 16.67 0.83
N LYS C 1251 -47.37 16.34 1.79
CA LYS C 1251 -46.89 15.85 3.08
C LYS C 1251 -46.14 14.52 2.93
N THR C 1252 -46.77 13.55 2.25
CA THR C 1252 -46.13 12.25 2.07
C THR C 1252 -44.90 12.37 1.18
N TYR C 1253 -44.98 13.17 0.12
CA TYR C 1253 -43.85 13.32 -0.80
C TYR C 1253 -42.65 13.94 -0.10
N PHE C 1254 -42.89 14.93 0.74
CA PHE C 1254 -41.80 15.67 1.36
C PHE C 1254 -41.37 15.10 2.72
N THR C 1255 -42.07 14.08 3.22
CA THR C 1255 -41.53 13.33 4.35
C THR C 1255 -40.59 12.23 3.90
N ASN C 1256 -40.54 11.93 2.60
CA ASN C 1256 -39.64 10.91 2.06
C ASN C 1256 -38.34 11.54 1.63
N ALA C 1257 -37.22 10.94 2.05
CA ALA C 1257 -35.90 11.46 1.71
C ALA C 1257 -35.49 11.15 0.28
N TRP C 1258 -35.86 9.98 -0.24
CA TRP C 1258 -35.59 9.67 -1.64
C TRP C 1258 -36.34 10.62 -2.56
N CYS C 1259 -37.59 10.92 -2.22
CA CYS C 1259 -38.35 11.90 -2.99
C CYS C 1259 -37.71 13.27 -2.89
N TRP C 1260 -37.13 13.62 -1.74
CA TRP C 1260 -36.41 14.88 -1.62
C TRP C 1260 -35.20 14.92 -2.54
N LEU C 1261 -34.45 13.82 -2.61
CA LEU C 1261 -33.30 13.76 -3.50
C LEU C 1261 -33.73 13.93 -4.96
N ASP C 1262 -34.78 13.20 -5.36
CA ASP C 1262 -35.28 13.34 -6.73
C ASP C 1262 -35.77 14.76 -7.00
N PHE C 1263 -36.44 15.36 -6.03
CA PHE C 1263 -36.94 16.73 -6.17
C PHE C 1263 -35.79 17.71 -6.35
N LEU C 1264 -34.73 17.58 -5.55
CA LEU C 1264 -33.59 18.49 -5.69
C LEU C 1264 -32.92 18.31 -7.05
N ILE C 1265 -32.73 17.07 -7.49
CA ILE C 1265 -32.08 16.83 -8.77
C ILE C 1265 -32.91 17.42 -9.91
N VAL C 1266 -34.22 17.20 -9.86
CA VAL C 1266 -35.07 17.69 -10.95
C VAL C 1266 -35.17 19.21 -10.93
N ASP C 1267 -35.14 19.83 -9.75
CA ASP C 1267 -35.12 21.30 -9.70
C ASP C 1267 -33.83 21.86 -10.27
N VAL C 1268 -32.69 21.21 -9.97
CA VAL C 1268 -31.43 21.66 -10.56
C VAL C 1268 -31.49 21.53 -12.08
N SER C 1269 -32.00 20.40 -12.57
CA SER C 1269 -32.11 20.21 -14.01
C SER C 1269 -33.04 21.24 -14.64
N LEU C 1270 -34.16 21.54 -13.98
CA LEU C 1270 -35.11 22.52 -14.53
C LEU C 1270 -34.52 23.92 -14.54
N VAL C 1271 -33.76 24.28 -13.49
CA VAL C 1271 -33.10 25.59 -13.47
C VAL C 1271 -32.09 25.67 -14.60
N THR C 1272 -31.33 24.61 -14.82
CA THR C 1272 -30.37 24.60 -15.93
C THR C 1272 -31.08 24.72 -17.27
N LEU C 1273 -32.21 24.03 -17.43
CA LEU C 1273 -32.96 24.09 -18.69
C LEU C 1273 -33.51 25.49 -18.93
N VAL C 1274 -34.08 26.11 -17.88
CA VAL C 1274 -34.67 27.44 -18.04
C VAL C 1274 -33.60 28.47 -18.32
N ALA C 1275 -32.45 28.38 -17.63
CA ALA C 1275 -31.38 29.35 -17.83
C ALA C 1275 -30.85 29.31 -19.26
N ASN C 1276 -30.72 28.10 -19.82
CA ASN C 1276 -30.21 27.97 -21.18
C ASN C 1276 -31.14 28.61 -22.19
N THR C 1277 -32.45 28.43 -22.03
CA THR C 1277 -33.44 28.99 -22.95
C THR C 1277 -33.47 30.51 -22.96
N LEU C 1278 -33.37 31.15 -21.80
CA LEU C 1278 -33.44 32.61 -21.69
C LEU C 1278 -32.08 33.25 -21.85
N GLY C 1279 -31.14 32.56 -22.51
CA GLY C 1279 -29.85 33.12 -22.83
C GLY C 1279 -28.82 33.08 -21.74
N TYR C 1280 -29.18 32.69 -20.52
CA TYR C 1280 -28.22 32.61 -19.42
C TYR C 1280 -27.56 31.23 -19.43
N SER C 1281 -26.63 31.06 -20.38
CA SER C 1281 -25.93 29.80 -20.57
C SER C 1281 -24.46 29.87 -20.24
N ASP C 1282 -23.83 31.04 -20.34
CA ASP C 1282 -22.40 31.18 -20.10
C ASP C 1282 -22.06 31.92 -18.81
N LEU C 1283 -23.05 32.23 -17.96
CA LEU C 1283 -22.77 32.85 -16.69
C LEU C 1283 -21.97 31.89 -15.81
N GLY C 1284 -21.03 32.44 -15.03
CA GLY C 1284 -20.17 31.64 -14.18
C GLY C 1284 -20.88 30.76 -13.18
N PRO C 1285 -21.77 31.31 -12.34
CA PRO C 1285 -22.56 30.45 -11.46
C PRO C 1285 -23.42 29.45 -12.21
N ILE C 1286 -23.98 29.85 -13.35
CA ILE C 1286 -24.80 28.93 -14.13
C ILE C 1286 -23.95 27.84 -14.74
N LYS C 1287 -22.77 28.20 -15.26
CA LYS C 1287 -21.87 27.20 -15.84
C LYS C 1287 -21.40 26.22 -14.78
N SER C 1288 -21.10 26.72 -13.57
CA SER C 1288 -20.73 25.83 -12.47
C SER C 1288 -21.90 24.95 -12.04
N LEU C 1289 -23.13 25.47 -12.07
CA LEU C 1289 -24.28 24.65 -11.71
C LEU C 1289 -24.54 23.55 -12.73
N ARG C 1290 -24.02 23.71 -13.95
CA ARG C 1290 -24.18 22.66 -14.95
C ARG C 1290 -23.45 21.39 -14.55
N THR C 1291 -22.35 21.51 -13.82
CA THR C 1291 -21.58 20.34 -13.41
C THR C 1291 -22.34 19.48 -12.40
N LEU C 1292 -23.44 19.98 -11.86
CA LEU C 1292 -24.23 19.21 -10.90
C LEU C 1292 -25.04 18.10 -11.56
N ARG C 1293 -25.02 18.00 -12.89
CA ARG C 1293 -25.72 16.90 -13.55
C ARG C 1293 -25.10 15.54 -13.23
N ALA C 1294 -23.88 15.53 -12.69
CA ALA C 1294 -23.24 14.28 -12.31
C ALA C 1294 -23.91 13.63 -11.11
N LEU C 1295 -24.82 14.32 -10.44
CA LEU C 1295 -25.58 13.76 -9.35
C LEU C 1295 -26.88 13.10 -9.80
N ARG C 1296 -27.20 13.15 -11.09
CA ARG C 1296 -28.41 12.48 -11.57
C ARG C 1296 -28.36 10.96 -11.47
N PRO C 1297 -27.20 10.29 -11.49
CA PRO C 1297 -27.21 8.84 -11.18
C PRO C 1297 -27.68 8.52 -9.77
N LEU C 1298 -27.73 9.50 -8.87
CA LEU C 1298 -28.21 9.24 -7.51
C LEU C 1298 -29.67 8.81 -7.51
N ARG C 1299 -30.40 9.05 -8.61
CA ARG C 1299 -31.78 8.60 -8.71
C ARG C 1299 -31.88 7.08 -8.70
N ALA C 1300 -30.78 6.38 -8.99
CA ALA C 1300 -30.81 4.93 -9.04
C ALA C 1300 -30.75 4.31 -7.64
N LEU C 1301 -30.42 5.10 -6.62
CA LEU C 1301 -30.31 4.55 -5.27
C LEU C 1301 -31.64 4.00 -4.78
N SER C 1302 -32.73 4.73 -5.02
CA SER C 1302 -34.03 4.28 -4.54
C SER C 1302 -34.59 3.13 -5.37
N ARG C 1303 -34.22 3.05 -6.65
CA ARG C 1303 -34.80 2.06 -7.54
C ARG C 1303 -34.27 0.64 -7.33
N PHE C 1304 -33.00 0.49 -6.98
CA PHE C 1304 -32.41 -0.83 -6.77
C PHE C 1304 -32.35 -1.10 -5.27
N GLU C 1305 -32.88 -2.26 -4.87
CA GLU C 1305 -33.05 -2.63 -3.48
C GLU C 1305 -31.71 -2.84 -2.78
N GLY C 1306 -30.73 -3.41 -3.49
CA GLY C 1306 -29.44 -3.68 -2.87
C GLY C 1306 -28.74 -2.42 -2.41
N MET C 1307 -28.69 -1.40 -3.29
CA MET C 1307 -28.15 -0.11 -2.87
C MET C 1307 -28.98 0.50 -1.76
N ARG C 1308 -30.30 0.30 -1.77
CA ARG C 1308 -31.12 0.85 -0.70
C ARG C 1308 -30.75 0.25 0.65
N VAL C 1309 -30.59 -1.06 0.73
CA VAL C 1309 -30.22 -1.67 2.01
C VAL C 1309 -28.79 -1.32 2.42
N VAL C 1310 -27.86 -1.23 1.47
CA VAL C 1310 -26.50 -0.83 1.84
C VAL C 1310 -26.48 0.62 2.33
N VAL C 1311 -27.24 1.51 1.70
CA VAL C 1311 -27.32 2.90 2.13
C VAL C 1311 -27.99 2.99 3.49
N ASN C 1312 -29.00 2.16 3.74
CA ASN C 1312 -29.62 2.13 5.05
C ASN C 1312 -28.62 1.71 6.12
N ALA C 1313 -27.80 0.70 5.81
CA ALA C 1313 -26.77 0.28 6.76
C ALA C 1313 -25.77 1.40 7.03
N LEU C 1314 -25.31 2.07 5.97
CA LEU C 1314 -24.36 3.16 6.15
C LEU C 1314 -24.95 4.31 6.95
N ILE C 1315 -26.21 4.68 6.67
CA ILE C 1315 -26.85 5.78 7.38
C ILE C 1315 -27.04 5.43 8.84
N GLY C 1316 -27.44 4.19 9.14
CA GLY C 1316 -27.50 3.76 10.53
C GLY C 1316 -26.13 3.75 11.19
N ALA C 1317 -25.09 3.50 10.41
CA ALA C 1317 -23.74 3.50 10.95
C ALA C 1317 -23.21 4.89 11.23
N ILE C 1318 -23.71 5.89 10.49
CA ILE C 1318 -23.18 7.26 10.55
C ILE C 1318 -23.13 7.83 11.97
N PRO C 1319 -24.19 7.71 12.79
CA PRO C 1319 -24.11 8.30 14.14
C PRO C 1319 -22.96 7.77 14.99
N SER C 1320 -22.65 6.48 14.90
CA SER C 1320 -21.54 5.93 15.68
C SER C 1320 -20.20 6.38 15.11
N ILE C 1321 -20.13 6.58 13.80
CA ILE C 1321 -18.88 6.99 13.17
C ILE C 1321 -18.49 8.40 13.59
N MET C 1322 -19.48 9.25 13.89
CA MET C 1322 -19.21 10.67 14.10
C MET C 1322 -18.43 10.92 15.38
N ASN C 1323 -18.77 10.21 16.46
CA ASN C 1323 -18.06 10.40 17.73
C ASN C 1323 -16.59 10.01 17.60
N VAL C 1324 -16.31 8.87 16.99
CA VAL C 1324 -14.93 8.46 16.76
C VAL C 1324 -14.25 9.41 15.79
N LEU C 1325 -14.99 9.93 14.81
CA LEU C 1325 -14.41 10.92 13.91
C LEU C 1325 -13.95 12.14 14.69
N LEU C 1326 -14.77 12.61 15.63
CA LEU C 1326 -14.36 13.74 16.47
C LEU C 1326 -13.12 13.39 17.30
N VAL C 1327 -13.09 12.18 17.85
CA VAL C 1327 -11.96 11.78 18.68
C VAL C 1327 -10.67 11.78 17.86
N CYS C 1328 -10.69 11.16 16.68
CA CYS C 1328 -9.48 11.12 15.86
C CYS C 1328 -9.17 12.48 15.26
N LEU C 1329 -10.16 13.34 15.09
CA LEU C 1329 -9.86 14.70 14.64
C LEU C 1329 -9.12 15.48 15.73
N ILE C 1330 -9.50 15.32 16.99
CA ILE C 1330 -8.75 15.95 18.08
C ILE C 1330 -7.34 15.37 18.16
N PHE C 1331 -7.25 14.03 18.06
CA PHE C 1331 -5.94 13.38 18.14
C PHE C 1331 -5.04 13.82 17.00
N TRP C 1332 -5.59 13.98 15.80
CA TRP C 1332 -4.81 14.42 14.65
C TRP C 1332 -4.53 15.91 14.72
N LEU C 1333 -5.39 16.67 15.40
CA LEU C 1333 -5.12 18.10 15.60
C LEU C 1333 -3.91 18.30 16.50
N ILE C 1334 -3.76 17.46 17.52
CA ILE C 1334 -2.56 17.53 18.34
C ILE C 1334 -1.31 17.34 17.49
N PHE C 1335 -1.29 16.31 16.65
CA PHE C 1335 -0.13 16.04 15.81
C PHE C 1335 0.05 17.14 14.77
N SER C 1336 -1.05 17.70 14.27
CA SER C 1336 -0.95 18.79 13.29
C SER C 1336 -0.34 20.04 13.92
N ILE C 1337 -0.73 20.38 15.15
CA ILE C 1337 -0.14 21.51 15.83
C ILE C 1337 1.35 21.26 16.10
N MET C 1338 1.70 20.03 16.50
CA MET C 1338 3.11 19.72 16.69
C MET C 1338 3.88 19.84 15.38
N GLY C 1339 3.29 19.37 14.28
CA GLY C 1339 3.95 19.47 12.99
C GLY C 1339 4.12 20.90 12.53
N VAL C 1340 3.15 21.76 12.83
CA VAL C 1340 3.28 23.17 12.53
C VAL C 1340 4.39 23.78 13.38
N ASN C 1341 4.50 23.36 14.64
CA ASN C 1341 5.58 23.84 15.50
C ASN C 1341 6.93 23.44 14.94
N LEU C 1342 7.04 22.22 14.41
CA LEU C 1342 8.34 21.70 14.00
C LEU C 1342 8.74 22.18 12.60
N PHE C 1343 7.81 22.16 11.65
CA PHE C 1343 8.15 22.24 10.24
C PHE C 1343 7.55 23.41 9.47
N ALA C 1344 6.88 24.36 10.13
CA ALA C 1344 6.22 25.43 9.40
C ALA C 1344 7.22 26.35 8.72
N GLY C 1345 7.15 26.44 7.39
CA GLY C 1345 7.99 27.33 6.64
C GLY C 1345 9.39 26.86 6.37
N LYS C 1346 9.70 25.59 6.68
CA LYS C 1346 11.04 25.06 6.49
C LYS C 1346 11.16 24.11 5.32
N PHE C 1347 10.09 23.89 4.55
CA PHE C 1347 10.13 23.02 3.39
C PHE C 1347 10.46 23.78 2.11
N TYR C 1348 10.68 25.09 2.19
CA TYR C 1348 11.11 25.87 1.05
C TYR C 1348 12.54 25.51 0.69
N GLU C 1349 12.82 25.45 -0.61
CA GLU C 1349 14.15 25.12 -1.09
C GLU C 1349 14.42 25.81 -2.41
N CYS C 1350 15.70 26.01 -2.69
CA CYS C 1350 16.16 26.57 -3.96
C CYS C 1350 16.51 25.40 -4.88
N ILE C 1351 15.74 25.23 -5.95
CA ILE C 1351 15.90 24.11 -6.86
C ILE C 1351 16.21 24.62 -8.26
N ASN C 1352 16.91 23.80 -9.04
CA ASN C 1352 17.19 24.08 -10.45
C ASN C 1352 16.07 23.45 -11.27
N THR C 1353 15.23 24.30 -11.86
CA THR C 1353 13.93 23.86 -12.37
C THR C 1353 14.07 22.86 -13.52
N THR C 1354 15.06 23.08 -14.40
CA THR C 1354 15.18 22.25 -15.60
C THR C 1354 15.42 20.79 -15.25
N ASP C 1355 16.27 20.51 -14.27
CA ASP C 1355 16.50 19.15 -13.81
C ASP C 1355 15.80 18.82 -12.49
N GLY C 1356 15.23 19.82 -11.82
CA GLY C 1356 14.47 19.57 -10.60
C GLY C 1356 15.29 19.03 -9.45
N SER C 1357 16.50 19.54 -9.25
CA SER C 1357 17.36 19.11 -8.16
C SER C 1357 17.68 20.28 -7.24
N ARG C 1358 17.69 20.00 -5.94
CA ARG C 1358 17.99 21.02 -4.95
C ARG C 1358 19.46 21.41 -5.01
N PHE C 1359 19.71 22.72 -4.96
CA PHE C 1359 21.07 23.22 -4.90
C PHE C 1359 21.72 22.83 -3.58
N PRO C 1360 23.06 22.67 -3.57
CA PRO C 1360 23.76 22.40 -2.30
C PRO C 1360 23.64 23.56 -1.32
N ALA C 1361 24.09 23.36 -0.08
CA ALA C 1361 24.06 24.42 0.92
C ALA C 1361 25.35 25.22 1.01
N SER C 1362 26.42 24.79 0.34
CA SER C 1362 27.64 25.60 0.32
C SER C 1362 27.41 26.90 -0.43
N GLN C 1363 26.88 26.81 -1.64
CA GLN C 1363 26.32 27.96 -2.33
C GLN C 1363 24.84 28.06 -1.99
N VAL C 1364 24.27 29.24 -2.19
CA VAL C 1364 22.87 29.57 -1.90
C VAL C 1364 22.40 28.88 -0.62
N PRO C 1365 22.87 29.33 0.55
CA PRO C 1365 22.36 28.79 1.81
C PRO C 1365 21.18 29.55 2.40
N ASN C 1366 20.68 30.57 1.71
CA ASN C 1366 19.63 31.42 2.25
C ASN C 1366 18.65 31.77 1.15
N ARG C 1367 17.46 32.21 1.56
CA ARG C 1367 16.43 32.65 0.62
C ARG C 1367 16.91 33.85 -0.18
N SER C 1368 17.59 34.79 0.47
CA SER C 1368 18.12 35.95 -0.23
C SER C 1368 19.14 35.54 -1.28
N GLU C 1369 19.99 34.56 -0.94
CA GLU C 1369 20.91 34.01 -1.93
C GLU C 1369 20.17 33.32 -3.08
N CYS C 1370 19.05 32.67 -2.79
CA CYS C 1370 18.26 32.07 -3.87
C CYS C 1370 17.72 33.13 -4.81
N PHE C 1371 17.22 34.24 -4.26
CA PHE C 1371 16.70 35.30 -5.12
C PHE C 1371 17.82 35.98 -5.90
N ALA C 1372 19.00 36.11 -5.29
CA ALA C 1372 20.15 36.61 -6.04
C ALA C 1372 20.51 35.66 -7.19
N LEU C 1373 20.42 34.35 -6.95
CA LEU C 1373 20.66 33.39 -8.01
C LEU C 1373 19.63 33.50 -9.12
N MET C 1374 18.36 33.73 -8.78
CA MET C 1374 17.37 34.01 -9.82
C MET C 1374 17.74 35.27 -10.61
N ASN C 1375 18.26 36.29 -9.91
CA ASN C 1375 18.73 37.47 -10.61
C ASN C 1375 19.90 37.14 -11.55
N VAL C 1376 20.67 36.11 -11.22
CA VAL C 1376 21.76 35.68 -12.07
C VAL C 1376 21.28 34.63 -13.07
N SER C 1377 20.76 33.52 -12.58
CA SER C 1377 20.34 32.41 -13.43
C SER C 1377 18.82 32.40 -13.57
N GLN C 1378 18.35 31.95 -14.73
CA GLN C 1378 16.92 32.04 -15.04
C GLN C 1378 16.14 30.90 -14.41
N ASN C 1379 16.64 29.67 -14.53
CA ASN C 1379 15.91 28.49 -14.09
C ASN C 1379 16.19 28.18 -12.62
N VAL C 1380 15.89 29.17 -11.78
CA VAL C 1380 16.08 29.07 -10.32
C VAL C 1380 14.79 29.49 -9.65
N ARG C 1381 14.32 28.67 -8.70
CA ARG C 1381 13.06 28.94 -8.02
C ARG C 1381 13.16 28.55 -6.56
N TRP C 1382 12.62 29.41 -5.69
CA TRP C 1382 12.50 29.13 -4.27
C TRP C 1382 11.12 28.52 -4.03
N LYS C 1383 11.06 27.19 -4.04
CA LYS C 1383 9.82 26.45 -4.16
C LYS C 1383 9.48 25.74 -2.85
N ASN C 1384 8.20 25.74 -2.50
CA ASN C 1384 7.68 25.04 -1.34
C ASN C 1384 6.91 23.81 -1.78
N LEU C 1385 6.78 22.83 -0.88
CA LEU C 1385 5.93 21.68 -1.16
C LEU C 1385 4.47 22.08 -1.13
N LYS C 1386 3.67 21.43 -1.97
CA LYS C 1386 2.24 21.70 -1.99
C LYS C 1386 1.56 21.20 -0.73
N VAL C 1387 1.97 20.02 -0.25
CA VAL C 1387 1.47 19.44 0.99
C VAL C 1387 2.55 19.58 2.05
N ASN C 1388 2.28 20.35 3.08
CA ASN C 1388 3.30 20.68 4.08
C ASN C 1388 2.61 20.98 5.41
N PHE C 1389 3.36 21.54 6.36
CA PHE C 1389 2.84 21.88 7.67
C PHE C 1389 2.85 23.40 7.90
N ASP C 1390 2.50 24.17 6.87
CA ASP C 1390 2.48 25.62 7.03
C ASP C 1390 1.35 26.07 7.94
N ASN C 1391 0.22 25.37 7.90
CA ASN C 1391 -0.89 25.65 8.81
C ASN C 1391 -1.56 24.35 9.19
N VAL C 1392 -2.60 24.46 10.01
CA VAL C 1392 -3.23 23.27 10.58
C VAL C 1392 -3.97 22.47 9.52
N GLY C 1393 -4.61 23.16 8.56
CA GLY C 1393 -5.29 22.43 7.50
C GLY C 1393 -4.32 21.68 6.60
N LEU C 1394 -3.23 22.33 6.22
CA LEU C 1394 -2.20 21.65 5.44
C LEU C 1394 -1.56 20.54 6.27
N GLY C 1395 -1.45 20.75 7.58
CA GLY C 1395 -0.98 19.67 8.45
C GLY C 1395 -1.92 18.48 8.46
N TYR C 1396 -3.22 18.74 8.43
CA TYR C 1396 -4.19 17.66 8.33
C TYR C 1396 -4.03 16.90 7.02
N LEU C 1397 -3.83 17.63 5.92
CA LEU C 1397 -3.61 16.96 4.64
C LEU C 1397 -2.34 16.12 4.66
N SER C 1398 -1.27 16.65 5.26
CA SER C 1398 -0.02 15.91 5.38
C SER C 1398 -0.19 14.66 6.23
N LEU C 1399 -0.93 14.77 7.33
CA LEU C 1399 -1.16 13.62 8.20
C LEU C 1399 -2.03 12.58 7.51
N LEU C 1400 -2.97 13.02 6.68
CA LEU C 1400 -3.76 12.08 5.89
C LEU C 1400 -2.87 11.33 4.90
N GLN C 1401 -1.94 12.03 4.27
CA GLN C 1401 -1.02 11.36 3.35
C GLN C 1401 -0.11 10.39 4.07
N VAL C 1402 0.35 10.76 5.28
CA VAL C 1402 1.25 9.89 6.04
C VAL C 1402 0.51 8.65 6.54
N ALA C 1403 -0.72 8.82 7.01
CA ALA C 1403 -1.47 7.70 7.56
C ALA C 1403 -1.79 6.66 6.49
N THR C 1404 -2.02 7.12 5.26
CA THR C 1404 -2.28 6.21 4.16
C THR C 1404 -1.02 5.75 3.45
N PHE C 1405 0.14 6.28 3.83
CA PHE C 1405 1.43 5.94 3.21
C PHE C 1405 1.42 6.21 1.71
N LYS C 1406 0.76 7.29 1.29
CA LYS C 1406 0.70 7.69 -0.11
C LYS C 1406 1.20 9.13 -0.19
N GLY C 1407 2.39 9.31 -0.76
CA GLY C 1407 3.02 10.61 -0.81
C GLY C 1407 3.71 11.01 0.48
N TRP C 1408 3.86 10.08 1.43
CA TRP C 1408 4.41 10.42 2.73
C TRP C 1408 5.93 10.58 2.68
N THR C 1409 6.60 9.88 1.76
CA THR C 1409 8.06 9.86 1.74
C THR C 1409 8.63 11.24 1.41
N ILE C 1410 7.98 11.96 0.50
CA ILE C 1410 8.42 13.31 0.16
C ILE C 1410 8.33 14.21 1.39
N ILE C 1411 7.24 14.08 2.16
CA ILE C 1411 7.07 14.85 3.38
C ILE C 1411 8.16 14.51 4.39
N MET C 1412 8.48 13.22 4.54
CA MET C 1412 9.52 12.84 5.49
C MET C 1412 10.89 13.37 5.05
N TYR C 1413 11.19 13.33 3.75
CA TYR C 1413 12.47 13.86 3.29
C TYR C 1413 12.56 15.36 3.55
N ALA C 1414 11.47 16.08 3.29
CA ALA C 1414 11.46 17.52 3.55
C ALA C 1414 11.61 17.80 5.05
N ALA C 1415 11.00 16.98 5.89
CA ALA C 1415 11.07 17.21 7.33
C ALA C 1415 12.45 16.91 7.88
N VAL C 1416 13.09 15.84 7.40
CA VAL C 1416 14.41 15.48 7.88
C VAL C 1416 15.52 16.32 7.25
N ASP C 1417 15.23 17.01 6.14
CA ASP C 1417 16.21 17.95 5.61
C ASP C 1417 16.03 19.36 6.17
N SER C 1418 15.04 19.57 7.04
CA SER C 1418 14.73 20.90 7.54
C SER C 1418 15.89 21.48 8.34
N VAL C 1419 16.10 22.79 8.19
CA VAL C 1419 17.12 23.50 8.96
C VAL C 1419 16.45 24.60 9.77
N ASN C 1420 15.82 25.54 9.08
CA ASN C 1420 15.12 26.66 9.72
C ASN C 1420 14.31 27.38 8.65
N VAL C 1421 13.58 28.40 9.07
CA VAL C 1421 12.79 29.20 8.13
C VAL C 1421 13.74 30.08 7.32
N ASP C 1422 13.52 30.12 6.00
CA ASP C 1422 14.36 30.84 5.04
C ASP C 1422 15.79 30.33 5.01
N LYS C 1423 16.00 29.05 5.29
CA LYS C 1423 17.30 28.42 5.25
C LYS C 1423 17.26 27.24 4.27
N GLN C 1424 18.29 27.11 3.46
CA GLN C 1424 18.35 26.03 2.49
C GLN C 1424 18.43 24.69 3.22
N PRO C 1425 17.59 23.71 2.86
CA PRO C 1425 17.66 22.41 3.54
C PRO C 1425 18.97 21.68 3.25
N LYS C 1426 19.40 20.89 4.23
CA LYS C 1426 20.60 20.07 4.12
C LYS C 1426 20.20 18.61 4.26
N TYR C 1427 20.91 17.73 3.55
CA TYR C 1427 20.54 16.32 3.51
C TYR C 1427 20.57 15.71 4.91
N GLU C 1428 19.39 15.32 5.39
CA GLU C 1428 19.23 14.66 6.69
C GLU C 1428 19.84 15.48 7.82
N TYR C 1429 19.68 16.80 7.73
CA TYR C 1429 20.10 17.67 8.83
C TYR C 1429 19.32 17.36 10.10
N SER C 1430 17.99 17.31 9.99
CA SER C 1430 17.14 16.91 11.11
C SER C 1430 16.79 15.45 10.99
N LEU C 1431 17.79 14.58 11.10
CA LEU C 1431 17.61 13.16 10.79
C LEU C 1431 16.57 12.51 11.69
N TYR C 1432 16.59 12.84 12.97
CA TYR C 1432 15.74 12.17 13.95
C TYR C 1432 14.34 12.77 14.03
N MET C 1433 13.89 13.47 13.00
CA MET C 1433 12.47 13.78 12.87
C MET C 1433 11.69 12.64 12.24
N TYR C 1434 12.36 11.57 11.83
CA TYR C 1434 11.64 10.34 11.47
C TYR C 1434 10.87 9.79 12.66
N ILE C 1435 11.31 10.10 13.88
CA ILE C 1435 10.63 9.63 15.08
C ILE C 1435 9.23 10.24 15.15
N TYR C 1436 9.09 11.49 14.71
CA TYR C 1436 7.78 12.13 14.66
C TYR C 1436 6.80 11.32 13.82
N PHE C 1437 7.23 10.92 12.62
CA PHE C 1437 6.34 10.18 11.74
C PHE C 1437 6.06 8.78 12.26
N VAL C 1438 7.06 8.15 12.88
CA VAL C 1438 6.86 6.82 13.46
C VAL C 1438 5.83 6.89 14.58
N VAL C 1439 5.97 7.87 15.48
CA VAL C 1439 5.02 8.03 16.58
C VAL C 1439 3.63 8.34 16.04
N PHE C 1440 3.54 9.22 15.02
CA PHE C 1440 2.24 9.53 14.45
C PHE C 1440 1.60 8.28 13.84
N ILE C 1441 2.36 7.48 13.11
CA ILE C 1441 1.80 6.25 12.54
C ILE C 1441 1.30 5.35 13.66
N ILE C 1442 2.13 5.13 14.67
CA ILE C 1442 1.78 4.19 15.75
C ILE C 1442 0.51 4.64 16.46
N PHE C 1443 0.36 5.93 16.71
CA PHE C 1443 -0.79 6.36 17.50
C PHE C 1443 -2.00 6.71 16.64
N GLY C 1444 -1.86 7.63 15.68
CA GLY C 1444 -2.99 8.05 14.89
C GLY C 1444 -3.32 7.17 13.70
N SER C 1445 -2.56 6.09 13.49
CA SER C 1445 -2.85 5.16 12.41
C SER C 1445 -3.17 3.77 12.93
N PHE C 1446 -2.49 3.32 13.98
CA PHE C 1446 -2.73 1.99 14.52
C PHE C 1446 -3.82 2.02 15.59
N PHE C 1447 -3.63 2.83 16.63
CA PHE C 1447 -4.62 2.94 17.69
C PHE C 1447 -5.91 3.60 17.22
N THR C 1448 -5.83 4.60 16.33
CA THR C 1448 -7.02 5.24 15.81
C THR C 1448 -7.88 4.25 15.01
N LEU C 1449 -7.25 3.48 14.13
CA LEU C 1449 -7.97 2.46 13.38
C LEU C 1449 -8.48 1.37 14.33
N ASN C 1450 -7.73 1.08 15.38
CA ASN C 1450 -8.18 0.13 16.38
C ASN C 1450 -9.49 0.57 17.00
N LEU C 1451 -9.56 1.83 17.43
CA LEU C 1451 -10.78 2.38 18.02
C LEU C 1451 -11.92 2.38 17.01
N PHE C 1452 -11.63 2.78 15.77
CA PHE C 1452 -12.68 2.83 14.75
C PHE C 1452 -13.28 1.46 14.51
N ILE C 1453 -12.43 0.43 14.34
CA ILE C 1453 -12.93 -0.91 14.13
C ILE C 1453 -13.70 -1.41 15.35
N GLY C 1454 -13.19 -1.11 16.55
CA GLY C 1454 -13.87 -1.53 17.76
C GLY C 1454 -15.27 -0.96 17.89
N VAL C 1455 -15.46 0.31 17.51
CA VAL C 1455 -16.81 0.88 17.63
C VAL C 1455 -17.69 0.43 16.47
N ILE C 1456 -17.10 0.23 15.28
CA ILE C 1456 -17.90 -0.18 14.13
C ILE C 1456 -18.44 -1.59 14.33
N ILE C 1457 -17.64 -2.46 14.96
CA ILE C 1457 -18.11 -3.80 15.28
C ILE C 1457 -19.35 -3.75 16.15
N ASP C 1458 -19.30 -2.97 17.24
CA ASP C 1458 -20.45 -2.89 18.15
C ASP C 1458 -21.65 -2.27 17.46
N ASN C 1459 -21.42 -1.26 16.61
CA ASN C 1459 -22.52 -0.64 15.89
C ASN C 1459 -23.23 -1.63 14.98
N PHE C 1460 -22.48 -2.39 14.18
CA PHE C 1460 -23.11 -3.35 13.27
C PHE C 1460 -23.73 -4.51 14.04
N ASN C 1461 -23.13 -4.89 15.17
CA ASN C 1461 -23.73 -5.93 16.02
C ASN C 1461 -25.08 -5.48 16.55
N GLN C 1462 -25.17 -4.22 16.98
CA GLN C 1462 -26.45 -3.68 17.42
C GLN C 1462 -27.44 -3.57 16.27
N GLN C 1463 -26.95 -3.24 15.07
CA GLN C 1463 -27.84 -3.18 13.91
C GLN C 1463 -28.44 -4.55 13.61
N LYS C 1464 -27.63 -5.61 13.69
CA LYS C 1464 -28.15 -6.95 13.42
C LYS C 1464 -29.19 -7.36 14.45
N LYS C 1465 -28.96 -7.04 15.72
CA LYS C 1465 -29.84 -7.52 16.79
C LYS C 1465 -31.24 -6.94 16.67
N LYS C 1466 -31.34 -5.64 16.36
CA LYS C 1466 -32.65 -4.99 16.38
C LYS C 1466 -33.58 -5.53 15.30
N LEU C 1467 -33.04 -6.07 14.22
CA LEU C 1467 -33.85 -6.61 13.13
C LEU C 1467 -33.92 -8.13 13.15
N GLY C 1468 -33.51 -8.77 14.24
CA GLY C 1468 -33.65 -10.21 14.38
C GLY C 1468 -32.45 -11.04 14.00
N GLY C 1469 -31.30 -10.43 13.77
CA GLY C 1469 -30.10 -11.15 13.39
C GLY C 1469 -29.96 -11.44 11.91
N GLN C 1470 -30.87 -10.93 11.09
CA GLN C 1470 -30.78 -11.14 9.65
C GLN C 1470 -29.60 -10.37 9.07
N ASP C 1471 -29.15 -10.79 7.90
CA ASP C 1471 -28.07 -10.09 7.22
C ASP C 1471 -28.53 -8.70 6.83
N ILE C 1472 -27.66 -7.70 7.07
CA ILE C 1472 -28.06 -6.31 6.88
C ILE C 1472 -27.73 -5.83 5.47
N PHE C 1473 -26.91 -6.60 4.75
CA PHE C 1473 -26.48 -6.21 3.41
C PHE C 1473 -27.21 -6.98 2.31
N MET C 1474 -28.37 -7.57 2.61
CA MET C 1474 -29.02 -8.49 1.70
C MET C 1474 -30.52 -8.20 1.63
N THR C 1475 -31.12 -8.47 0.47
CA THR C 1475 -32.55 -8.29 0.29
C THR C 1475 -33.28 -9.59 0.59
N GLU C 1476 -34.62 -9.54 0.53
CA GLU C 1476 -35.44 -10.68 0.90
C GLU C 1476 -35.20 -11.86 -0.04
N GLU C 1477 -35.28 -11.63 -1.35
CA GLU C 1477 -35.02 -12.69 -2.31
C GLU C 1477 -33.59 -13.19 -2.19
N GLN C 1478 -32.65 -12.28 -1.92
CA GLN C 1478 -31.28 -12.70 -1.66
C GLN C 1478 -31.21 -13.57 -0.42
N LYS C 1479 -32.02 -13.27 0.60
CA LYS C 1479 -32.07 -14.13 1.79
C LYS C 1479 -32.59 -15.52 1.45
N LYS C 1480 -33.61 -15.60 0.60
CA LYS C 1480 -34.13 -16.91 0.20
C LYS C 1480 -33.07 -17.71 -0.54
N TYR C 1481 -32.40 -17.09 -1.51
CA TYR C 1481 -31.33 -17.79 -2.23
C TYR C 1481 -30.17 -18.13 -1.29
N TYR C 1482 -29.93 -17.30 -0.28
CA TYR C 1482 -28.87 -17.56 0.68
C TYR C 1482 -29.17 -18.80 1.51
N ASN C 1483 -30.42 -18.94 1.95
CA ASN C 1483 -30.81 -20.16 2.66
C ASN C 1483 -30.73 -21.37 1.74
N ALA C 1484 -31.15 -21.22 0.49
CA ALA C 1484 -31.06 -22.32 -0.46
C ALA C 1484 -29.62 -22.78 -0.67
N MET C 1485 -28.70 -21.82 -0.74
CA MET C 1485 -27.28 -22.17 -0.88
C MET C 1485 -26.71 -22.71 0.42
N LYS C 1486 -27.29 -22.31 1.56
CA LYS C 1486 -26.90 -22.90 2.83
C LYS C 1486 -27.24 -24.39 2.89
N LYS C 1487 -28.41 -24.77 2.37
CA LYS C 1487 -28.78 -26.17 2.35
C LYS C 1487 -27.83 -26.98 1.47
N LEU C 1488 -27.20 -26.33 0.49
CA LEU C 1488 -26.27 -26.98 -0.42
C LEU C 1488 -25.03 -27.49 0.31
N GLY C 1489 -24.49 -26.69 1.21
CA GLY C 1489 -23.24 -27.02 1.88
C GLY C 1489 -23.41 -27.87 3.12
N SER C 1490 -24.63 -28.35 3.37
CA SER C 1490 -24.92 -29.19 4.53
C SER C 1490 -25.66 -30.47 4.20
N LYS C 1491 -25.64 -30.93 2.95
CA LYS C 1491 -26.37 -32.14 2.57
C LYS C 1491 -25.78 -33.38 3.23
N LYS C 1492 -26.66 -34.28 3.65
CA LYS C 1492 -26.26 -35.60 4.14
C LYS C 1492 -25.78 -36.45 2.97
N PRO C 1493 -24.80 -37.34 3.20
CA PRO C 1493 -24.25 -38.17 2.11
C PRO C 1493 -25.31 -38.86 1.28
N GLN C 1494 -25.31 -38.58 -0.02
CA GLN C 1494 -26.34 -39.09 -0.92
C GLN C 1494 -26.28 -40.61 -1.03
N LYS C 1495 -27.29 -41.17 -1.70
CA LYS C 1495 -27.38 -42.61 -1.91
C LYS C 1495 -26.16 -43.10 -2.69
N PRO C 1496 -25.67 -44.30 -2.41
CA PRO C 1496 -24.51 -44.80 -3.16
C PRO C 1496 -24.88 -45.18 -4.59
N ILE C 1497 -23.96 -44.88 -5.50
CA ILE C 1497 -24.25 -44.93 -6.94
C ILE C 1497 -24.49 -46.38 -7.35
N PRO C 1498 -25.63 -46.70 -7.96
CA PRO C 1498 -25.90 -48.08 -8.36
C PRO C 1498 -24.84 -48.61 -9.31
N ARG C 1499 -24.42 -49.86 -9.07
CA ARG C 1499 -23.41 -50.48 -9.89
C ARG C 1499 -24.01 -51.17 -11.10
N PRO C 1500 -23.48 -50.95 -12.29
CA PRO C 1500 -24.00 -51.61 -13.50
C PRO C 1500 -23.85 -53.12 -13.39
N GLY C 1501 -24.84 -53.86 -13.90
CA GLY C 1501 -24.83 -55.30 -13.80
C GLY C 1501 -23.84 -55.97 -14.73
N ASN C 1502 -23.38 -55.26 -15.76
CA ASN C 1502 -22.45 -55.85 -16.71
C ASN C 1502 -21.10 -56.13 -16.05
N LYS C 1503 -20.40 -57.14 -16.57
CA LYS C 1503 -19.12 -57.53 -15.99
C LYS C 1503 -18.06 -56.46 -16.22
N ILE C 1504 -17.81 -56.10 -17.47
CA ILE C 1504 -16.80 -55.09 -17.78
C ILE C 1504 -17.20 -53.74 -17.20
N GLN C 1505 -18.47 -53.37 -17.34
CA GLN C 1505 -18.95 -52.11 -16.77
C GLN C 1505 -18.78 -52.11 -15.25
N GLY C 1506 -19.09 -53.25 -14.60
CA GLY C 1506 -18.91 -53.34 -13.17
C GLY C 1506 -17.46 -53.19 -12.75
N CYS C 1507 -16.54 -53.82 -13.50
CA CYS C 1507 -15.12 -53.69 -13.18
C CYS C 1507 -14.66 -52.24 -13.32
N ILE C 1508 -15.08 -51.56 -14.39
CA ILE C 1508 -14.72 -50.16 -14.56
C ILE C 1508 -15.32 -49.32 -13.43
N PHE C 1509 -16.53 -49.71 -12.98
CA PHE C 1509 -17.15 -49.00 -11.87
C PHE C 1509 -16.32 -49.14 -10.59
N ASP C 1510 -15.86 -50.35 -10.30
CA ASP C 1510 -15.02 -50.52 -9.10
C ASP C 1510 -13.70 -49.79 -9.27
N LEU C 1511 -13.22 -49.67 -10.50
CA LEU C 1511 -11.95 -48.99 -10.76
C LEU C 1511 -12.08 -47.49 -10.51
N VAL C 1512 -13.16 -46.87 -11.01
CA VAL C 1512 -13.29 -45.41 -10.92
C VAL C 1512 -13.77 -45.00 -9.53
N THR C 1513 -14.51 -45.86 -8.85
CA THR C 1513 -15.04 -45.54 -7.52
C THR C 1513 -13.94 -45.49 -6.46
N ASN C 1514 -12.86 -46.24 -6.63
CA ASN C 1514 -11.80 -46.33 -5.64
C ASN C 1514 -11.13 -44.97 -5.45
N GLN C 1515 -10.66 -44.74 -4.21
CA GLN C 1515 -10.04 -43.47 -3.86
C GLN C 1515 -8.69 -43.28 -4.53
N ALA C 1516 -7.97 -44.37 -4.81
CA ALA C 1516 -6.69 -44.26 -5.49
C ALA C 1516 -6.85 -43.63 -6.86
N PHE C 1517 -7.98 -43.86 -7.51
CA PHE C 1517 -8.26 -43.22 -8.79
C PHE C 1517 -8.30 -41.70 -8.65
N ASP C 1518 -9.02 -41.22 -7.63
CA ASP C 1518 -9.11 -39.77 -7.40
C ASP C 1518 -7.75 -39.20 -7.02
N ILE C 1519 -6.97 -39.93 -6.22
CA ILE C 1519 -5.64 -39.46 -5.85
C ILE C 1519 -4.74 -39.37 -7.08
N SER C 1520 -4.82 -40.37 -7.96
CA SER C 1520 -4.02 -40.33 -9.19
C SER C 1520 -4.44 -39.17 -10.09
N ILE C 1521 -5.74 -38.89 -10.16
CA ILE C 1521 -6.20 -37.73 -10.93
C ILE C 1521 -5.64 -36.45 -10.33
N MET C 1522 -5.63 -36.36 -8.99
CA MET C 1522 -5.10 -35.16 -8.33
C MET C 1522 -3.61 -34.98 -8.63
N VAL C 1523 -2.83 -36.06 -8.57
CA VAL C 1523 -1.40 -35.92 -8.86
C VAL C 1523 -1.17 -35.62 -10.33
N LEU C 1524 -2.04 -36.11 -11.22
CA LEU C 1524 -1.94 -35.73 -12.63
C LEU C 1524 -2.20 -34.25 -12.82
N ILE C 1525 -3.18 -33.70 -12.10
CA ILE C 1525 -3.45 -32.26 -12.16
C ILE C 1525 -2.24 -31.48 -11.65
N CYS C 1526 -1.61 -31.97 -10.57
CA CYS C 1526 -0.42 -31.31 -10.05
C CYS C 1526 0.72 -31.33 -11.06
N LEU C 1527 0.90 -32.47 -11.75
CA LEU C 1527 1.93 -32.55 -12.78
C LEU C 1527 1.63 -31.60 -13.93
N ASN C 1528 0.35 -31.47 -14.30
CA ASN C 1528 -0.02 -30.50 -15.33
C ASN C 1528 0.29 -29.08 -14.89
N MET C 1529 0.04 -28.77 -13.61
CA MET C 1529 0.39 -27.46 -13.09
C MET C 1529 1.89 -27.21 -13.20
N VAL C 1530 2.70 -28.21 -12.87
CA VAL C 1530 4.15 -28.06 -12.99
C VAL C 1530 4.54 -27.85 -14.44
N THR C 1531 3.91 -28.59 -15.36
CA THR C 1531 4.21 -28.44 -16.78
C THR C 1531 3.92 -27.03 -17.26
N MET C 1532 2.79 -26.46 -16.83
CA MET C 1532 2.50 -25.07 -17.16
C MET C 1532 3.51 -24.13 -16.50
N MET C 1533 3.99 -24.48 -15.31
CA MET C 1533 4.98 -23.65 -14.63
C MET C 1533 6.31 -23.63 -15.39
N VAL C 1534 6.60 -24.68 -16.15
CA VAL C 1534 7.88 -24.74 -16.87
C VAL C 1534 7.97 -23.65 -17.94
N GLU C 1535 6.84 -23.25 -18.52
CA GLU C 1535 6.84 -22.31 -19.63
C GLU C 1535 7.39 -20.95 -19.21
N LYS C 1536 8.16 -20.32 -20.10
CA LYS C 1536 8.86 -19.07 -19.79
C LYS C 1536 8.99 -18.22 -21.05
N GLU C 1537 9.59 -17.05 -20.86
CA GLU C 1537 9.86 -16.13 -21.96
C GLU C 1537 11.04 -16.61 -22.79
N GLY C 1538 10.93 -16.41 -24.11
CA GLY C 1538 12.05 -16.65 -24.99
C GLY C 1538 12.42 -18.10 -25.18
N GLN C 1539 11.59 -19.03 -24.75
CA GLN C 1539 11.89 -20.45 -24.92
C GLN C 1539 11.84 -20.82 -26.40
N SER C 1540 12.61 -21.84 -26.75
CA SER C 1540 12.69 -22.27 -28.15
C SER C 1540 11.35 -22.85 -28.61
N GLN C 1541 11.17 -22.86 -29.93
CA GLN C 1541 9.95 -23.43 -30.50
C GLN C 1541 9.84 -24.91 -30.21
N HIS C 1542 10.97 -25.61 -30.15
CA HIS C 1542 10.96 -27.03 -29.82
C HIS C 1542 10.41 -27.26 -28.41
N MET C 1543 10.83 -26.44 -27.45
CA MET C 1543 10.32 -26.57 -26.10
C MET C 1543 8.83 -26.25 -26.04
N THR C 1544 8.39 -25.27 -26.83
CA THR C 1544 6.97 -24.96 -26.90
C THR C 1544 6.17 -26.15 -27.42
N GLU C 1545 6.69 -26.80 -28.46
CA GLU C 1545 6.00 -27.98 -29.01
C GLU C 1545 5.98 -29.11 -28.01
N VAL C 1546 7.09 -29.34 -27.30
CA VAL C 1546 7.11 -30.42 -26.31
C VAL C 1546 6.11 -30.15 -25.18
N LEU C 1547 6.08 -28.91 -24.68
CA LEU C 1547 5.13 -28.58 -23.63
C LEU C 1547 3.69 -28.72 -24.11
N TYR C 1548 3.41 -28.29 -25.35
CA TYR C 1548 2.06 -28.43 -25.89
C TYR C 1548 1.68 -29.90 -26.05
N TRP C 1549 2.62 -30.76 -26.46
CA TRP C 1549 2.31 -32.18 -26.59
C TRP C 1549 2.08 -32.83 -25.24
N ILE C 1550 2.85 -32.42 -24.22
CA ILE C 1550 2.60 -32.92 -22.86
C ILE C 1550 1.22 -32.49 -22.39
N ASN C 1551 0.84 -31.24 -22.68
CA ASN C 1551 -0.50 -30.79 -22.32
C ASN C 1551 -1.58 -31.58 -23.06
N VAL C 1552 -1.31 -31.92 -24.33
CA VAL C 1552 -2.25 -32.73 -25.09
C VAL C 1552 -2.40 -34.11 -24.46
N VAL C 1553 -1.29 -34.69 -24.00
CA VAL C 1553 -1.34 -35.99 -23.32
C VAL C 1553 -2.17 -35.87 -22.05
N PHE C 1554 -1.98 -34.79 -21.28
CA PHE C 1554 -2.78 -34.58 -20.08
C PHE C 1554 -4.27 -34.46 -20.42
N ILE C 1555 -4.58 -33.73 -21.49
CA ILE C 1555 -5.98 -33.57 -21.91
C ILE C 1555 -6.57 -34.92 -22.29
N ILE C 1556 -5.80 -35.74 -22.99
CA ILE C 1556 -6.27 -37.07 -23.37
C ILE C 1556 -6.53 -37.91 -22.13
N LEU C 1557 -5.64 -37.84 -21.14
CA LEU C 1557 -5.83 -38.61 -19.91
C LEU C 1557 -7.09 -38.15 -19.18
N PHE C 1558 -7.32 -36.84 -19.09
CA PHE C 1558 -8.51 -36.34 -18.42
C PHE C 1558 -9.78 -36.72 -19.18
N THR C 1559 -9.73 -36.69 -20.51
CA THR C 1559 -10.87 -37.11 -21.32
C THR C 1559 -11.15 -38.60 -21.12
N GLY C 1560 -10.10 -39.41 -21.02
CA GLY C 1560 -10.29 -40.83 -20.73
C GLY C 1560 -10.91 -41.05 -19.36
N GLU C 1561 -10.47 -40.27 -18.37
CA GLU C 1561 -11.10 -40.33 -17.05
C GLU C 1561 -12.59 -40.01 -17.13
N CYS C 1562 -12.92 -38.95 -17.88
CA CYS C 1562 -14.32 -38.56 -18.03
C CYS C 1562 -15.13 -39.66 -18.73
N VAL C 1563 -14.55 -40.28 -19.76
CA VAL C 1563 -15.25 -41.33 -20.49
C VAL C 1563 -15.46 -42.55 -19.59
N LEU C 1564 -14.45 -42.92 -18.81
CA LEU C 1564 -14.60 -44.04 -17.88
C LEU C 1564 -15.68 -43.76 -16.84
N LYS C 1565 -15.71 -42.54 -16.31
CA LYS C 1565 -16.75 -42.19 -15.34
C LYS C 1565 -18.13 -42.21 -15.99
N LEU C 1566 -18.24 -41.74 -17.23
CA LEU C 1566 -19.52 -41.77 -17.93
C LEU C 1566 -19.99 -43.20 -18.15
N ILE C 1567 -19.06 -44.09 -18.52
CA ILE C 1567 -19.42 -45.49 -18.74
C ILE C 1567 -19.86 -46.15 -17.43
N SER C 1568 -19.11 -45.89 -16.36
CA SER C 1568 -19.39 -46.55 -15.09
C SER C 1568 -20.68 -46.05 -14.46
N LEU C 1569 -20.87 -44.74 -14.38
CA LEU C 1569 -21.98 -44.15 -13.66
C LEU C 1569 -23.20 -43.92 -14.54
N ARG C 1570 -23.09 -44.13 -15.86
CA ARG C 1570 -24.21 -43.96 -16.78
C ARG C 1570 -24.81 -42.56 -16.67
N HIS C 1571 -26.10 -42.50 -16.37
CA HIS C 1571 -26.78 -41.22 -16.18
C HIS C 1571 -26.61 -40.64 -14.79
N TYR C 1572 -26.11 -41.44 -13.84
CA TYR C 1572 -25.83 -40.93 -12.50
C TYR C 1572 -24.61 -40.02 -12.47
N TYR C 1573 -23.81 -39.99 -13.55
CA TYR C 1573 -22.67 -39.09 -13.60
C TYR C 1573 -23.11 -37.63 -13.55
N PHE C 1574 -24.24 -37.32 -14.20
CA PHE C 1574 -24.72 -35.95 -14.27
C PHE C 1574 -25.52 -35.55 -13.04
N THR C 1575 -25.56 -36.39 -12.00
CA THR C 1575 -26.27 -36.08 -10.77
C THR C 1575 -25.36 -35.44 -9.73
N VAL C 1576 -24.09 -35.21 -10.06
CA VAL C 1576 -23.13 -34.58 -9.16
C VAL C 1576 -22.62 -33.31 -9.82
N GLY C 1577 -22.66 -32.20 -9.08
CA GLY C 1577 -22.23 -30.94 -9.64
C GLY C 1577 -20.76 -30.92 -10.02
N TRP C 1578 -19.93 -31.59 -9.22
CA TRP C 1578 -18.50 -31.62 -9.52
C TRP C 1578 -18.23 -32.39 -10.81
N ASN C 1579 -18.98 -33.46 -11.05
CA ASN C 1579 -18.84 -34.18 -12.31
C ASN C 1579 -19.29 -33.33 -13.49
N ILE C 1580 -20.32 -32.50 -13.30
CA ILE C 1580 -20.73 -31.57 -14.34
C ILE C 1580 -19.62 -30.58 -14.64
N PHE C 1581 -18.99 -30.06 -13.59
CA PHE C 1581 -17.86 -29.14 -13.77
C PHE C 1581 -16.73 -29.81 -14.52
N ASP C 1582 -16.42 -31.06 -14.17
CA ASP C 1582 -15.36 -31.79 -14.86
C ASP C 1582 -15.69 -32.01 -16.34
N PHE C 1583 -16.95 -32.36 -16.62
CA PHE C 1583 -17.38 -32.57 -18.00
C PHE C 1583 -17.26 -31.29 -18.82
N VAL C 1584 -17.70 -30.16 -18.25
CA VAL C 1584 -17.54 -28.88 -18.93
C VAL C 1584 -16.07 -28.57 -19.13
N VAL C 1585 -15.24 -28.88 -18.12
CA VAL C 1585 -13.82 -28.58 -18.19
C VAL C 1585 -13.16 -29.35 -19.33
N VAL C 1586 -13.47 -30.64 -19.46
CA VAL C 1586 -12.83 -31.43 -20.52
C VAL C 1586 -13.33 -30.98 -21.89
N ILE C 1587 -14.62 -30.62 -21.99
CA ILE C 1587 -15.13 -30.13 -23.27
C ILE C 1587 -14.42 -28.85 -23.68
N ILE C 1588 -14.35 -27.87 -22.77
CA ILE C 1588 -13.71 -26.61 -23.11
C ILE C 1588 -12.22 -26.79 -23.33
N SER C 1589 -11.61 -27.77 -22.65
CA SER C 1589 -10.20 -28.05 -22.88
C SER C 1589 -9.96 -28.50 -24.31
N ILE C 1590 -10.73 -29.50 -24.77
CA ILE C 1590 -10.54 -30.00 -26.13
C ILE C 1590 -10.83 -28.91 -27.15
N VAL C 1591 -11.98 -28.23 -26.99
CA VAL C 1591 -12.37 -27.21 -27.96
C VAL C 1591 -11.36 -26.07 -27.98
N GLY C 1592 -10.90 -25.64 -26.81
CA GLY C 1592 -9.95 -24.54 -26.75
C GLY C 1592 -8.60 -24.91 -27.32
N MET C 1593 -8.15 -26.15 -27.09
CA MET C 1593 -6.87 -26.56 -27.66
C MET C 1593 -6.94 -26.58 -29.19
N PHE C 1594 -8.04 -27.08 -29.75
CA PHE C 1594 -8.14 -27.11 -31.21
C PHE C 1594 -8.29 -25.69 -31.77
N LEU C 1595 -9.07 -24.84 -31.10
CA LEU C 1595 -9.23 -23.46 -31.56
C LEU C 1595 -7.91 -22.71 -31.49
N ALA C 1596 -7.14 -22.91 -30.41
CA ALA C 1596 -5.85 -22.25 -30.28
C ALA C 1596 -4.89 -22.72 -31.36
N ASP C 1597 -4.90 -24.02 -31.68
CA ASP C 1597 -4.08 -24.51 -32.78
C ASP C 1597 -4.47 -23.82 -34.09
N LEU C 1598 -5.77 -23.75 -34.38
CA LEU C 1598 -6.22 -23.12 -35.62
C LEU C 1598 -5.79 -21.67 -35.67
N ILE C 1599 -5.96 -20.93 -34.57
CA ILE C 1599 -5.57 -19.52 -34.55
C ILE C 1599 -4.08 -19.36 -34.75
N GLU C 1600 -3.26 -20.19 -34.08
CA GLU C 1600 -1.82 -19.98 -34.13
C GLU C 1600 -1.23 -20.36 -35.48
N THR C 1601 -1.82 -21.33 -36.18
CA THR C 1601 -1.26 -21.71 -37.48
C THR C 1601 -1.90 -21.01 -38.67
N TYR C 1602 -3.23 -20.98 -38.77
CA TYR C 1602 -3.88 -20.41 -39.94
C TYR C 1602 -4.21 -18.93 -39.79
N PHE C 1603 -4.17 -18.38 -38.58
CA PHE C 1603 -4.51 -16.98 -38.37
C PHE C 1603 -3.30 -16.25 -37.80
N VAL C 1604 -3.44 -14.93 -37.71
CA VAL C 1604 -2.46 -14.08 -37.05
C VAL C 1604 -3.23 -13.26 -36.02
N SER C 1605 -3.32 -13.77 -34.80
CA SER C 1605 -4.05 -13.11 -33.73
C SER C 1605 -3.44 -13.53 -32.40
N PRO C 1606 -2.30 -12.95 -32.01
CA PRO C 1606 -1.70 -13.31 -30.72
C PRO C 1606 -2.62 -13.03 -29.54
N THR C 1607 -3.37 -11.93 -29.58
CA THR C 1607 -4.29 -11.62 -28.48
C THR C 1607 -5.39 -12.67 -28.38
N LEU C 1608 -5.96 -13.06 -29.51
CA LEU C 1608 -7.00 -14.08 -29.51
C LEU C 1608 -6.42 -15.42 -29.06
N PHE C 1609 -5.19 -15.72 -29.47
CA PHE C 1609 -4.54 -16.95 -29.05
C PHE C 1609 -4.35 -17.00 -27.54
N ARG C 1610 -3.92 -15.87 -26.96
CA ARG C 1610 -3.67 -15.83 -25.52
C ARG C 1610 -4.98 -15.84 -24.73
N VAL C 1611 -6.03 -15.25 -25.30
CA VAL C 1611 -7.32 -15.22 -24.61
C VAL C 1611 -7.99 -16.59 -24.65
N ILE C 1612 -7.97 -17.24 -25.82
CA ILE C 1612 -8.54 -18.59 -25.94
C ILE C 1612 -7.76 -19.60 -25.10
N ARG C 1613 -6.46 -19.40 -24.94
CA ARG C 1613 -5.64 -20.32 -24.16
C ARG C 1613 -5.99 -20.32 -22.68
N LEU C 1614 -6.80 -19.37 -22.22
CA LEU C 1614 -7.26 -19.34 -20.84
C LEU C 1614 -8.09 -20.56 -20.47
N ALA C 1615 -8.62 -21.30 -21.45
CA ALA C 1615 -9.40 -22.49 -21.14
C ALA C 1615 -8.55 -23.59 -20.53
N ARG C 1616 -7.24 -23.47 -20.62
CA ARG C 1616 -6.34 -24.42 -19.97
C ARG C 1616 -6.35 -24.27 -18.46
N ILE C 1617 -6.84 -23.15 -17.94
CA ILE C 1617 -6.91 -22.95 -16.50
C ILE C 1617 -7.95 -23.86 -15.87
N GLY C 1618 -8.97 -24.25 -16.62
CA GLY C 1618 -10.04 -25.07 -16.06
C GLY C 1618 -9.54 -26.41 -15.56
N ARG C 1619 -8.52 -26.98 -16.21
CA ARG C 1619 -7.97 -28.26 -15.77
C ARG C 1619 -7.41 -28.16 -14.36
N ILE C 1620 -6.69 -27.08 -14.06
CA ILE C 1620 -5.99 -26.98 -12.78
C ILE C 1620 -6.92 -26.51 -11.68
N LEU C 1621 -8.08 -25.94 -12.03
CA LEU C 1621 -9.04 -25.53 -11.03
C LEU C 1621 -9.69 -26.72 -10.33
N ARG C 1622 -9.52 -27.93 -10.84
CA ARG C 1622 -10.10 -29.12 -10.25
C ARG C 1622 -9.32 -29.60 -9.02
N LEU C 1623 -8.18 -28.99 -8.72
CA LEU C 1623 -7.44 -29.35 -7.51
C LEU C 1623 -8.21 -29.03 -6.24
N VAL C 1624 -9.15 -28.10 -6.29
CA VAL C 1624 -9.90 -27.73 -5.09
C VAL C 1624 -10.92 -28.80 -4.74
N LYS C 1625 -11.13 -29.76 -5.65
CA LYS C 1625 -12.06 -30.85 -5.38
C LYS C 1625 -11.59 -31.72 -4.22
N GLY C 1626 -10.28 -32.02 -4.18
CA GLY C 1626 -9.77 -32.89 -3.14
C GLY C 1626 -9.47 -32.15 -1.84
N ALA C 1627 -9.12 -30.86 -1.94
CA ALA C 1627 -8.76 -30.06 -0.77
C ALA C 1627 -10.05 -29.64 -0.07
N LYS C 1628 -10.28 -30.19 1.12
CA LYS C 1628 -11.53 -29.92 1.83
C LYS C 1628 -11.56 -28.54 2.45
N GLY C 1629 -10.45 -28.11 3.06
CA GLY C 1629 -10.45 -26.81 3.73
C GLY C 1629 -10.60 -25.65 2.78
N ILE C 1630 -9.86 -25.68 1.66
CA ILE C 1630 -9.99 -24.62 0.68
C ILE C 1630 -11.36 -24.69 0.00
N ARG C 1631 -11.94 -25.89 -0.10
CA ARG C 1631 -13.31 -25.99 -0.59
C ARG C 1631 -14.29 -25.30 0.34
N THR C 1632 -14.10 -25.46 1.65
CA THR C 1632 -14.94 -24.76 2.61
C THR C 1632 -14.75 -23.25 2.50
N LEU C 1633 -13.51 -22.80 2.34
CA LEU C 1633 -13.24 -21.37 2.19
C LEU C 1633 -13.91 -20.81 0.94
N LEU C 1634 -13.86 -21.54 -0.18
CA LEU C 1634 -14.51 -21.08 -1.40
C LEU C 1634 -16.04 -21.11 -1.25
N PHE C 1635 -16.57 -22.07 -0.49
CA PHE C 1635 -17.99 -22.07 -0.18
C PHE C 1635 -18.36 -20.81 0.59
N ALA C 1636 -17.53 -20.42 1.57
CA ALA C 1636 -17.77 -19.19 2.31
C ALA C 1636 -17.72 -17.97 1.39
N LEU C 1637 -16.78 -17.97 0.44
CA LEU C 1637 -16.71 -16.87 -0.52
C LEU C 1637 -17.99 -16.76 -1.34
N MET C 1638 -18.43 -17.89 -1.91
CA MET C 1638 -19.65 -17.85 -2.73
C MET C 1638 -20.86 -17.49 -1.88
N MET C 1639 -20.84 -17.84 -0.59
CA MET C 1639 -21.84 -17.33 0.33
C MET C 1639 -21.78 -15.81 0.45
N SER C 1640 -20.57 -15.26 0.55
CA SER C 1640 -20.39 -13.82 0.68
C SER C 1640 -20.76 -13.05 -0.58
N LEU C 1641 -20.83 -13.72 -1.73
CA LEU C 1641 -20.99 -13.05 -3.02
C LEU C 1641 -22.18 -12.09 -3.11
N PRO C 1642 -23.40 -12.44 -2.67
CA PRO C 1642 -24.53 -11.51 -2.89
C PRO C 1642 -24.37 -10.16 -2.19
N ALA C 1643 -24.03 -10.16 -0.90
CA ALA C 1643 -23.79 -8.90 -0.20
C ALA C 1643 -22.64 -8.14 -0.85
N LEU C 1644 -21.60 -8.87 -1.24
CA LEU C 1644 -20.51 -8.24 -2.00
C LEU C 1644 -21.02 -7.65 -3.30
N PHE C 1645 -22.00 -8.30 -3.92
CA PHE C 1645 -22.60 -7.76 -5.15
C PHE C 1645 -23.31 -6.43 -4.88
N ASN C 1646 -24.07 -6.37 -3.79
CA ASN C 1646 -24.76 -5.11 -3.47
C ASN C 1646 -23.78 -3.99 -3.18
N ILE C 1647 -22.75 -4.29 -2.37
CA ILE C 1647 -21.76 -3.27 -2.04
C ILE C 1647 -20.98 -2.87 -3.28
N GLY C 1648 -20.69 -3.81 -4.18
CA GLY C 1648 -20.03 -3.47 -5.42
C GLY C 1648 -20.89 -2.60 -6.33
N LEU C 1649 -22.20 -2.84 -6.34
CA LEU C 1649 -23.10 -1.95 -7.08
C LEU C 1649 -23.06 -0.53 -6.52
N LEU C 1650 -23.11 -0.39 -5.19
CA LEU C 1650 -23.01 0.95 -4.60
C LEU C 1650 -21.68 1.61 -4.94
N LEU C 1651 -20.59 0.84 -4.84
CA LEU C 1651 -19.27 1.38 -5.16
C LEU C 1651 -19.18 1.78 -6.63
N PHE C 1652 -19.77 0.99 -7.53
CA PHE C 1652 -19.76 1.34 -8.95
C PHE C 1652 -20.55 2.61 -9.21
N LEU C 1653 -21.69 2.79 -8.54
CA LEU C 1653 -22.44 4.03 -8.71
C LEU C 1653 -21.65 5.24 -8.23
N VAL C 1654 -21.01 5.11 -7.06
CA VAL C 1654 -20.19 6.21 -6.55
C VAL C 1654 -19.03 6.49 -7.50
N MET C 1655 -18.41 5.44 -8.03
CA MET C 1655 -17.32 5.60 -8.99
C MET C 1655 -17.80 6.31 -10.25
N PHE C 1656 -19.00 5.96 -10.73
CA PHE C 1656 -19.55 6.61 -11.91
C PHE C 1656 -19.76 8.09 -11.67
N ILE C 1657 -20.34 8.45 -10.52
CA ILE C 1657 -20.56 9.87 -10.21
C ILE C 1657 -19.24 10.61 -10.14
N TYR C 1658 -18.26 10.04 -9.42
CA TYR C 1658 -16.96 10.70 -9.30
C TYR C 1658 -16.25 10.78 -10.64
N ALA C 1659 -16.49 9.81 -11.53
CA ALA C 1659 -15.87 9.84 -12.86
C ALA C 1659 -16.45 10.97 -13.70
N ILE C 1660 -17.78 11.12 -13.66
CA ILE C 1660 -18.39 12.24 -14.40
C ILE C 1660 -17.86 13.56 -13.87
N PHE C 1661 -17.77 13.70 -12.55
CA PHE C 1661 -17.22 14.92 -11.97
C PHE C 1661 -15.76 15.13 -12.36
N GLY C 1662 -14.99 14.04 -12.45
CA GLY C 1662 -13.59 14.14 -12.84
C GLY C 1662 -13.42 14.61 -14.26
N MET C 1663 -14.20 14.06 -15.19
CA MET C 1663 -14.14 14.58 -16.56
C MET C 1663 -14.64 16.02 -16.64
N SER C 1664 -15.58 16.39 -15.77
CA SER C 1664 -16.05 17.77 -15.75
C SER C 1664 -14.97 18.74 -15.27
N ASN C 1665 -14.19 18.35 -14.27
CA ASN C 1665 -13.29 19.28 -13.58
C ASN C 1665 -11.83 19.16 -13.99
N PHE C 1666 -11.25 17.97 -13.98
CA PHE C 1666 -9.81 17.79 -14.12
C PHE C 1666 -9.41 17.25 -15.49
N ALA C 1667 -10.20 17.56 -16.53
CA ALA C 1667 -9.88 17.04 -17.85
C ALA C 1667 -8.77 17.82 -18.53
N TYR C 1668 -8.44 19.02 -18.05
CA TYR C 1668 -7.46 19.88 -18.70
C TYR C 1668 -6.29 20.26 -17.81
N VAL C 1669 -6.12 19.58 -16.66
CA VAL C 1669 -4.98 19.89 -15.80
C VAL C 1669 -3.68 19.43 -16.46
N LYS C 1670 -2.57 19.98 -15.97
CA LYS C 1670 -1.27 19.63 -16.51
C LYS C 1670 -0.97 18.16 -16.27
N LYS C 1671 -0.28 17.55 -17.24
CA LYS C 1671 0.07 16.12 -17.17
C LYS C 1671 1.43 15.95 -16.51
N GLU C 1672 1.41 16.03 -15.18
CA GLU C 1672 2.58 15.80 -14.35
C GLU C 1672 2.21 14.89 -13.19
N ASP C 1673 3.22 14.35 -12.53
CA ASP C 1673 3.07 13.44 -11.39
C ASP C 1673 2.24 12.24 -11.88
N GLY C 1674 1.12 11.91 -11.22
CA GLY C 1674 0.40 10.69 -11.57
C GLY C 1674 -0.49 10.84 -12.79
N ILE C 1675 -0.63 12.05 -13.32
CA ILE C 1675 -1.47 12.27 -14.50
C ILE C 1675 -0.58 12.34 -15.73
N ASN C 1676 -0.91 11.54 -16.74
CA ASN C 1676 -0.11 11.46 -17.95
C ASN C 1676 -1.04 11.18 -19.13
N ASP C 1677 -0.44 10.77 -20.25
CA ASP C 1677 -1.20 10.62 -21.49
C ASP C 1677 -2.19 9.45 -21.43
N MET C 1678 -1.97 8.50 -20.53
CA MET C 1678 -2.80 7.32 -20.44
C MET C 1678 -3.72 7.29 -19.22
N PHE C 1679 -3.33 7.93 -18.13
CA PHE C 1679 -4.05 7.84 -16.86
C PHE C 1679 -4.41 9.26 -16.43
N ASN C 1680 -5.59 9.70 -16.84
CA ASN C 1680 -6.04 11.08 -16.63
C ASN C 1680 -7.56 11.06 -16.51
N PHE C 1681 -8.18 12.24 -16.62
CA PHE C 1681 -9.63 12.37 -16.56
C PHE C 1681 -10.22 12.86 -17.87
N GLU C 1682 -9.54 12.61 -18.99
CA GLU C 1682 -10.00 13.14 -20.27
C GLU C 1682 -11.23 12.40 -20.77
N THR C 1683 -11.30 11.09 -20.57
CA THR C 1683 -12.42 10.28 -21.00
C THR C 1683 -13.01 9.53 -19.82
N PHE C 1684 -14.19 8.94 -20.06
CA PHE C 1684 -14.84 8.14 -19.03
C PHE C 1684 -14.00 6.90 -18.68
N GLY C 1685 -13.45 6.24 -19.70
CA GLY C 1685 -12.62 5.08 -19.43
C GLY C 1685 -11.38 5.42 -18.62
N ASN C 1686 -10.71 6.51 -18.97
CA ASN C 1686 -9.54 6.94 -18.21
C ASN C 1686 -9.91 7.30 -16.78
N SER C 1687 -11.05 7.96 -16.60
CA SER C 1687 -11.49 8.32 -15.26
C SER C 1687 -11.77 7.08 -14.43
N MET C 1688 -12.40 6.06 -15.03
CA MET C 1688 -12.63 4.81 -14.31
C MET C 1688 -11.32 4.11 -13.99
N ILE C 1689 -10.36 4.14 -14.91
CA ILE C 1689 -9.03 3.59 -14.64
C ILE C 1689 -8.42 4.27 -13.42
N CYS C 1690 -8.51 5.59 -13.36
CA CYS C 1690 -7.92 6.34 -12.25
C CYS C 1690 -8.65 6.07 -10.95
N LEU C 1691 -9.98 5.99 -10.99
CA LEU C 1691 -10.74 5.86 -9.75
C LEU C 1691 -10.66 4.46 -9.17
N PHE C 1692 -10.59 3.43 -10.02
CA PHE C 1692 -10.40 2.08 -9.50
C PHE C 1692 -9.07 1.95 -8.79
N GLN C 1693 -8.04 2.61 -9.32
CA GLN C 1693 -6.72 2.59 -8.68
C GLN C 1693 -6.76 3.18 -7.29
N ILE C 1694 -7.44 4.33 -7.12
CA ILE C 1694 -7.47 5.02 -5.83
C ILE C 1694 -8.59 4.51 -4.93
N THR C 1695 -9.38 3.53 -5.37
CA THR C 1695 -10.31 2.86 -4.47
C THR C 1695 -9.55 2.12 -3.38
N THR C 1696 -8.36 1.60 -3.72
CA THR C 1696 -7.43 1.04 -2.75
C THR C 1696 -6.52 2.10 -2.16
N SER C 1697 -6.73 3.38 -2.51
CA SER C 1697 -5.97 4.54 -2.10
C SER C 1697 -4.59 4.60 -2.72
N ALA C 1698 -4.28 3.76 -3.70
CA ALA C 1698 -2.95 3.72 -4.28
C ALA C 1698 -2.74 4.90 -5.23
N GLY C 1699 -1.78 5.75 -4.88
CA GLY C 1699 -1.38 6.83 -5.78
C GLY C 1699 -2.34 7.99 -5.85
N TRP C 1700 -3.18 8.17 -4.83
CA TRP C 1700 -4.10 9.31 -4.85
C TRP C 1700 -3.36 10.64 -4.68
N ASP C 1701 -2.20 10.61 -4.03
CA ASP C 1701 -1.39 11.81 -3.92
C ASP C 1701 -0.88 12.27 -5.28
N GLY C 1702 -0.49 11.33 -6.14
CA GLY C 1702 0.00 11.70 -7.45
C GLY C 1702 -1.09 12.29 -8.33
N LEU C 1703 -2.33 11.86 -8.13
CA LEU C 1703 -3.44 12.46 -8.84
C LEU C 1703 -3.83 13.81 -8.25
N LEU C 1704 -3.68 13.96 -6.93
CA LEU C 1704 -4.01 15.24 -6.28
C LEU C 1704 -3.00 16.32 -6.65
N ALA C 1705 -1.73 15.95 -6.81
CA ALA C 1705 -0.66 16.93 -7.00
C ALA C 1705 -0.88 17.89 -8.16
N PRO C 1706 -1.25 17.45 -9.38
CA PRO C 1706 -1.44 18.44 -10.45
C PRO C 1706 -2.61 19.37 -10.23
N ILE C 1707 -3.62 18.94 -9.46
CA ILE C 1707 -4.80 19.77 -9.26
C ILE C 1707 -4.53 20.83 -8.22
N LEU C 1708 -3.46 20.67 -7.44
CA LEU C 1708 -3.08 21.69 -6.47
C LEU C 1708 -2.47 22.90 -7.16
N ASN C 1709 -2.15 22.79 -8.45
CA ASN C 1709 -1.63 23.92 -9.20
C ASN C 1709 -2.75 24.92 -9.48
N SER C 1710 -2.56 26.17 -9.06
CA SER C 1710 -3.60 27.17 -9.24
C SER C 1710 -3.05 28.49 -9.79
N LYS C 1711 -1.75 28.72 -9.62
CA LYS C 1711 -1.15 29.99 -10.02
C LYS C 1711 0.16 29.73 -10.76
N PRO C 1712 0.58 30.67 -11.59
CA PRO C 1712 1.89 30.54 -12.26
C PRO C 1712 3.02 30.60 -11.23
N PRO C 1713 4.16 29.98 -11.52
CA PRO C 1713 4.50 29.22 -12.73
C PRO C 1713 4.10 27.75 -12.64
N ASP C 1714 3.31 27.39 -11.63
CA ASP C 1714 2.85 26.01 -11.51
C ASP C 1714 1.95 25.62 -12.66
N CYS C 1715 1.08 26.54 -13.10
CA CYS C 1715 0.17 26.28 -14.21
C CYS C 1715 0.08 27.54 -15.06
N ASP C 1716 -0.64 27.43 -16.17
CA ASP C 1716 -0.87 28.55 -17.08
C ASP C 1716 -2.36 28.81 -17.20
N PRO C 1717 -2.88 29.89 -16.60
CA PRO C 1717 -4.33 30.14 -16.67
C PRO C 1717 -4.83 30.46 -18.06
N LYS C 1718 -3.95 30.83 -18.99
CA LYS C 1718 -4.33 31.16 -20.36
C LYS C 1718 -3.82 30.10 -21.35
N LYS C 1719 -3.84 28.84 -20.92
CA LYS C 1719 -3.38 27.76 -21.78
C LYS C 1719 -4.41 27.50 -22.87
N VAL C 1720 -3.95 27.45 -24.12
CA VAL C 1720 -4.84 27.21 -25.26
C VAL C 1720 -4.81 25.73 -25.61
N HIS C 1721 -5.98 25.10 -25.65
CA HIS C 1721 -6.09 23.69 -25.99
C HIS C 1721 -6.66 23.56 -27.40
N PRO C 1722 -5.90 23.05 -28.36
CA PRO C 1722 -6.44 22.87 -29.72
C PRO C 1722 -7.66 21.98 -29.72
N GLY C 1723 -8.66 22.34 -30.52
CA GLY C 1723 -9.88 21.59 -30.63
C GLY C 1723 -10.93 21.90 -29.58
N SER C 1724 -10.69 22.86 -28.70
CA SER C 1724 -11.66 23.22 -27.68
C SER C 1724 -11.50 24.69 -27.33
N SER C 1725 -12.56 25.26 -26.75
CA SER C 1725 -12.56 26.63 -26.30
C SER C 1725 -12.18 26.78 -24.83
N VAL C 1726 -11.89 25.68 -24.14
CA VAL C 1726 -11.46 25.73 -22.75
C VAL C 1726 -10.08 26.36 -22.69
N GLU C 1727 -9.88 27.26 -21.74
CA GLU C 1727 -8.61 27.96 -21.56
C GLU C 1727 -8.06 27.65 -20.17
N GLY C 1728 -6.78 27.32 -20.10
CA GLY C 1728 -6.11 27.11 -18.83
C GLY C 1728 -5.87 25.66 -18.49
N ASP C 1729 -4.70 25.36 -17.94
CA ASP C 1729 -4.37 24.03 -17.44
C ASP C 1729 -4.30 24.00 -15.91
N CYS C 1730 -4.93 24.95 -15.24
CA CYS C 1730 -4.86 25.06 -13.79
C CYS C 1730 -5.95 24.21 -13.14
N GLY C 1731 -5.63 23.68 -11.96
CA GLY C 1731 -6.62 22.96 -11.18
C GLY C 1731 -7.20 23.81 -10.08
N ASN C 1732 -8.29 23.35 -9.46
CA ASN C 1732 -8.88 24.05 -8.34
C ASN C 1732 -8.50 23.33 -7.06
N PRO C 1733 -7.62 23.89 -6.23
CA PRO C 1733 -7.16 23.14 -5.04
C PRO C 1733 -8.27 22.73 -4.10
N SER C 1734 -9.26 23.59 -3.86
CA SER C 1734 -10.33 23.27 -2.93
C SER C 1734 -11.18 22.12 -3.46
N VAL C 1735 -11.62 22.23 -4.72
CA VAL C 1735 -12.46 21.19 -5.30
C VAL C 1735 -11.70 19.88 -5.38
N GLY C 1736 -10.43 19.93 -5.78
CA GLY C 1736 -9.64 18.71 -5.88
C GLY C 1736 -9.42 18.05 -4.54
N ILE C 1737 -9.10 18.84 -3.52
CA ILE C 1737 -8.89 18.28 -2.19
C ILE C 1737 -10.18 17.64 -1.68
N PHE C 1738 -11.30 18.34 -1.83
CA PHE C 1738 -12.58 17.80 -1.38
C PHE C 1738 -12.89 16.50 -2.13
N TYR C 1739 -12.73 16.50 -3.45
CA TYR C 1739 -12.89 15.34 -4.31
C TYR C 1739 -12.13 14.14 -3.76
N PHE C 1740 -10.81 14.28 -3.65
CA PHE C 1740 -9.99 13.12 -3.32
C PHE C 1740 -10.19 12.66 -1.87
N VAL C 1741 -10.30 13.61 -0.94
CA VAL C 1741 -10.48 13.23 0.46
C VAL C 1741 -11.82 12.52 0.65
N SER C 1742 -12.89 13.09 0.08
CA SER C 1742 -14.20 12.48 0.19
C SER C 1742 -14.22 11.11 -0.47
N TYR C 1743 -13.58 10.98 -1.64
CA TYR C 1743 -13.57 9.70 -2.32
C TYR C 1743 -12.83 8.63 -1.52
N ILE C 1744 -11.67 8.98 -0.95
CA ILE C 1744 -10.92 7.98 -0.21
C ILE C 1744 -11.66 7.62 1.08
N ILE C 1745 -12.36 8.58 1.70
CA ILE C 1745 -13.11 8.27 2.92
C ILE C 1745 -14.29 7.35 2.60
N ILE C 1746 -15.02 7.66 1.53
CA ILE C 1746 -16.16 6.83 1.15
C ILE C 1746 -15.70 5.44 0.73
N SER C 1747 -14.57 5.36 0.03
CA SER C 1747 -14.02 4.06 -0.34
C SER C 1747 -13.61 3.28 0.90
N PHE C 1748 -13.04 3.97 1.89
CA PHE C 1748 -12.69 3.30 3.14
C PHE C 1748 -13.92 2.72 3.81
N LEU C 1749 -15.00 3.49 3.87
CA LEU C 1749 -16.21 3.02 4.52
C LEU C 1749 -16.81 1.82 3.79
N VAL C 1750 -16.91 1.91 2.46
CA VAL C 1750 -17.49 0.82 1.66
C VAL C 1750 -16.62 -0.43 1.76
N VAL C 1751 -15.30 -0.28 1.70
CA VAL C 1751 -14.39 -1.41 1.82
C VAL C 1751 -14.48 -2.04 3.20
N VAL C 1752 -14.64 -1.22 4.25
CA VAL C 1752 -14.85 -1.77 5.58
C VAL C 1752 -16.14 -2.59 5.62
N ASN C 1753 -17.17 -2.12 4.92
CA ASN C 1753 -18.39 -2.92 4.82
C ASN C 1753 -18.12 -4.27 4.17
N MET C 1754 -17.32 -4.29 3.10
CA MET C 1754 -17.00 -5.56 2.44
C MET C 1754 -16.23 -6.49 3.37
N TYR C 1755 -15.21 -5.97 4.06
CA TYR C 1755 -14.51 -6.72 5.10
C TYR C 1755 -15.49 -7.33 6.09
N ILE C 1756 -16.40 -6.53 6.63
CA ILE C 1756 -17.27 -7.01 7.69
C ILE C 1756 -18.22 -8.09 7.17
N ALA C 1757 -18.76 -7.88 5.97
CA ALA C 1757 -19.65 -8.87 5.38
C ALA C 1757 -18.94 -10.22 5.20
N VAL C 1758 -17.74 -10.18 4.58
CA VAL C 1758 -17.02 -11.42 4.35
C VAL C 1758 -16.67 -12.09 5.67
N ILE C 1759 -16.30 -11.29 6.68
CA ILE C 1759 -15.99 -11.84 7.99
C ILE C 1759 -17.19 -12.55 8.57
N LEU C 1760 -18.38 -11.94 8.44
CA LEU C 1760 -19.58 -12.55 8.99
C LEU C 1760 -19.87 -13.89 8.33
N GLU C 1761 -19.78 -13.95 6.99
CA GLU C 1761 -20.02 -15.23 6.33
C GLU C 1761 -18.97 -16.27 6.73
N ASN C 1762 -17.71 -15.84 6.87
CA ASN C 1762 -16.67 -16.80 7.24
C ASN C 1762 -16.89 -17.33 8.65
N PHE C 1763 -17.24 -16.45 9.60
CA PHE C 1763 -17.49 -16.87 10.97
C PHE C 1763 -18.69 -17.79 11.06
N SER C 1764 -19.75 -17.50 10.29
CA SER C 1764 -20.91 -18.40 10.27
C SER C 1764 -20.54 -19.77 9.71
N VAL C 1765 -19.72 -19.80 8.66
CA VAL C 1765 -19.36 -21.08 8.03
C VAL C 1765 -18.49 -21.93 8.94
N ALA C 1766 -17.48 -21.32 9.57
CA ALA C 1766 -16.50 -22.07 10.34
C ALA C 1766 -17.05 -22.62 11.65
N THR C 1767 -18.13 -22.05 12.17
CA THR C 1767 -18.71 -22.47 13.44
C THR C 1767 -20.12 -23.03 13.28
N GLU C 1768 -20.37 -23.73 12.17
CA GLU C 1768 -21.68 -24.32 11.93
C GLU C 1768 -21.56 -25.60 11.10
#